data_5NS7
#
_entry.id   5NS7
#
_cell.length_a   137.920
_cell.length_b   137.920
_cell.length_c   98.040
_cell.angle_alpha   90.000
_cell.angle_beta   90.000
_cell.angle_gamma   90.000
#
_symmetry.space_group_name_H-M   'P 43'
#
loop_
_entity.id
_entity.type
_entity.pdbx_description
1 polymer 'beta-glucosidase M - G1'
2 non-polymer 'SULFATE ION'
3 non-polymer GLYCEROL
4 water water
#
_entity_poly.entity_id   1
_entity_poly.type   'polypeptide(L)'
_entity_poly.pdbx_seq_one_letter_code
;MHHHHHHENLYFQGHMKKWGDMFTWGVSTSSYQIEGAANQGGRGPSIWDTFSKIPGAVANGDNGDVACDHYHRYNEDLDL
MKWLGVGAYRFSIAWPRVIPSGYGALNKEGMDFYDRLIDGALERGITPWPTLYHWDLPQSLQDKGGWNNRDCAYWFAEYS
QKMAEAFSDRLKNWITINEPFCSAWLGHLYGVMAPGIKDLKTGINASHHLLLGHGLATKAIREVSSELKVGITLNFTPAI
TLGESSEDKLAVELADGFDNRWFGDPVFKAKYPEDIVKAFGKEVPIHPGDMEIISTPLDYLGLNYYFRQTVEYDATAKPL
PYKQVTAPNVERTGMGWEVHAQSFTELLERVSKEYKPKEIFITENGSAWDDEVVDGKVDDPNRVSYLERHLDAMFAAKNK
GVPISGYFAWSLIDNFEWAYGYAKRFGIIYVDYQTQKRIPKSSAYYYQKRIKES
;
_entity_poly.pdbx_strand_id   A,B,C
#
loop_
_chem_comp.id
_chem_comp.type
_chem_comp.name
_chem_comp.formula
GOL non-polymer GLYCEROL 'C3 H8 O3'
SO4 non-polymer 'SULFATE ION' 'O4 S -2'
#
# COMPACT_ATOMS: atom_id res chain seq x y z
N HIS A 15 1.50 -14.19 16.85
CA HIS A 15 0.55 -14.25 15.70
C HIS A 15 0.41 -12.88 15.04
N MET A 16 1.30 -11.97 15.42
CA MET A 16 1.35 -10.66 14.80
C MET A 16 1.86 -10.78 13.36
N LYS A 17 1.73 -9.69 12.60
CA LYS A 17 2.29 -9.63 11.26
C LYS A 17 3.77 -9.98 11.27
N LYS A 18 4.18 -10.76 10.28
CA LYS A 18 5.60 -10.93 10.02
C LYS A 18 5.84 -10.52 8.57
N TRP A 19 7.12 -10.30 8.26
CA TRP A 19 7.48 -9.91 6.90
C TRP A 19 7.05 -10.99 5.93
N GLY A 20 6.47 -10.55 4.80
CA GLY A 20 6.05 -11.46 3.77
C GLY A 20 4.59 -11.87 3.84
N ASP A 21 3.93 -11.69 4.99
CA ASP A 21 2.51 -12.02 5.11
C ASP A 21 1.70 -11.13 4.17
N MET A 22 0.66 -11.69 3.58
CA MET A 22 -0.17 -10.95 2.65
C MET A 22 -1.62 -10.96 3.07
N PHE A 23 -2.38 -10.00 2.54
CA PHE A 23 -3.81 -9.96 2.77
C PHE A 23 -4.49 -9.39 1.53
N THR A 24 -5.59 -10.01 1.11
CA THR A 24 -6.29 -9.65 -0.12
C THR A 24 -7.61 -8.94 0.20
N TRP A 25 -7.82 -7.77 -0.39
CA TRP A 25 -9.06 -7.03 -0.28
C TRP A 25 -9.86 -7.14 -1.57
N GLY A 26 -11.14 -7.46 -1.45
CA GLY A 26 -11.96 -7.67 -2.64
C GLY A 26 -13.37 -7.13 -2.48
N VAL A 27 -14.13 -7.26 -3.58
CA VAL A 27 -15.57 -7.07 -3.60
C VAL A 27 -16.16 -8.26 -4.34
N SER A 28 -17.44 -8.53 -4.04
CA SER A 28 -18.13 -9.70 -4.55
C SER A 28 -19.46 -9.33 -5.21
N THR A 29 -19.79 -10.05 -6.27
CA THR A 29 -21.07 -10.00 -6.96
C THR A 29 -21.44 -11.41 -7.39
N SER A 30 -22.59 -11.55 -8.06
CA SER A 30 -22.92 -12.79 -8.77
C SER A 30 -23.62 -12.43 -10.09
N SER A 31 -23.59 -13.40 -11.02
CA SER A 31 -24.03 -13.16 -12.40
C SER A 31 -25.51 -12.76 -12.48
N TYR A 32 -26.42 -13.58 -11.95
CA TYR A 32 -27.83 -13.23 -12.12
C TYR A 32 -28.17 -11.95 -11.37
N GLN A 33 -27.44 -11.64 -10.31
CA GLN A 33 -27.82 -10.47 -9.51
C GLN A 33 -27.41 -9.15 -10.17
N ILE A 34 -26.43 -9.13 -11.07
CA ILE A 34 -25.99 -7.86 -11.65
C ILE A 34 -26.05 -7.80 -13.17
N GLU A 35 -25.98 -8.94 -13.88
CA GLU A 35 -25.64 -8.88 -15.32
C GLU A 35 -26.74 -8.27 -16.17
N GLY A 36 -28.00 -8.66 -15.96
CA GLY A 36 -29.00 -8.29 -16.93
C GLY A 36 -28.74 -9.01 -18.23
N ALA A 37 -29.16 -8.40 -19.33
CA ALA A 37 -29.02 -9.03 -20.63
C ALA A 37 -29.47 -10.48 -20.56
N ALA A 38 -30.61 -10.73 -19.90
CA ALA A 38 -30.99 -12.11 -19.57
C ALA A 38 -31.40 -12.87 -20.81
N ASN A 39 -31.91 -12.18 -21.83
CA ASN A 39 -32.33 -12.80 -23.09
CA ASN A 39 -32.32 -12.81 -23.08
C ASN A 39 -31.54 -12.20 -24.26
N GLN A 40 -30.27 -11.91 -24.02
CA GLN A 40 -29.38 -11.36 -25.03
C GLN A 40 -28.10 -12.17 -25.04
N GLY A 41 -27.35 -12.03 -26.14
CA GLY A 41 -26.04 -12.65 -26.22
C GLY A 41 -26.04 -14.16 -26.22
N GLY A 42 -27.14 -14.79 -26.63
CA GLY A 42 -27.26 -16.23 -26.69
C GLY A 42 -27.57 -16.92 -25.37
N ARG A 43 -27.76 -16.16 -24.30
CA ARG A 43 -28.01 -16.75 -22.99
C ARG A 43 -29.33 -17.51 -22.98
N GLY A 44 -29.31 -18.69 -22.36
CA GLY A 44 -30.50 -19.45 -22.10
C GLY A 44 -31.05 -19.17 -20.71
N PRO A 45 -32.31 -19.49 -20.46
CA PRO A 45 -32.90 -19.17 -19.15
C PRO A 45 -32.31 -20.01 -18.03
N SER A 46 -32.25 -19.40 -16.84
CA SER A 46 -31.92 -20.09 -15.61
C SER A 46 -33.20 -20.33 -14.79
N ILE A 47 -33.05 -21.14 -13.74
CA ILE A 47 -34.18 -21.40 -12.87
C ILE A 47 -34.68 -20.12 -12.20
N TRP A 48 -33.82 -19.10 -12.08
CA TRP A 48 -34.28 -17.84 -11.49
C TRP A 48 -35.05 -17.00 -12.49
N ASP A 49 -34.78 -17.14 -13.79
CA ASP A 49 -35.66 -16.52 -14.78
C ASP A 49 -37.08 -17.08 -14.62
N THR A 50 -37.19 -18.39 -14.46
CA THR A 50 -38.48 -19.04 -14.30
C THR A 50 -39.13 -18.66 -12.98
N PHE A 51 -38.36 -18.77 -11.90
CA PHE A 51 -38.87 -18.53 -10.56
C PHE A 51 -39.37 -17.09 -10.40
N SER A 52 -38.65 -16.15 -10.99
CA SER A 52 -39.00 -14.74 -10.88
C SER A 52 -40.30 -14.39 -11.58
N LYS A 53 -40.79 -15.26 -12.45
CA LYS A 53 -42.07 -15.11 -13.14
C LYS A 53 -43.26 -15.62 -12.34
N ILE A 54 -43.03 -16.27 -11.20
CA ILE A 54 -44.14 -16.84 -10.44
C ILE A 54 -44.71 -15.74 -9.54
N PRO A 55 -46.00 -15.41 -9.66
CA PRO A 55 -46.57 -14.39 -8.76
C PRO A 55 -46.33 -14.74 -7.31
N GLY A 56 -45.82 -13.76 -6.55
CA GLY A 56 -45.57 -13.96 -5.14
C GLY A 56 -44.20 -14.50 -4.80
N ALA A 57 -43.42 -14.93 -5.79
CA ALA A 57 -42.11 -15.51 -5.50
C ALA A 57 -41.08 -14.45 -5.12
N VAL A 58 -41.15 -13.28 -5.76
CA VAL A 58 -40.17 -12.22 -5.57
C VAL A 58 -40.91 -10.94 -5.23
N ALA A 59 -40.39 -10.21 -4.25
CA ALA A 59 -41.01 -8.95 -3.85
C ALA A 59 -41.12 -8.01 -5.04
N ASN A 60 -42.27 -7.36 -5.14
CA ASN A 60 -42.56 -6.34 -6.14
C ASN A 60 -42.57 -6.90 -7.56
N GLY A 61 -42.58 -8.23 -7.72
CA GLY A 61 -42.48 -8.84 -9.04
C GLY A 61 -41.16 -8.60 -9.73
N ASP A 62 -40.10 -8.31 -8.97
CA ASP A 62 -38.82 -8.03 -9.59
C ASP A 62 -38.23 -9.28 -10.23
N ASN A 63 -37.35 -9.07 -11.21
CA ASN A 63 -36.61 -10.15 -11.83
C ASN A 63 -35.25 -9.60 -12.28
N GLY A 64 -34.40 -10.49 -12.76
CA GLY A 64 -33.07 -10.13 -13.23
C GLY A 64 -32.92 -9.87 -14.72
N ASP A 65 -34.01 -9.53 -15.43
CA ASP A 65 -33.92 -9.28 -16.87
C ASP A 65 -32.89 -8.20 -17.17
N VAL A 66 -32.86 -7.13 -16.36
CA VAL A 66 -31.96 -5.99 -16.56
C VAL A 66 -30.97 -5.83 -15.42
N ALA A 67 -31.42 -5.96 -14.19
CA ALA A 67 -30.56 -5.88 -13.00
C ALA A 67 -29.72 -4.60 -13.07
N CYS A 68 -28.40 -4.68 -12.93
CA CYS A 68 -27.50 -3.55 -13.00
C CYS A 68 -26.93 -3.34 -14.39
N ASP A 69 -27.46 -4.07 -15.38
CA ASP A 69 -26.99 -3.99 -16.76
C ASP A 69 -25.47 -4.13 -16.82
N HIS A 70 -24.91 -4.94 -15.92
CA HIS A 70 -23.45 -5.09 -15.86
C HIS A 70 -22.91 -5.76 -17.12
N TYR A 71 -23.74 -6.55 -17.80
CA TYR A 71 -23.30 -7.17 -19.05
C TYR A 71 -22.83 -6.11 -20.04
N HIS A 72 -23.47 -4.95 -20.05
CA HIS A 72 -23.05 -3.85 -20.90
C HIS A 72 -22.17 -2.82 -20.19
N ARG A 73 -22.29 -2.66 -18.87
CA ARG A 73 -21.62 -1.58 -18.15
C ARG A 73 -20.41 -2.08 -17.35
N TYR A 74 -19.90 -3.27 -17.67
CA TYR A 74 -18.85 -3.86 -16.84
C TYR A 74 -17.59 -3.00 -16.78
N ASN A 75 -17.29 -2.22 -17.84
CA ASN A 75 -16.07 -1.41 -17.78
C ASN A 75 -16.18 -0.34 -16.70
N GLU A 76 -17.37 0.26 -16.54
CA GLU A 76 -17.57 1.23 -15.48
C GLU A 76 -17.41 0.59 -14.10
N ASP A 77 -17.95 -0.62 -13.92
CA ASP A 77 -17.85 -1.27 -12.62
C ASP A 77 -16.41 -1.68 -12.32
N LEU A 78 -15.68 -2.15 -13.34
CA LEU A 78 -14.26 -2.45 -13.17
C LEU A 78 -13.49 -1.19 -12.81
N ASP A 79 -13.83 -0.07 -13.44
CA ASP A 79 -13.18 1.18 -13.08
C ASP A 79 -13.45 1.55 -11.62
N LEU A 80 -14.67 1.32 -11.14
CA LEU A 80 -14.97 1.60 -9.75
C LEU A 80 -14.17 0.72 -8.81
N MET A 81 -13.94 -0.54 -9.19
CA MET A 81 -13.10 -1.43 -8.39
C MET A 81 -11.67 -0.92 -8.31
N LYS A 82 -11.11 -0.51 -9.44
CA LYS A 82 -9.76 0.04 -9.43
C LYS A 82 -9.70 1.29 -8.55
N TRP A 83 -10.73 2.14 -8.63
CA TRP A 83 -10.78 3.36 -7.82
C TRP A 83 -10.83 3.03 -6.33
N LEU A 84 -11.62 2.01 -5.95
CA LEU A 84 -11.65 1.56 -4.58
C LEU A 84 -10.29 1.07 -4.13
N GLY A 85 -9.52 0.50 -5.05
CA GLY A 85 -8.24 -0.11 -4.75
C GLY A 85 -8.26 -1.58 -4.38
N VAL A 86 -9.36 -2.30 -4.66
CA VAL A 86 -9.36 -3.71 -4.38
C VAL A 86 -8.31 -4.43 -5.23
N GLY A 87 -7.74 -5.48 -4.65
CA GLY A 87 -6.86 -6.34 -5.39
C GLY A 87 -7.54 -7.51 -6.06
N ALA A 88 -8.79 -7.78 -5.69
CA ALA A 88 -9.51 -8.95 -6.18
C ALA A 88 -10.98 -8.66 -6.38
N TYR A 89 -11.58 -9.41 -7.31
CA TYR A 89 -12.99 -9.29 -7.67
C TYR A 89 -13.59 -10.68 -7.74
N ARG A 90 -14.48 -10.98 -6.80
CA ARG A 90 -15.20 -12.26 -6.79
C ARG A 90 -16.48 -12.11 -7.61
N PHE A 91 -16.60 -12.91 -8.65
CA PHE A 91 -17.72 -12.85 -9.57
C PHE A 91 -18.13 -14.28 -9.86
N SER A 92 -19.33 -14.46 -10.42
CA SER A 92 -19.72 -15.79 -10.83
C SER A 92 -19.93 -15.84 -12.33
N ILE A 93 -19.69 -17.02 -12.89
CA ILE A 93 -19.95 -17.32 -14.29
C ILE A 93 -21.37 -17.86 -14.38
N ALA A 94 -22.17 -17.28 -15.27
CA ALA A 94 -23.53 -17.78 -15.51
C ALA A 94 -23.46 -19.00 -16.41
N TRP A 95 -23.59 -20.18 -15.82
CA TRP A 95 -23.68 -21.43 -16.57
C TRP A 95 -24.62 -21.33 -17.76
N PRO A 96 -25.84 -20.82 -17.63
CA PRO A 96 -26.74 -20.79 -18.80
C PRO A 96 -26.36 -19.74 -19.83
N ARG A 97 -25.48 -18.81 -19.51
CA ARG A 97 -24.94 -17.92 -20.54
C ARG A 97 -23.87 -18.61 -21.38
N VAL A 98 -23.04 -19.47 -20.77
CA VAL A 98 -21.92 -20.06 -21.51
C VAL A 98 -22.27 -21.42 -22.10
N ILE A 99 -23.19 -22.16 -21.47
CA ILE A 99 -23.71 -23.41 -22.04
C ILE A 99 -25.22 -23.41 -21.86
N PRO A 100 -25.99 -22.79 -22.77
CA PRO A 100 -27.44 -22.65 -22.55
C PRO A 100 -28.17 -23.96 -22.37
N SER A 101 -27.71 -25.04 -23.01
CA SER A 101 -28.37 -26.33 -22.88
C SER A 101 -27.88 -27.10 -21.67
N GLY A 102 -27.00 -26.51 -20.87
CA GLY A 102 -26.53 -27.13 -19.65
C GLY A 102 -25.35 -28.05 -19.87
N TYR A 103 -25.52 -29.03 -20.76
CA TYR A 103 -24.39 -29.80 -21.25
C TYR A 103 -24.47 -29.75 -22.75
N GLY A 104 -23.32 -29.67 -23.41
CA GLY A 104 -23.23 -29.53 -24.85
C GLY A 104 -22.44 -28.29 -25.24
N ALA A 105 -22.89 -27.62 -26.30
CA ALA A 105 -22.04 -26.65 -26.98
C ALA A 105 -21.87 -25.37 -26.18
N LEU A 106 -20.66 -24.83 -26.20
CA LEU A 106 -20.39 -23.52 -25.64
C LEU A 106 -21.06 -22.44 -26.46
N ASN A 107 -21.53 -21.40 -25.78
CA ASN A 107 -22.03 -20.20 -26.43
C ASN A 107 -20.86 -19.22 -26.54
N LYS A 108 -20.32 -19.08 -27.76
CA LYS A 108 -19.09 -18.30 -27.93
C LYS A 108 -19.27 -16.85 -27.51
N GLU A 109 -20.43 -16.26 -27.80
CA GLU A 109 -20.69 -14.89 -27.35
C GLU A 109 -20.63 -14.77 -25.83
N GLY A 110 -21.14 -15.77 -25.13
CA GLY A 110 -21.11 -15.72 -23.67
C GLY A 110 -19.69 -15.86 -23.15
N MET A 111 -18.91 -16.80 -23.72
CA MET A 111 -17.52 -16.94 -23.31
C MET A 111 -16.74 -15.65 -23.59
N ASP A 112 -17.04 -14.99 -24.71
CA ASP A 112 -16.33 -13.76 -25.06
CA ASP A 112 -16.32 -13.76 -25.05
C ASP A 112 -16.58 -12.67 -24.02
N PHE A 113 -17.80 -12.62 -23.47
CA PHE A 113 -18.09 -11.63 -22.43
C PHE A 113 -17.16 -11.85 -21.24
N TYR A 114 -17.04 -13.09 -20.77
CA TYR A 114 -16.17 -13.32 -19.61
C TYR A 114 -14.71 -13.10 -19.97
N ASP A 115 -14.29 -13.39 -21.20
CA ASP A 115 -12.93 -13.01 -21.62
C ASP A 115 -12.71 -11.50 -21.49
N ARG A 116 -13.67 -10.68 -21.97
CA ARG A 116 -13.52 -9.23 -21.88
C ARG A 116 -13.52 -8.76 -20.42
N LEU A 117 -14.37 -9.37 -19.60
CA LEU A 117 -14.40 -9.03 -18.18
C LEU A 117 -13.08 -9.34 -17.50
N ILE A 118 -12.58 -10.57 -17.70
CA ILE A 118 -11.32 -11.01 -17.08
C ILE A 118 -10.17 -10.14 -17.56
N ASP A 119 -10.07 -9.94 -18.88
CA ASP A 119 -8.95 -9.19 -19.41
C ASP A 119 -9.01 -7.74 -18.95
N GLY A 120 -10.22 -7.18 -18.84
CA GLY A 120 -10.34 -5.82 -18.34
C GLY A 120 -9.93 -5.71 -16.88
N ALA A 121 -10.28 -6.71 -16.07
CA ALA A 121 -9.83 -6.71 -14.68
C ALA A 121 -8.30 -6.80 -14.60
N LEU A 122 -7.69 -7.71 -15.34
CA LEU A 122 -6.25 -7.87 -15.27
C LEU A 122 -5.53 -6.60 -15.74
N GLU A 123 -6.06 -5.93 -16.76
CA GLU A 123 -5.41 -4.70 -17.20
C GLU A 123 -5.41 -3.66 -16.08
N ARG A 124 -6.41 -3.71 -15.22
CA ARG A 124 -6.53 -2.77 -14.11
C ARG A 124 -5.83 -3.25 -12.83
N GLY A 125 -5.15 -4.39 -12.87
CA GLY A 125 -4.43 -4.91 -11.72
C GLY A 125 -5.27 -5.70 -10.74
N ILE A 126 -6.45 -6.14 -11.15
CA ILE A 126 -7.41 -6.83 -10.29
C ILE A 126 -7.41 -8.30 -10.64
N THR A 127 -7.31 -9.14 -9.61
CA THR A 127 -7.36 -10.60 -9.78
C THR A 127 -8.80 -11.06 -9.74
N PRO A 128 -9.37 -11.61 -10.82
CA PRO A 128 -10.73 -12.13 -10.76
C PRO A 128 -10.74 -13.49 -10.08
N TRP A 129 -11.71 -13.69 -9.19
CA TRP A 129 -11.94 -14.94 -8.46
C TRP A 129 -13.26 -15.52 -8.94
N PRO A 130 -13.25 -16.49 -9.86
CA PRO A 130 -14.51 -17.01 -10.41
C PRO A 130 -15.18 -18.00 -9.46
N THR A 131 -16.49 -17.82 -9.27
CA THR A 131 -17.37 -18.81 -8.67
C THR A 131 -18.13 -19.48 -9.80
N LEU A 132 -18.09 -20.79 -9.86
CA LEU A 132 -18.70 -21.48 -10.99
C LEU A 132 -20.21 -21.63 -10.84
N TYR A 133 -20.72 -21.80 -9.63
CA TYR A 133 -22.17 -21.94 -9.42
C TYR A 133 -22.65 -21.02 -8.31
N HIS A 134 -23.37 -19.98 -8.70
CA HIS A 134 -24.05 -19.08 -7.77
C HIS A 134 -25.54 -19.06 -8.10
N TRP A 135 -26.14 -20.24 -8.21
CA TRP A 135 -27.56 -20.51 -8.07
C TRP A 135 -28.33 -20.45 -9.39
N ASP A 136 -27.71 -20.02 -10.49
CA ASP A 136 -28.44 -19.83 -11.75
C ASP A 136 -28.32 -21.08 -12.63
N LEU A 137 -28.83 -22.18 -12.11
CA LEU A 137 -28.85 -23.43 -12.88
C LEU A 137 -29.60 -23.24 -14.20
N PRO A 138 -29.07 -23.74 -15.32
CA PRO A 138 -29.84 -23.66 -16.57
C PRO A 138 -31.19 -24.34 -16.42
N GLN A 139 -32.24 -23.66 -16.90
CA GLN A 139 -33.56 -24.28 -16.86
C GLN A 139 -33.56 -25.58 -17.65
N SER A 140 -32.74 -25.65 -18.69
CA SER A 140 -32.61 -26.88 -19.47
C SER A 140 -32.26 -28.09 -18.59
N LEU A 141 -31.48 -27.88 -17.52
CA LEU A 141 -31.12 -28.97 -16.62
C LEU A 141 -32.16 -29.17 -15.52
N GLN A 142 -32.82 -28.09 -15.08
CA GLN A 142 -33.94 -28.26 -14.16
C GLN A 142 -35.02 -29.12 -14.78
N ASP A 143 -35.24 -28.98 -16.09
CA ASP A 143 -36.23 -29.80 -16.80
C ASP A 143 -35.89 -31.28 -16.75
N LYS A 144 -34.64 -31.63 -16.44
CA LYS A 144 -34.26 -33.03 -16.28
C LYS A 144 -34.15 -33.42 -14.81
N GLY A 145 -34.60 -32.56 -13.89
CA GLY A 145 -34.57 -32.82 -12.48
C GLY A 145 -33.64 -31.91 -11.68
N GLY A 146 -32.78 -31.15 -12.35
CA GLY A 146 -31.86 -30.28 -11.64
C GLY A 146 -31.03 -31.05 -10.63
N TRP A 147 -30.80 -30.44 -9.48
CA TRP A 147 -29.93 -31.04 -8.48
C TRP A 147 -30.53 -32.28 -7.83
N ASN A 148 -31.81 -32.58 -8.06
CA ASN A 148 -32.34 -33.86 -7.60
C ASN A 148 -31.75 -35.01 -8.39
N ASN A 149 -31.29 -34.73 -9.60
CA ASN A 149 -30.78 -35.74 -10.51
C ASN A 149 -29.28 -35.87 -10.29
N ARG A 150 -28.83 -37.07 -9.92
CA ARG A 150 -27.41 -37.30 -9.68
C ARG A 150 -26.54 -36.85 -10.86
N ASP A 151 -27.05 -37.01 -12.09
CA ASP A 151 -26.29 -36.59 -13.26
C ASP A 151 -25.91 -35.10 -13.22
N CYS A 152 -26.67 -34.28 -12.49
CA CYS A 152 -26.37 -32.86 -12.45
C CYS A 152 -24.99 -32.59 -11.83
N ALA A 153 -24.54 -33.44 -10.92
CA ALA A 153 -23.19 -33.27 -10.39
C ALA A 153 -22.14 -33.42 -11.49
N TYR A 154 -22.36 -34.36 -12.40
CA TYR A 154 -21.43 -34.60 -13.49
C TYR A 154 -21.57 -33.54 -14.57
N TRP A 155 -22.78 -33.08 -14.87
CA TRP A 155 -22.94 -31.97 -15.80
C TRP A 155 -22.19 -30.75 -15.30
N PHE A 156 -22.28 -30.51 -13.99
CA PHE A 156 -21.58 -29.38 -13.40
C PHE A 156 -20.07 -29.55 -13.49
N ALA A 157 -19.56 -30.77 -13.28
CA ALA A 157 -18.12 -30.97 -13.36
C ALA A 157 -17.61 -30.75 -14.78
N GLU A 158 -18.39 -31.17 -15.78
CA GLU A 158 -17.99 -30.97 -17.17
C GLU A 158 -17.98 -29.50 -17.53
N TYR A 159 -19.01 -28.76 -17.10
CA TYR A 159 -19.03 -27.32 -17.27
C TYR A 159 -17.83 -26.66 -16.61
N SER A 160 -17.51 -27.09 -15.38
CA SER A 160 -16.37 -26.55 -14.64
C SER A 160 -15.08 -26.81 -15.38
N GLN A 161 -14.90 -28.02 -15.89
CA GLN A 161 -13.70 -28.34 -16.66
C GLN A 161 -13.56 -27.42 -17.86
N LYS A 162 -14.64 -27.21 -18.59
CA LYS A 162 -14.57 -26.32 -19.76
C LYS A 162 -14.21 -24.89 -19.36
N MET A 163 -14.72 -24.42 -18.23
CA MET A 163 -14.38 -23.05 -17.83
C MET A 163 -12.91 -22.96 -17.46
N ALA A 164 -12.38 -23.98 -16.78
CA ALA A 164 -10.97 -23.96 -16.43
C ALA A 164 -10.08 -24.05 -17.67
N GLU A 165 -10.49 -24.88 -18.65
CA GLU A 165 -9.74 -24.96 -19.90
C GLU A 165 -9.70 -23.60 -20.61
N ALA A 166 -10.79 -22.84 -20.56
CA ALA A 166 -10.86 -21.56 -21.25
C ALA A 166 -10.12 -20.45 -20.50
N PHE A 167 -10.21 -20.42 -19.17
CA PHE A 167 -9.84 -19.23 -18.43
C PHE A 167 -8.69 -19.41 -17.45
N SER A 168 -8.26 -20.64 -17.15
CA SER A 168 -7.27 -20.83 -16.09
C SER A 168 -5.86 -20.46 -16.53
N ASP A 169 -5.63 -20.11 -17.81
CA ASP A 169 -4.36 -19.51 -18.16
C ASP A 169 -4.17 -18.19 -17.40
N ARG A 170 -5.28 -17.53 -17.09
CA ARG A 170 -5.27 -16.27 -16.35
C ARG A 170 -5.77 -16.42 -14.92
N LEU A 171 -6.80 -17.24 -14.70
CA LEU A 171 -7.47 -17.33 -13.40
C LEU A 171 -6.94 -18.56 -12.63
N LYS A 172 -6.29 -18.32 -11.50
CA LYS A 172 -5.62 -19.38 -10.77
C LYS A 172 -6.37 -19.81 -9.51
N ASN A 173 -7.32 -19.01 -9.02
CA ASN A 173 -8.05 -19.27 -7.78
C ASN A 173 -9.53 -19.46 -8.09
N TRP A 174 -10.02 -20.67 -7.92
CA TRP A 174 -11.38 -21.05 -8.29
C TRP A 174 -12.22 -21.35 -7.04
N ILE A 175 -13.50 -21.05 -7.16
CA ILE A 175 -14.50 -21.52 -6.22
C ILE A 175 -15.55 -22.29 -7.02
N THR A 176 -15.91 -23.47 -6.51
CA THR A 176 -16.88 -24.32 -7.20
C THR A 176 -18.29 -23.80 -7.01
N ILE A 177 -18.88 -24.03 -5.81
CA ILE A 177 -20.25 -23.63 -5.56
C ILE A 177 -20.32 -22.64 -4.40
N ASN A 178 -21.42 -21.88 -4.38
CA ASN A 178 -21.71 -20.88 -3.38
C ASN A 178 -22.95 -21.28 -2.58
N GLU A 179 -22.80 -21.38 -1.25
CA GLU A 179 -23.93 -21.49 -0.32
C GLU A 179 -24.89 -22.62 -0.70
N PRO A 180 -24.44 -23.86 -0.67
CA PRO A 180 -25.37 -24.98 -0.90
C PRO A 180 -26.54 -25.01 0.06
N PHE A 181 -26.41 -24.41 1.26
CA PHE A 181 -27.56 -24.30 2.15
C PHE A 181 -28.75 -23.68 1.44
N CYS A 182 -28.50 -22.60 0.70
CA CYS A 182 -29.58 -21.91 0.03
C CYS A 182 -30.11 -22.73 -1.14
N SER A 183 -29.21 -23.26 -1.98
CA SER A 183 -29.66 -24.02 -3.14
C SER A 183 -30.44 -25.26 -2.72
N ALA A 184 -29.94 -25.98 -1.70
CA ALA A 184 -30.61 -27.20 -1.28
C ALA A 184 -31.85 -26.92 -0.45
N TRP A 185 -31.68 -26.30 0.72
CA TRP A 185 -32.80 -26.18 1.64
C TRP A 185 -33.77 -25.08 1.20
N LEU A 186 -33.25 -23.88 0.87
CA LEU A 186 -34.19 -22.81 0.51
C LEU A 186 -34.83 -23.06 -0.85
N GLY A 187 -34.13 -23.74 -1.75
CA GLY A 187 -34.61 -24.01 -3.08
C GLY A 187 -35.47 -25.24 -3.24
N HIS A 188 -35.28 -26.26 -2.38
CA HIS A 188 -35.97 -27.53 -2.53
C HIS A 188 -36.74 -28.00 -1.29
N LEU A 189 -36.52 -27.43 -0.13
CA LEU A 189 -37.32 -27.78 1.05
C LEU A 189 -38.31 -26.69 1.42
N TYR A 190 -37.85 -25.44 1.53
CA TYR A 190 -38.74 -24.34 1.86
C TYR A 190 -39.35 -23.69 0.64
N GLY A 191 -38.77 -23.87 -0.54
CA GLY A 191 -39.35 -23.37 -1.76
C GLY A 191 -39.38 -21.86 -1.87
N VAL A 192 -38.54 -21.16 -1.09
CA VAL A 192 -38.50 -19.71 -1.12
C VAL A 192 -37.42 -19.20 -2.06
N MET A 193 -36.61 -20.09 -2.62
CA MET A 193 -35.67 -19.77 -3.68
CA MET A 193 -35.68 -19.76 -3.68
C MET A 193 -35.89 -20.74 -4.83
N ALA A 194 -35.39 -20.36 -6.01
CA ALA A 194 -35.53 -21.24 -7.17
C ALA A 194 -34.87 -22.58 -6.87
N PRO A 195 -35.46 -23.71 -7.32
CA PRO A 195 -36.62 -23.79 -8.21
C PRO A 195 -37.96 -23.77 -7.48
N GLY A 196 -37.97 -23.55 -6.17
CA GLY A 196 -39.23 -23.44 -5.47
C GLY A 196 -39.88 -24.74 -5.05
N ILE A 197 -39.11 -25.79 -4.86
CA ILE A 197 -39.65 -27.10 -4.49
C ILE A 197 -39.72 -27.18 -2.96
N LYS A 198 -40.66 -27.99 -2.44
CA LYS A 198 -40.93 -28.11 -1.00
C LYS A 198 -41.01 -29.58 -0.62
N ASP A 199 -39.85 -30.22 -0.49
CA ASP A 199 -39.82 -31.66 -0.20
C ASP A 199 -38.49 -32.03 0.44
N LEU A 200 -38.55 -32.66 1.62
CA LEU A 200 -37.32 -32.95 2.35
C LEU A 200 -36.40 -33.89 1.57
N LYS A 201 -36.94 -34.98 1.03
CA LYS A 201 -36.08 -35.92 0.31
C LYS A 201 -35.41 -35.23 -0.87
N THR A 202 -36.16 -34.40 -1.59
CA THR A 202 -35.55 -33.63 -2.68
C THR A 202 -34.44 -32.73 -2.16
N GLY A 203 -34.66 -32.07 -1.02
CA GLY A 203 -33.61 -31.24 -0.44
C GLY A 203 -32.35 -32.03 -0.09
N ILE A 204 -32.53 -33.21 0.50
CA ILE A 204 -31.40 -34.08 0.81
C ILE A 204 -30.66 -34.47 -0.45
N ASN A 205 -31.39 -34.93 -1.47
CA ASN A 205 -30.76 -35.30 -2.73
C ASN A 205 -29.98 -34.14 -3.31
N ALA A 206 -30.61 -32.95 -3.36
CA ALA A 206 -29.94 -31.78 -3.92
C ALA A 206 -28.67 -31.44 -3.16
N SER A 207 -28.72 -31.51 -1.83
CA SER A 207 -27.54 -31.20 -1.04
C SER A 207 -26.40 -32.16 -1.38
N HIS A 208 -26.71 -33.45 -1.54
CA HIS A 208 -25.65 -34.40 -1.85
C HIS A 208 -25.09 -34.18 -3.25
N HIS A 209 -25.94 -33.87 -4.21
CA HIS A 209 -25.46 -33.70 -5.58
C HIS A 209 -24.76 -32.35 -5.78
N LEU A 210 -25.13 -31.33 -5.01
CA LEU A 210 -24.35 -30.09 -4.98
C LEU A 210 -22.95 -30.36 -4.46
N LEU A 211 -22.84 -31.11 -3.35
CA LEU A 211 -21.55 -31.38 -2.76
C LEU A 211 -20.72 -32.33 -3.63
N LEU A 212 -21.36 -33.34 -4.21
CA LEU A 212 -20.67 -34.22 -5.15
C LEU A 212 -20.19 -33.44 -6.36
N GLY A 213 -21.02 -32.52 -6.85
CA GLY A 213 -20.62 -31.67 -7.95
C GLY A 213 -19.40 -30.84 -7.60
N HIS A 214 -19.39 -30.26 -6.40
CA HIS A 214 -18.22 -29.56 -5.89
C HIS A 214 -16.97 -30.45 -5.99
N GLY A 215 -17.05 -31.68 -5.49
CA GLY A 215 -15.89 -32.54 -5.46
C GLY A 215 -15.43 -32.96 -6.85
N LEU A 216 -16.38 -33.32 -7.70
CA LEU A 216 -16.04 -33.70 -9.07
C LEU A 216 -15.42 -32.53 -9.82
N ALA A 217 -15.97 -31.31 -9.62
CA ALA A 217 -15.43 -30.12 -10.27
C ALA A 217 -14.03 -29.82 -9.76
N THR A 218 -13.79 -30.01 -8.46
CA THR A 218 -12.47 -29.76 -7.93
C THR A 218 -11.46 -30.65 -8.63
N LYS A 219 -11.75 -31.95 -8.72
CA LYS A 219 -10.84 -32.87 -9.37
C LYS A 219 -10.64 -32.52 -10.84
N ALA A 220 -11.72 -32.12 -11.50
CA ALA A 220 -11.63 -31.76 -12.92
C ALA A 220 -10.76 -30.53 -13.11
N ILE A 221 -10.90 -29.54 -12.23
CA ILE A 221 -10.10 -28.34 -12.37
C ILE A 221 -8.62 -28.66 -12.17
N ARG A 222 -8.32 -29.46 -11.16
CA ARG A 222 -6.92 -29.79 -10.90
CA ARG A 222 -6.91 -29.79 -10.91
C ARG A 222 -6.30 -30.58 -12.04
N GLU A 223 -7.10 -31.36 -12.75
CA GLU A 223 -6.54 -32.07 -13.90
C GLU A 223 -6.13 -31.12 -15.01
N VAL A 224 -6.75 -29.94 -15.08
CA VAL A 224 -6.37 -28.99 -16.12
C VAL A 224 -4.97 -28.47 -15.87
N SER A 225 -4.65 -28.14 -14.63
CA SER A 225 -3.32 -27.65 -14.30
C SER A 225 -3.08 -27.77 -12.79
N SER A 226 -1.89 -28.23 -12.45
CA SER A 226 -1.56 -28.49 -11.05
C SER A 226 -1.33 -27.22 -10.24
N GLU A 227 -1.18 -26.06 -10.88
CA GLU A 227 -0.98 -24.83 -10.13
CA GLU A 227 -0.98 -24.83 -10.13
C GLU A 227 -2.27 -24.20 -9.67
N LEU A 228 -3.42 -24.68 -10.16
CA LEU A 228 -4.69 -24.06 -9.84
C LEU A 228 -5.11 -24.38 -8.41
N LYS A 229 -5.72 -23.40 -7.77
CA LYS A 229 -6.25 -23.55 -6.42
C LYS A 229 -7.78 -23.58 -6.48
N VAL A 230 -8.37 -24.35 -5.57
CA VAL A 230 -9.81 -24.56 -5.56
C VAL A 230 -10.32 -24.55 -4.13
N GLY A 231 -11.49 -23.93 -3.94
CA GLY A 231 -12.22 -24.02 -2.69
C GLY A 231 -13.72 -24.06 -2.93
N ILE A 232 -14.46 -24.08 -1.84
CA ILE A 232 -15.91 -24.01 -1.83
C ILE A 232 -16.29 -22.82 -0.96
N THR A 233 -17.44 -22.20 -1.24
CA THR A 233 -17.97 -21.13 -0.38
C THR A 233 -19.16 -21.68 0.40
N LEU A 234 -19.04 -21.65 1.73
CA LEU A 234 -20.12 -22.01 2.64
C LEU A 234 -20.52 -20.78 3.46
N ASN A 235 -21.83 -20.58 3.60
CA ASN A 235 -22.32 -19.64 4.60
C ASN A 235 -22.58 -20.39 5.90
N PHE A 236 -22.20 -19.75 7.00
CA PHE A 236 -22.43 -20.29 8.34
CA PHE A 236 -22.43 -20.28 8.33
C PHE A 236 -23.28 -19.31 9.13
N THR A 237 -24.28 -19.84 9.84
CA THR A 237 -25.20 -19.07 10.67
C THR A 237 -25.12 -19.64 12.06
N PRO A 238 -24.27 -19.06 12.93
CA PRO A 238 -24.18 -19.55 14.31
C PRO A 238 -25.53 -19.46 14.98
N ALA A 239 -25.82 -20.45 15.82
CA ALA A 239 -27.09 -20.52 16.52
C ALA A 239 -26.89 -20.31 18.02
N ILE A 240 -27.80 -19.54 18.62
CA ILE A 240 -27.88 -19.43 20.07
C ILE A 240 -29.33 -19.59 20.51
N THR A 241 -29.50 -19.75 21.82
CA THR A 241 -30.82 -19.76 22.41
C THR A 241 -30.79 -18.86 23.64
N LEU A 242 -31.95 -18.28 23.93
CA LEU A 242 -32.11 -17.50 25.14
C LEU A 242 -32.48 -18.35 26.35
N GLY A 243 -32.91 -19.61 26.14
CA GLY A 243 -33.31 -20.48 27.22
C GLY A 243 -32.16 -21.27 27.81
N GLU A 244 -32.46 -21.94 28.94
CA GLU A 244 -31.48 -22.80 29.61
C GLU A 244 -31.86 -24.27 29.65
N SER A 245 -33.06 -24.64 29.21
CA SER A 245 -33.46 -26.04 29.25
C SER A 245 -32.61 -26.87 28.31
N SER A 246 -32.51 -28.16 28.61
CA SER A 246 -31.76 -29.07 27.75
C SER A 246 -32.37 -29.10 26.35
N GLU A 247 -33.68 -28.97 26.23
CA GLU A 247 -34.29 -29.02 24.90
C GLU A 247 -33.98 -27.76 24.09
N ASP A 248 -33.84 -26.60 24.73
CA ASP A 248 -33.42 -25.43 23.97
C ASP A 248 -31.96 -25.56 23.56
N LYS A 249 -31.14 -26.25 24.36
CA LYS A 249 -29.77 -26.53 23.95
C LYS A 249 -29.77 -27.51 22.78
N LEU A 250 -30.68 -28.48 22.79
CA LEU A 250 -30.81 -29.37 21.63
C LEU A 250 -31.23 -28.58 20.40
N ALA A 251 -32.13 -27.59 20.57
CA ALA A 251 -32.54 -26.76 19.45
C ALA A 251 -31.34 -26.06 18.81
N VAL A 252 -30.40 -25.60 19.62
CA VAL A 252 -29.18 -25.01 19.07
C VAL A 252 -28.41 -26.03 18.24
N GLU A 253 -28.28 -27.26 18.77
CA GLU A 253 -27.56 -28.32 18.03
C GLU A 253 -28.23 -28.64 16.71
N LEU A 254 -29.56 -28.72 16.71
CA LEU A 254 -30.26 -29.06 15.48
C LEU A 254 -30.09 -27.97 14.44
N ALA A 255 -30.24 -26.71 14.85
CA ALA A 255 -30.09 -25.61 13.91
C ALA A 255 -28.66 -25.53 13.41
N ASP A 256 -27.70 -25.71 14.30
CA ASP A 256 -26.31 -25.73 13.86
C ASP A 256 -26.05 -26.88 12.89
N GLY A 257 -26.64 -28.05 13.15
CA GLY A 257 -26.47 -29.17 12.24
C GLY A 257 -27.12 -28.94 10.90
N PHE A 258 -28.32 -28.37 10.90
CA PHE A 258 -29.07 -28.14 9.67
C PHE A 258 -28.37 -27.11 8.79
N ASP A 259 -27.96 -25.98 9.38
CA ASP A 259 -27.41 -24.88 8.60
C ASP A 259 -25.94 -25.09 8.25
N ASN A 260 -25.16 -25.62 9.18
CA ASN A 260 -23.70 -25.55 9.10
C ASN A 260 -23.07 -26.92 8.94
N ARG A 261 -23.26 -27.83 9.88
CA ARG A 261 -22.54 -29.09 9.83
C ARG A 261 -23.03 -29.97 8.69
N TRP A 262 -24.27 -29.81 8.24
CA TRP A 262 -24.75 -30.61 7.12
C TRP A 262 -23.87 -30.45 5.89
N PHE A 263 -23.28 -29.28 5.71
CA PHE A 263 -22.44 -29.01 4.55
C PHE A 263 -20.95 -29.02 4.88
N GLY A 264 -20.57 -28.57 6.08
CA GLY A 264 -19.17 -28.59 6.46
C GLY A 264 -18.63 -29.98 6.73
N ASP A 265 -19.42 -30.82 7.39
CA ASP A 265 -18.93 -32.16 7.73
C ASP A 265 -18.62 -33.01 6.49
N PRO A 266 -19.44 -33.03 5.45
CA PRO A 266 -19.05 -33.81 4.26
C PRO A 266 -17.74 -33.31 3.65
N VAL A 267 -17.55 -31.99 3.58
CA VAL A 267 -16.37 -31.43 2.90
C VAL A 267 -15.10 -31.71 3.69
N PHE A 268 -15.14 -31.54 5.03
CA PHE A 268 -13.93 -31.62 5.85
C PHE A 268 -13.81 -32.90 6.68
N LYS A 269 -14.89 -33.65 6.84
CA LYS A 269 -14.87 -34.85 7.64
C LYS A 269 -15.39 -36.09 6.91
N ALA A 270 -15.82 -35.95 5.65
CA ALA A 270 -16.22 -37.07 4.79
C ALA A 270 -17.45 -37.81 5.29
N LYS A 271 -18.32 -37.12 6.03
CA LYS A 271 -19.56 -37.73 6.49
C LYS A 271 -20.59 -36.65 6.75
N TYR A 272 -21.88 -37.08 6.74
CA TYR A 272 -22.97 -36.21 7.14
C TYR A 272 -23.17 -36.27 8.64
N PRO A 273 -23.62 -35.20 9.28
CA PRO A 273 -23.79 -35.24 10.75
C PRO A 273 -24.88 -36.22 11.16
N GLU A 274 -24.48 -37.25 11.92
CA GLU A 274 -25.38 -38.38 12.17
C GLU A 274 -26.63 -37.96 12.93
N ASP A 275 -26.51 -36.97 13.83
CA ASP A 275 -27.69 -36.54 14.58
C ASP A 275 -28.75 -35.97 13.67
N ILE A 276 -28.35 -35.30 12.60
CA ILE A 276 -29.33 -34.75 11.66
C ILE A 276 -29.85 -35.84 10.73
N VAL A 277 -28.96 -36.70 10.24
CA VAL A 277 -29.40 -37.85 9.45
C VAL A 277 -30.46 -38.62 10.19
N LYS A 278 -30.20 -38.91 11.47
CA LYS A 278 -31.16 -39.67 12.26
C LYS A 278 -32.47 -38.90 12.44
N ALA A 279 -32.38 -37.59 12.68
CA ALA A 279 -33.59 -36.80 12.88
C ALA A 279 -34.40 -36.69 11.60
N PHE A 280 -33.73 -36.62 10.44
CA PHE A 280 -34.45 -36.61 9.18
C PHE A 280 -35.17 -37.92 8.94
N GLY A 281 -34.56 -39.04 9.30
CA GLY A 281 -35.13 -40.35 9.04
C GLY A 281 -35.08 -40.78 7.59
N LYS A 282 -34.23 -40.14 6.79
CA LYS A 282 -34.09 -40.45 5.37
C LYS A 282 -32.64 -40.77 5.08
N GLU A 283 -32.41 -41.48 3.98
CA GLU A 283 -31.06 -41.83 3.54
C GLU A 283 -30.54 -40.82 2.52
N VAL A 284 -29.29 -40.44 2.68
CA VAL A 284 -28.60 -39.62 1.70
C VAL A 284 -28.21 -40.56 0.56
N PRO A 285 -28.37 -40.18 -0.71
CA PRO A 285 -28.09 -41.12 -1.82
C PRO A 285 -26.61 -41.23 -2.13
N ILE A 286 -25.88 -41.81 -1.18
CA ILE A 286 -24.42 -41.93 -1.24
C ILE A 286 -24.06 -43.19 -2.00
N HIS A 287 -23.27 -43.03 -3.04
CA HIS A 287 -22.70 -44.12 -3.83
C HIS A 287 -21.23 -44.33 -3.50
N PRO A 288 -20.68 -45.49 -3.84
CA PRO A 288 -19.24 -45.70 -3.66
C PRO A 288 -18.41 -44.61 -4.31
N GLY A 289 -17.42 -44.11 -3.56
CA GLY A 289 -16.56 -43.05 -4.03
C GLY A 289 -17.04 -41.65 -3.69
N ASP A 290 -18.33 -41.47 -3.38
CA ASP A 290 -18.88 -40.11 -3.24
C ASP A 290 -18.20 -39.35 -2.13
N MET A 291 -18.06 -39.96 -0.95
CA MET A 291 -17.56 -39.19 0.19
C MET A 291 -16.06 -38.90 0.05
N GLU A 292 -15.31 -39.77 -0.62
CA GLU A 292 -13.91 -39.43 -0.94
C GLU A 292 -13.86 -38.21 -1.86
N ILE A 293 -14.76 -38.13 -2.82
CA ILE A 293 -14.77 -37.02 -3.77
C ILE A 293 -15.18 -35.73 -3.08
N ILE A 294 -16.24 -35.80 -2.29
CA ILE A 294 -16.75 -34.59 -1.64
C ILE A 294 -15.72 -34.01 -0.69
N SER A 295 -14.93 -34.87 -0.04
CA SER A 295 -13.96 -34.46 0.96
C SER A 295 -12.56 -34.23 0.38
N THR A 296 -12.46 -34.07 -0.93
CA THR A 296 -11.15 -33.87 -1.54
C THR A 296 -10.49 -32.61 -0.95
N PRO A 297 -9.17 -32.62 -0.73
CA PRO A 297 -8.52 -31.49 -0.06
C PRO A 297 -8.70 -30.20 -0.87
N LEU A 298 -8.90 -29.10 -0.14
CA LEU A 298 -9.12 -27.79 -0.72
C LEU A 298 -7.99 -26.84 -0.34
N ASP A 299 -7.72 -25.90 -1.23
CA ASP A 299 -6.72 -24.90 -0.92
C ASP A 299 -7.23 -23.86 0.07
N TYR A 300 -8.55 -23.64 0.12
CA TYR A 300 -9.13 -22.68 1.05
C TYR A 300 -10.62 -22.96 1.20
N LEU A 301 -11.14 -22.42 2.29
CA LEU A 301 -12.57 -22.29 2.51
C LEU A 301 -12.97 -20.85 2.24
N GLY A 302 -13.98 -20.66 1.40
CA GLY A 302 -14.64 -19.37 1.29
C GLY A 302 -15.74 -19.31 2.32
N LEU A 303 -15.65 -18.36 3.25
CA LEU A 303 -16.63 -18.28 4.34
C LEU A 303 -17.55 -17.08 4.15
N TYR A 305 -20.46 -14.89 6.07
CA TYR A 305 -21.15 -14.64 7.33
C TYR A 305 -21.87 -13.30 7.29
N TYR A 306 -23.11 -13.33 7.79
CA TYR A 306 -23.93 -12.13 7.94
C TYR A 306 -24.53 -11.97 9.33
N PHE A 307 -25.01 -13.05 9.94
CA PHE A 307 -25.77 -12.93 11.19
C PHE A 307 -25.80 -14.27 11.90
N ARG A 308 -26.15 -14.21 13.18
CA ARG A 308 -26.49 -15.37 13.98
C ARG A 308 -28.01 -15.51 14.06
N GLN A 309 -28.44 -16.76 14.30
CA GLN A 309 -29.85 -17.09 14.49
C GLN A 309 -30.11 -17.40 15.96
N THR A 310 -31.28 -17.01 16.43
CA THR A 310 -31.73 -17.33 17.78
C THR A 310 -32.91 -18.30 17.65
N VAL A 311 -32.86 -19.40 18.41
CA VAL A 311 -33.80 -20.50 18.25
C VAL A 311 -34.30 -20.98 19.60
N GLU A 312 -35.40 -21.75 19.56
CA GLU A 312 -35.89 -22.47 20.72
C GLU A 312 -36.55 -23.76 20.22
N TYR A 313 -36.68 -24.72 21.14
CA TYR A 313 -37.25 -26.02 20.77
C TYR A 313 -38.72 -25.86 20.40
N ASP A 314 -39.16 -26.65 19.44
CA ASP A 314 -40.57 -26.66 19.07
C ASP A 314 -40.91 -28.06 18.55
N ALA A 315 -41.50 -28.89 19.42
CA ALA A 315 -41.76 -30.28 19.05
C ALA A 315 -42.64 -30.41 17.81
N THR A 316 -43.39 -29.37 17.45
CA THR A 316 -44.29 -29.42 16.31
C THR A 316 -43.62 -29.03 15.00
N ALA A 317 -42.45 -28.44 15.03
CA ALA A 317 -41.82 -27.91 13.83
C ALA A 317 -41.20 -29.03 13.01
N LYS A 318 -41.14 -28.80 11.69
CA LYS A 318 -40.60 -29.75 10.72
C LYS A 318 -39.69 -29.02 9.75
N PRO A 319 -38.66 -29.71 9.22
CA PRO A 319 -38.35 -31.12 9.44
C PRO A 319 -37.68 -31.39 10.80
N LEU A 320 -37.23 -30.36 11.49
CA LEU A 320 -36.56 -30.54 12.77
C LEU A 320 -37.28 -29.73 13.86
N PRO A 321 -37.28 -30.21 15.12
CA PRO A 321 -38.14 -29.60 16.16
C PRO A 321 -37.54 -28.35 16.79
N TYR A 322 -37.35 -27.32 15.97
CA TYR A 322 -36.95 -26.02 16.49
C TYR A 322 -37.57 -24.92 15.64
N LYS A 323 -37.63 -23.73 16.20
CA LYS A 323 -38.17 -22.57 15.51
C LYS A 323 -37.28 -21.36 15.74
N GLN A 324 -37.32 -20.42 14.79
CA GLN A 324 -36.63 -19.15 14.93
C GLN A 324 -37.29 -18.26 15.98
N VAL A 325 -36.45 -17.51 16.69
CA VAL A 325 -36.90 -16.55 17.69
C VAL A 325 -36.44 -15.17 17.25
N THR A 326 -37.31 -14.17 17.38
CA THR A 326 -36.91 -12.78 17.15
C THR A 326 -36.65 -12.11 18.49
N ALA A 327 -35.40 -12.12 18.91
CA ALA A 327 -35.05 -11.59 20.22
C ALA A 327 -35.40 -10.10 20.29
N PRO A 328 -35.87 -9.62 21.44
CA PRO A 328 -36.23 -8.21 21.55
C PRO A 328 -35.01 -7.33 21.81
N ASN A 329 -35.10 -6.08 21.36
CA ASN A 329 -34.11 -5.05 21.67
C ASN A 329 -32.69 -5.43 21.21
N VAL A 330 -32.57 -5.95 19.99
CA VAL A 330 -31.24 -6.14 19.41
C VAL A 330 -31.15 -5.26 18.18
N GLU A 331 -29.93 -4.81 17.89
CA GLU A 331 -29.67 -4.04 16.70
C GLU A 331 -29.89 -4.92 15.47
N ARG A 332 -30.61 -4.39 14.48
CA ARG A 332 -30.92 -5.16 13.28
C ARG A 332 -30.71 -4.31 12.03
N THR A 333 -30.38 -4.98 10.93
CA THR A 333 -30.23 -4.30 9.65
C THR A 333 -31.61 -4.08 9.04
N GLY A 334 -31.62 -3.49 7.83
CA GLY A 334 -32.87 -3.34 7.10
C GLY A 334 -33.50 -4.66 6.69
N MET A 335 -32.74 -5.77 6.76
CA MET A 335 -33.28 -7.11 6.53
C MET A 335 -33.92 -7.69 7.77
N GLY A 336 -33.80 -7.04 8.91
CA GLY A 336 -34.20 -7.64 10.17
C GLY A 336 -33.17 -8.58 10.77
N TRP A 337 -31.95 -8.60 10.23
CA TRP A 337 -30.92 -9.51 10.70
C TRP A 337 -30.20 -8.90 11.89
N GLU A 338 -29.98 -9.68 12.94
CA GLU A 338 -29.25 -9.18 14.09
C GLU A 338 -27.83 -8.81 13.70
N VAL A 339 -27.35 -7.68 14.24
CA VAL A 339 -25.97 -7.24 14.09
C VAL A 339 -25.22 -7.68 15.34
N HIS A 340 -24.24 -8.58 15.18
CA HIS A 340 -23.48 -9.07 16.34
C HIS A 340 -22.09 -9.49 15.84
N ALA A 341 -21.16 -8.53 15.82
CA ALA A 341 -19.87 -8.81 15.23
C ALA A 341 -19.04 -9.80 16.04
N GLN A 342 -19.21 -9.85 17.37
CA GLN A 342 -18.42 -10.80 18.16
C GLN A 342 -18.66 -12.23 17.71
N SER A 343 -19.87 -12.53 17.23
CA SER A 343 -20.15 -13.87 16.70
C SER A 343 -19.27 -14.21 15.50
N PHE A 344 -18.87 -13.20 14.73
CA PHE A 344 -17.99 -13.43 13.58
C PHE A 344 -16.62 -13.90 14.04
N THR A 345 -16.07 -13.24 15.06
CA THR A 345 -14.80 -13.69 15.62
C THR A 345 -14.91 -15.14 16.09
N GLU A 346 -15.95 -15.44 16.87
CA GLU A 346 -16.06 -16.77 17.47
C GLU A 346 -16.32 -17.82 16.41
N LEU A 347 -17.08 -17.49 15.36
CA LEU A 347 -17.28 -18.43 14.25
C LEU A 347 -15.97 -18.75 13.55
N LEU A 348 -15.16 -17.72 13.29
CA LEU A 348 -13.89 -17.94 12.61
C LEU A 348 -12.98 -18.83 13.43
N GLU A 349 -12.91 -18.59 14.74
CA GLU A 349 -12.13 -19.46 15.61
C GLU A 349 -12.68 -20.88 15.61
N ARG A 350 -14.00 -21.03 15.67
CA ARG A 350 -14.60 -22.37 15.68
C ARG A 350 -14.31 -23.13 14.40
N VAL A 351 -14.51 -22.49 13.24
CA VAL A 351 -14.28 -23.15 11.96
C VAL A 351 -12.84 -23.61 11.85
N SER A 352 -11.91 -22.77 12.29
CA SER A 352 -10.50 -23.13 12.18
C SER A 352 -10.17 -24.35 13.04
N LYS A 353 -10.75 -24.45 14.23
CA LYS A 353 -10.49 -25.59 15.08
C LYS A 353 -11.23 -26.84 14.63
N GLU A 354 -12.47 -26.68 14.20
CA GLU A 354 -13.34 -27.82 13.90
C GLU A 354 -13.00 -28.45 12.55
N TYR A 355 -12.73 -27.62 11.54
CA TYR A 355 -12.52 -28.07 10.18
C TYR A 355 -11.10 -27.85 9.66
N LYS A 356 -10.33 -26.98 10.31
CA LYS A 356 -8.92 -26.74 9.97
C LYS A 356 -8.67 -26.56 8.46
N PRO A 357 -9.42 -25.67 7.80
CA PRO A 357 -9.09 -25.35 6.40
C PRO A 357 -7.70 -24.73 6.33
N LYS A 358 -7.00 -24.98 5.24
CA LYS A 358 -5.63 -24.48 5.08
C LYS A 358 -5.58 -22.97 5.23
N GLU A 359 -6.51 -22.28 4.58
CA GLU A 359 -6.71 -20.86 4.81
C GLU A 359 -8.17 -20.55 4.54
N ILE A 360 -8.58 -19.36 4.98
CA ILE A 360 -9.96 -18.89 4.89
C ILE A 360 -9.95 -17.57 4.16
N PHE A 361 -10.84 -17.40 3.19
CA PHE A 361 -11.14 -16.09 2.63
C PHE A 361 -12.58 -15.77 3.00
N ILE A 362 -12.84 -14.56 3.49
CA ILE A 362 -14.22 -14.12 3.67
C ILE A 362 -14.75 -13.78 2.29
N THR A 363 -15.53 -14.69 1.70
CA THR A 363 -16.01 -14.43 0.34
C THR A 363 -17.27 -13.56 0.33
N GLU A 364 -18.00 -13.42 1.45
CA GLU A 364 -19.10 -12.47 1.59
C GLU A 364 -19.28 -12.06 3.05
N ASN A 365 -19.49 -10.77 3.23
CA ASN A 365 -19.95 -10.16 4.48
C ASN A 365 -20.42 -8.78 4.08
N GLY A 366 -21.48 -8.30 4.71
CA GLY A 366 -22.04 -7.00 4.36
C GLY A 366 -23.41 -6.81 4.98
N SER A 367 -24.07 -5.69 4.63
CA SER A 367 -25.34 -5.37 5.26
C SER A 367 -26.18 -4.46 4.38
N ALA A 368 -27.49 -4.55 4.59
CA ALA A 368 -28.47 -3.80 3.83
C ALA A 368 -29.27 -2.88 4.74
N TRP A 369 -29.50 -1.66 4.26
CA TRP A 369 -30.16 -0.62 5.01
C TRP A 369 -30.94 0.23 4.03
N ASP A 370 -31.91 0.98 4.54
CA ASP A 370 -32.64 1.89 3.68
C ASP A 370 -31.68 3.03 3.31
N ASP A 371 -31.36 3.15 2.04
CA ASP A 371 -30.51 4.23 1.56
C ASP A 371 -31.38 5.32 0.94
N GLU A 372 -30.92 6.56 1.08
CA GLU A 372 -31.59 7.72 0.50
C GLU A 372 -30.58 8.51 -0.31
N VAL A 373 -30.95 8.92 -1.52
CA VAL A 373 -30.12 9.84 -2.30
C VAL A 373 -30.50 11.25 -1.90
N VAL A 374 -29.52 12.02 -1.43
CA VAL A 374 -29.70 13.41 -1.05
C VAL A 374 -28.61 14.19 -1.76
N ASP A 375 -29.00 15.17 -2.55
CA ASP A 375 -28.04 16.00 -3.27
C ASP A 375 -27.07 15.15 -4.09
N GLY A 376 -27.59 14.07 -4.70
CA GLY A 376 -26.79 13.20 -5.56
C GLY A 376 -25.80 12.31 -4.85
N LYS A 377 -25.93 12.17 -3.54
CA LYS A 377 -25.01 11.43 -2.71
C LYS A 377 -25.80 10.50 -1.80
N VAL A 378 -25.11 9.51 -1.27
CA VAL A 378 -25.71 8.53 -0.37
C VAL A 378 -24.82 8.40 0.86
N ASP A 379 -25.29 8.86 2.01
CA ASP A 379 -24.59 8.76 3.28
C ASP A 379 -25.23 7.62 4.06
N ASP A 380 -24.47 6.55 4.30
CA ASP A 380 -25.00 5.31 4.87
C ASP A 380 -24.22 4.91 6.13
N PRO A 381 -24.33 5.70 7.21
CA PRO A 381 -23.52 5.42 8.41
C PRO A 381 -23.78 4.06 9.04
N ASN A 382 -25.00 3.52 8.94
CA ASN A 382 -25.25 2.22 9.55
C ASN A 382 -24.49 1.12 8.83
N ARG A 383 -24.34 1.23 7.51
CA ARG A 383 -23.55 0.26 6.74
C ARG A 383 -22.06 0.42 7.05
N VAL A 384 -21.58 1.66 7.19
CA VAL A 384 -20.20 1.91 7.60
C VAL A 384 -19.93 1.24 8.94
N SER A 385 -20.83 1.42 9.89
CA SER A 385 -20.65 0.89 11.24
C SER A 385 -20.61 -0.64 11.22
N TYR A 386 -21.53 -1.26 10.49
CA TYR A 386 -21.48 -2.72 10.38
C TYR A 386 -20.13 -3.16 9.80
N LEU A 387 -19.67 -2.49 8.75
CA LEU A 387 -18.44 -2.87 8.08
C LEU A 387 -17.24 -2.71 9.00
N GLU A 388 -17.15 -1.56 9.67
CA GLU A 388 -16.04 -1.33 10.60
C GLU A 388 -15.99 -2.42 11.66
N ARG A 389 -17.13 -2.73 12.26
CA ARG A 389 -17.14 -3.66 13.38
C ARG A 389 -16.85 -5.09 12.92
N HIS A 390 -17.30 -5.48 11.71
CA HIS A 390 -17.04 -6.83 11.24
C HIS A 390 -15.60 -7.00 10.73
N LEU A 391 -15.00 -5.96 10.16
CA LEU A 391 -13.57 -6.03 9.87
C LEU A 391 -12.78 -6.13 11.16
N ASP A 392 -13.12 -5.32 12.17
CA ASP A 392 -12.45 -5.45 13.45
C ASP A 392 -12.59 -6.87 14.00
N ALA A 393 -13.79 -7.45 13.91
CA ALA A 393 -13.99 -8.79 14.46
C ALA A 393 -13.17 -9.83 13.70
N MET A 394 -13.08 -9.66 12.38
CA MET A 394 -12.27 -10.57 11.57
CA MET A 394 -12.27 -10.57 11.57
C MET A 394 -10.80 -10.48 11.97
N PHE A 395 -10.29 -9.26 12.13
CA PHE A 395 -8.88 -9.14 12.45
C PHE A 395 -8.59 -9.62 13.86
N ALA A 396 -9.57 -9.53 14.76
CA ALA A 396 -9.41 -10.12 16.09
C ALA A 396 -9.15 -11.63 15.99
N ALA A 397 -9.86 -12.32 15.09
CA ALA A 397 -9.59 -13.74 14.90
C ALA A 397 -8.23 -13.98 14.27
N LYS A 398 -7.86 -13.16 13.27
CA LYS A 398 -6.57 -13.33 12.60
C LYS A 398 -5.42 -13.13 13.58
N ASN A 399 -5.56 -12.18 14.49
CA ASN A 399 -4.53 -11.96 15.50
C ASN A 399 -4.46 -13.07 16.54
N LYS A 400 -5.46 -13.95 16.59
CA LYS A 400 -5.39 -15.15 17.41
C LYS A 400 -4.84 -16.34 16.65
N GLY A 401 -4.49 -16.19 15.38
CA GLY A 401 -3.91 -17.27 14.60
C GLY A 401 -4.81 -17.89 13.56
N VAL A 402 -6.04 -17.43 13.39
CA VAL A 402 -6.90 -17.99 12.35
C VAL A 402 -6.37 -17.54 10.99
N PRO A 403 -6.16 -18.44 10.02
CA PRO A 403 -5.49 -18.07 8.76
C PRO A 403 -6.45 -17.43 7.77
N ILE A 404 -6.90 -16.22 8.09
CA ILE A 404 -7.76 -15.45 7.20
C ILE A 404 -6.87 -14.67 6.25
N SER A 405 -6.96 -14.99 4.96
CA SER A 405 -6.06 -14.41 3.96
C SER A 405 -6.68 -13.29 3.14
N GLY A 406 -7.97 -13.04 3.28
CA GLY A 406 -8.58 -11.93 2.57
C GLY A 406 -10.04 -11.75 2.93
N TYR A 407 -10.59 -10.63 2.45
CA TYR A 407 -11.96 -10.22 2.74
C TYR A 407 -12.56 -9.61 1.49
N PHE A 408 -13.73 -10.11 1.10
CA PHE A 408 -14.49 -9.62 -0.05
C PHE A 408 -15.81 -9.05 0.46
N ALA A 409 -16.02 -7.77 0.23
CA ALA A 409 -17.26 -7.12 0.64
C ALA A 409 -18.41 -7.52 -0.28
N TRP A 410 -19.53 -7.97 0.31
CA TRP A 410 -20.77 -8.10 -0.44
C TRP A 410 -21.55 -6.81 -0.20
N SER A 411 -21.76 -5.97 -1.21
CA SER A 411 -21.40 -6.13 -2.61
C SER A 411 -20.82 -4.83 -3.14
N LEU A 412 -20.14 -4.91 -4.28
CA LEU A 412 -19.69 -3.69 -4.95
C LEU A 412 -20.85 -2.73 -5.18
N ILE A 413 -21.95 -3.24 -5.75
CA ILE A 413 -23.09 -2.43 -6.17
C ILE A 413 -24.37 -3.03 -5.62
N ASP A 414 -25.37 -2.18 -5.38
CA ASP A 414 -26.71 -2.67 -5.12
C ASP A 414 -27.12 -3.60 -6.27
N ASN A 415 -27.93 -4.61 -5.98
CA ASN A 415 -28.28 -5.58 -7.01
C ASN A 415 -29.56 -6.32 -6.61
N PHE A 416 -29.90 -7.36 -7.41
CA PHE A 416 -31.12 -8.16 -7.25
C PHE A 416 -30.92 -9.09 -6.06
N GLU A 417 -31.54 -8.78 -4.94
CA GLU A 417 -31.38 -9.59 -3.73
C GLU A 417 -32.43 -10.69 -3.68
N TRP A 418 -32.40 -11.54 -4.70
CA TRP A 418 -33.15 -12.80 -4.76
C TRP A 418 -34.63 -12.52 -4.45
N ALA A 419 -35.24 -13.24 -3.50
CA ALA A 419 -36.68 -13.07 -3.30
C ALA A 419 -37.05 -11.72 -2.73
N TYR A 420 -36.09 -10.94 -2.23
CA TYR A 420 -36.36 -9.57 -1.79
C TYR A 420 -36.36 -8.57 -2.94
N GLY A 421 -35.85 -8.96 -4.11
CA GLY A 421 -35.79 -8.06 -5.24
C GLY A 421 -34.81 -6.94 -4.99
N TYR A 422 -35.05 -5.82 -5.68
CA TYR A 422 -34.11 -4.72 -5.66
C TYR A 422 -34.27 -3.82 -4.44
N ALA A 423 -35.33 -4.02 -3.65
CA ALA A 423 -35.57 -3.14 -2.51
C ALA A 423 -34.48 -3.24 -1.45
N LYS A 424 -33.75 -4.36 -1.41
CA LYS A 424 -32.72 -4.58 -0.40
C LYS A 424 -31.36 -4.34 -1.04
N ARG A 425 -30.68 -3.32 -0.56
CA ARG A 425 -29.47 -2.75 -1.15
C ARG A 425 -28.28 -3.11 -0.27
N PHE A 426 -27.37 -3.95 -0.80
CA PHE A 426 -26.15 -4.37 -0.12
C PHE A 426 -24.90 -3.65 -0.64
N GLY A 427 -25.02 -2.78 -1.64
CA GLY A 427 -23.83 -2.20 -2.24
C GLY A 427 -23.12 -1.22 -1.31
N ILE A 428 -21.80 -1.11 -1.50
CA ILE A 428 -21.09 0.10 -1.05
C ILE A 428 -21.18 1.18 -2.12
N ILE A 429 -21.69 0.85 -3.31
CA ILE A 429 -21.99 1.81 -4.37
C ILE A 429 -23.45 1.68 -4.73
N TYR A 430 -24.17 2.80 -4.69
CA TYR A 430 -25.60 2.83 -4.97
C TYR A 430 -25.86 2.73 -6.47
N VAL A 431 -26.92 2.03 -6.83
CA VAL A 431 -27.37 1.97 -8.22
C VAL A 431 -28.76 2.57 -8.31
N ASP A 432 -28.89 3.63 -9.10
CA ASP A 432 -30.19 4.20 -9.47
C ASP A 432 -30.73 3.40 -10.66
N TYR A 433 -31.71 2.55 -10.41
CA TYR A 433 -32.17 1.63 -11.46
C TYR A 433 -32.89 2.33 -12.61
N GLN A 434 -33.37 3.56 -12.40
CA GLN A 434 -34.00 4.30 -13.50
C GLN A 434 -32.98 4.68 -14.57
N THR A 435 -31.78 5.03 -14.15
CA THR A 435 -30.74 5.54 -15.04
C THR A 435 -29.51 4.65 -15.12
N GLN A 436 -29.39 3.67 -14.22
CA GLN A 436 -28.20 2.83 -14.02
C GLN A 436 -26.99 3.62 -13.51
N LYS A 437 -27.19 4.84 -13.01
CA LYS A 437 -26.09 5.58 -12.43
C LYS A 437 -25.57 4.90 -11.18
N ARG A 438 -24.23 4.84 -11.07
CA ARG A 438 -23.53 4.37 -9.88
C ARG A 438 -23.14 5.58 -9.03
N ILE A 439 -23.46 5.53 -7.74
CA ILE A 439 -23.12 6.61 -6.80
C ILE A 439 -22.38 6.00 -5.61
N PRO A 440 -21.07 6.20 -5.46
CA PRO A 440 -20.41 5.63 -4.29
C PRO A 440 -21.01 6.17 -2.99
N LYS A 441 -21.28 5.25 -2.06
CA LYS A 441 -21.80 5.60 -0.74
C LYS A 441 -20.66 5.92 0.23
N SER A 442 -21.02 6.49 1.38
CA SER A 442 -20.02 6.69 2.43
C SER A 442 -19.23 5.43 2.71
N SER A 443 -19.89 4.27 2.68
CA SER A 443 -19.19 3.00 2.93
C SER A 443 -18.12 2.70 1.89
N ALA A 444 -18.29 3.13 0.63
CA ALA A 444 -17.24 2.95 -0.37
C ALA A 444 -15.99 3.75 -0.01
N TYR A 445 -16.17 5.00 0.43
CA TYR A 445 -15.00 5.80 0.82
C TYR A 445 -14.33 5.23 2.05
N TYR A 446 -15.12 4.71 2.99
CA TYR A 446 -14.55 4.03 4.16
C TYR A 446 -13.77 2.79 3.74
N TYR A 447 -14.34 1.97 2.87
CA TYR A 447 -13.66 0.76 2.45
C TYR A 447 -12.36 1.09 1.70
N GLN A 448 -12.43 2.09 0.83
CA GLN A 448 -11.24 2.57 0.13
C GLN A 448 -10.12 2.95 1.09
N LYS A 449 -10.45 3.67 2.15
CA LYS A 449 -9.48 4.05 3.15
C LYS A 449 -8.91 2.81 3.85
N ARG A 450 -9.78 1.87 4.23
CA ARG A 450 -9.30 0.69 4.92
C ARG A 450 -8.32 -0.11 4.06
N ILE A 451 -8.60 -0.22 2.75
CA ILE A 451 -7.72 -0.97 1.85
C ILE A 451 -6.35 -0.33 1.77
N LYS A 452 -6.29 1.01 1.73
CA LYS A 452 -5.02 1.68 1.56
C LYS A 452 -4.21 1.68 2.86
N GLU A 453 -4.87 1.89 4.00
CA GLU A 453 -4.17 2.28 5.21
C GLU A 453 -3.96 1.16 6.20
N SER A 454 -4.36 -0.05 5.84
CA SER A 454 -4.14 -1.21 6.69
C SER A 454 -2.77 -1.84 6.40
N HIS B 15 11.90 -9.78 15.80
CA HIS B 15 12.34 -9.44 14.42
C HIS B 15 11.17 -9.27 13.49
N MET B 16 9.96 -9.24 14.04
CA MET B 16 8.79 -9.07 13.20
C MET B 16 8.68 -7.60 12.82
N LYS B 17 7.76 -7.31 11.90
CA LYS B 17 7.56 -5.93 11.48
C LYS B 17 7.36 -5.03 12.68
N LYS B 18 8.04 -3.90 12.67
CA LYS B 18 7.68 -2.84 13.60
C LYS B 18 7.30 -1.61 12.79
N TRP B 19 6.59 -0.72 13.46
CA TRP B 19 6.11 0.48 12.80
C TRP B 19 7.28 1.29 12.27
N GLY B 20 7.13 1.78 11.03
CA GLY B 20 8.12 2.63 10.41
C GLY B 20 9.08 1.89 9.50
N ASP B 21 9.23 0.58 9.67
CA ASP B 21 10.07 -0.21 8.77
C ASP B 21 9.55 -0.12 7.36
N MET B 22 10.46 -0.05 6.40
CA MET B 22 10.12 0.09 5.00
C MET B 22 10.69 -1.07 4.19
N PHE B 23 10.12 -1.25 3.03
CA PHE B 23 10.58 -2.25 2.07
C PHE B 23 10.34 -1.73 0.67
N THR B 24 11.37 -1.87 -0.18
CA THR B 24 11.35 -1.35 -1.55
C THR B 24 11.20 -2.49 -2.54
N TRP B 25 10.21 -2.36 -3.42
CA TRP B 25 10.03 -3.29 -4.53
C TRP B 25 10.49 -2.67 -5.84
N GLY B 26 11.28 -3.42 -6.60
CA GLY B 26 11.82 -2.92 -7.84
C GLY B 26 11.87 -3.95 -8.96
N VAL B 27 12.33 -3.46 -10.11
CA VAL B 27 12.75 -4.30 -11.22
C VAL B 27 14.12 -3.79 -11.65
N SER B 28 14.87 -4.67 -12.32
CA SER B 28 16.24 -4.39 -12.76
C SER B 28 16.42 -4.69 -14.24
N THR B 29 17.25 -3.85 -14.87
CA THR B 29 17.71 -4.01 -16.23
C THR B 29 19.17 -3.56 -16.29
N SER B 30 19.77 -3.64 -17.49
CA SER B 30 21.07 -3.02 -17.75
C SER B 30 21.05 -2.46 -19.16
N SER B 31 21.96 -1.50 -19.39
CA SER B 31 21.93 -0.67 -20.60
C SER B 31 22.12 -1.51 -21.87
N TYR B 32 23.22 -2.25 -21.96
CA TYR B 32 23.48 -2.95 -23.21
C TYR B 32 22.42 -4.00 -23.45
N GLN B 33 21.83 -4.53 -22.38
CA GLN B 33 20.88 -5.60 -22.56
C GLN B 33 19.53 -5.15 -23.08
N ILE B 34 19.15 -3.88 -22.91
CA ILE B 34 17.83 -3.41 -23.35
C ILE B 34 17.86 -2.22 -24.30
N GLU B 35 18.89 -1.38 -24.31
CA GLU B 35 18.72 -0.06 -24.93
C GLU B 35 18.61 -0.12 -26.43
N GLY B 36 19.44 -0.93 -27.08
CA GLY B 36 19.54 -0.78 -28.52
C GLY B 36 20.13 0.58 -28.88
N ALA B 37 19.76 1.08 -30.06
CA ALA B 37 20.29 2.34 -30.55
C ALA B 37 21.81 2.37 -30.37
N ALA B 38 22.44 1.24 -30.73
CA ALA B 38 23.85 1.08 -30.39
C ALA B 38 24.76 2.03 -31.15
N ASN B 39 24.38 2.40 -32.37
CA ASN B 39 25.15 3.32 -33.20
CA ASN B 39 25.14 3.32 -33.20
C ASN B 39 24.30 4.55 -33.52
N GLN B 40 23.48 4.96 -32.56
CA GLN B 40 22.68 6.17 -32.66
C GLN B 40 22.93 7.07 -31.47
N GLY B 41 22.54 8.33 -31.62
CA GLY B 41 22.61 9.25 -30.49
C GLY B 41 24.01 9.56 -30.02
N GLY B 42 25.00 9.40 -30.88
CA GLY B 42 26.38 9.66 -30.54
C GLY B 42 27.07 8.55 -29.78
N ARG B 43 26.41 7.43 -29.53
CA ARG B 43 27.03 6.38 -28.74
C ARG B 43 28.26 5.80 -29.44
N GLY B 44 29.33 5.57 -28.66
CA GLY B 44 30.49 4.86 -29.15
C GLY B 44 30.41 3.38 -28.81
N PRO B 45 31.21 2.54 -29.47
CA PRO B 45 31.09 1.10 -29.22
C PRO B 45 31.61 0.70 -27.85
N SER B 46 31.00 -0.35 -27.31
CA SER B 46 31.46 -1.00 -26.09
C SER B 46 32.15 -2.31 -26.43
N ILE B 47 32.81 -2.90 -25.43
CA ILE B 47 33.47 -4.18 -25.64
C ILE B 47 32.48 -5.28 -26.02
N TRP B 48 31.19 -5.12 -25.67
CA TRP B 48 30.19 -6.10 -26.08
C TRP B 48 29.74 -5.92 -27.52
N ASP B 49 29.78 -4.68 -28.06
CA ASP B 49 29.59 -4.51 -29.50
C ASP B 49 30.66 -5.30 -30.27
N THR B 50 31.91 -5.22 -29.82
CA THR B 50 33.01 -5.93 -30.46
C THR B 50 32.88 -7.43 -30.28
N PHE B 51 32.66 -7.87 -29.03
CA PHE B 51 32.64 -9.28 -28.71
C PHE B 51 31.53 -10.00 -29.45
N SER B 52 30.37 -9.34 -29.57
CA SER B 52 29.20 -9.92 -30.23
C SER B 52 29.41 -10.13 -31.72
N LYS B 53 30.41 -9.48 -32.31
CA LYS B 53 30.74 -9.63 -33.72
C LYS B 53 31.65 -10.84 -33.98
N ILE B 54 32.14 -11.50 -32.94
CA ILE B 54 33.06 -12.62 -33.10
C ILE B 54 32.24 -13.89 -33.33
N PRO B 55 32.42 -14.59 -34.45
CA PRO B 55 31.68 -15.84 -34.64
C PRO B 55 31.91 -16.81 -33.49
N GLY B 56 30.81 -17.36 -32.97
CA GLY B 56 30.89 -18.29 -31.87
C GLY B 56 30.81 -17.66 -30.48
N ALA B 57 30.93 -16.34 -30.35
CA ALA B 57 30.95 -15.74 -29.02
C ALA B 57 29.56 -15.73 -28.38
N VAL B 58 28.53 -15.51 -29.19
CA VAL B 58 27.16 -15.34 -28.70
C VAL B 58 26.24 -16.30 -29.47
N ALA B 59 25.35 -16.96 -28.74
CA ALA B 59 24.44 -17.89 -29.38
C ALA B 59 23.63 -17.20 -30.47
N ASN B 60 23.47 -17.89 -31.59
CA ASN B 60 22.66 -17.43 -32.72
C ASN B 60 23.22 -16.17 -33.39
N GLY B 61 24.45 -15.79 -33.07
CA GLY B 61 25.03 -14.56 -33.59
C GLY B 61 24.32 -13.30 -33.11
N ASP B 62 23.65 -13.37 -31.96
CA ASP B 62 22.90 -12.22 -31.48
C ASP B 62 23.84 -11.10 -31.01
N ASN B 63 23.32 -9.87 -31.03
CA ASN B 63 24.03 -8.73 -30.49
C ASN B 63 23.02 -7.75 -29.93
N GLY B 64 23.52 -6.69 -29.28
CA GLY B 64 22.68 -5.67 -28.72
C GLY B 64 22.42 -4.44 -29.59
N ASP B 65 22.57 -4.56 -30.90
CA ASP B 65 22.34 -3.39 -31.76
C ASP B 65 20.95 -2.79 -31.55
N VAL B 66 19.94 -3.66 -31.41
CA VAL B 66 18.56 -3.23 -31.27
C VAL B 66 17.99 -3.61 -29.91
N ALA B 67 18.26 -4.84 -29.45
CA ALA B 67 17.83 -5.30 -28.14
C ALA B 67 16.34 -5.06 -27.98
N CYS B 68 15.90 -4.43 -26.89
CA CYS B 68 14.50 -4.11 -26.66
C CYS B 68 14.13 -2.71 -27.12
N ASP B 69 15.04 -2.04 -27.82
CA ASP B 69 14.81 -0.68 -28.31
C ASP B 69 14.33 0.26 -27.19
N HIS B 70 14.81 0.03 -25.98
CA HIS B 70 14.38 0.85 -24.84
C HIS B 70 14.85 2.30 -24.97
N TYR B 71 15.93 2.53 -25.72
CA TYR B 71 16.36 3.91 -25.98
C TYR B 71 15.21 4.73 -26.55
N HIS B 72 14.38 4.11 -27.40
CA HIS B 72 13.21 4.80 -27.94
C HIS B 72 11.92 4.51 -27.19
N ARG B 73 11.81 3.35 -26.54
CA ARG B 73 10.55 2.87 -25.97
C ARG B 73 10.48 2.99 -24.45
N TYR B 74 11.40 3.73 -23.85
CA TYR B 74 11.47 3.80 -22.39
C TYR B 74 10.16 4.31 -21.76
N ASN B 75 9.40 5.14 -22.45
CA ASN B 75 8.14 5.60 -21.83
C ASN B 75 7.19 4.44 -21.59
N GLU B 76 7.14 3.51 -22.53
CA GLU B 76 6.28 2.34 -22.37
C GLU B 76 6.79 1.44 -21.23
N ASP B 77 8.10 1.25 -21.14
CA ASP B 77 8.65 0.43 -20.10
C ASP B 77 8.43 1.06 -18.71
N LEU B 78 8.56 2.39 -18.61
CA LEU B 78 8.27 3.09 -17.37
C LEU B 78 6.81 2.96 -17.01
N ASP B 79 5.93 3.04 -18.00
CA ASP B 79 4.52 2.84 -17.73
C ASP B 79 4.23 1.44 -17.19
N LEU B 80 4.94 0.43 -17.72
CA LEU B 80 4.76 -0.92 -17.21
C LEU B 80 5.22 -1.03 -15.76
N MET B 81 6.29 -0.32 -15.41
CA MET B 81 6.74 -0.30 -14.01
C MET B 81 5.68 0.32 -13.11
N LYS B 82 5.11 1.45 -13.53
CA LYS B 82 4.05 2.07 -12.74
C LYS B 82 2.85 1.14 -12.61
N TRP B 83 2.51 0.43 -13.69
CA TRP B 83 1.41 -0.52 -13.67
C TRP B 83 1.67 -1.66 -12.70
N LEU B 84 2.90 -2.17 -12.68
CA LEU B 84 3.25 -3.20 -11.70
C LEU B 84 3.15 -2.67 -10.29
N GLY B 85 3.43 -1.40 -10.10
CA GLY B 85 3.46 -0.78 -8.79
C GLY B 85 4.82 -0.75 -8.12
N VAL B 86 5.91 -0.99 -8.84
CA VAL B 86 7.23 -0.91 -8.20
C VAL B 86 7.50 0.51 -7.74
N GLY B 87 8.23 0.62 -6.65
CA GLY B 87 8.72 1.90 -6.19
C GLY B 87 10.06 2.28 -6.72
N ALA B 88 10.81 1.35 -7.31
CA ALA B 88 12.19 1.60 -7.71
C ALA B 88 12.54 0.84 -8.98
N TYR B 89 13.49 1.40 -9.71
CA TYR B 89 13.94 0.89 -11.00
C TYR B 89 15.45 0.91 -10.99
N ARG B 90 16.05 -0.27 -10.99
CA ARG B 90 17.50 -0.41 -11.09
C ARG B 90 17.87 -0.52 -12.56
N PHE B 91 18.70 0.42 -13.02
CA PHE B 91 19.10 0.50 -14.42
C PHE B 91 20.58 0.82 -14.44
N SER B 92 21.23 0.64 -15.59
CA SER B 92 22.62 1.08 -15.69
C SER B 92 22.77 2.18 -16.75
N ILE B 93 23.78 3.01 -16.52
CA ILE B 93 24.17 4.04 -17.45
C ILE B 93 25.23 3.44 -18.37
N ALA B 94 25.03 3.60 -19.68
CA ALA B 94 26.03 3.13 -20.65
C ALA B 94 27.18 4.13 -20.74
N TRP B 95 28.30 3.82 -20.09
CA TRP B 95 29.52 4.64 -20.21
C TRP B 95 29.83 5.04 -21.64
N PRO B 96 29.81 4.15 -22.64
CA PRO B 96 30.13 4.59 -24.01
C PRO B 96 29.04 5.40 -24.68
N ARG B 97 27.81 5.44 -24.13
CA ARG B 97 26.81 6.39 -24.63
C ARG B 97 27.09 7.80 -24.12
N VAL B 98 27.56 7.94 -22.87
CA VAL B 98 27.73 9.29 -22.32
C VAL B 98 29.14 9.84 -22.46
N ILE B 99 30.17 8.98 -22.50
CA ILE B 99 31.53 9.42 -22.81
C ILE B 99 32.09 8.42 -23.83
N PRO B 100 31.84 8.61 -25.12
CA PRO B 100 32.26 7.60 -26.10
C PRO B 100 33.76 7.31 -26.10
N SER B 101 34.58 8.31 -25.81
CA SER B 101 36.03 8.13 -25.77
C SER B 101 36.51 7.61 -24.42
N GLY B 102 35.60 7.28 -23.51
CA GLY B 102 35.97 6.69 -22.24
C GLY B 102 36.36 7.72 -21.21
N TYR B 103 37.33 8.56 -21.54
CA TYR B 103 37.61 9.75 -20.75
C TYR B 103 37.66 10.92 -21.71
N GLY B 104 37.14 12.05 -21.24
CA GLY B 104 37.04 13.24 -22.06
C GLY B 104 35.61 13.72 -22.13
N ALA B 105 35.20 14.18 -23.31
CA ALA B 105 33.99 14.98 -23.43
C ALA B 105 32.72 14.16 -23.23
N LEU B 106 31.77 14.76 -22.54
CA LEU B 106 30.43 14.23 -22.48
C LEU B 106 29.73 14.33 -23.83
N ASN B 107 28.96 13.30 -24.12
CA ASN B 107 28.03 13.28 -25.26
C ASN B 107 26.68 13.78 -24.76
N LYS B 108 26.35 15.03 -25.12
CA LYS B 108 25.15 15.67 -24.58
C LYS B 108 23.90 14.91 -24.94
N GLU B 109 23.85 14.36 -26.16
CA GLU B 109 22.68 13.59 -26.57
C GLU B 109 22.49 12.37 -25.67
N GLY B 110 23.58 11.72 -25.26
CA GLY B 110 23.46 10.58 -24.37
C GLY B 110 23.02 10.98 -22.97
N MET B 111 23.58 12.07 -22.44
CA MET B 111 23.17 12.56 -21.13
C MET B 111 21.70 12.96 -21.12
N ASP B 112 21.24 13.60 -22.20
CA ASP B 112 19.84 14.00 -22.28
C ASP B 112 18.91 12.78 -22.25
N PHE B 113 19.32 11.66 -22.83
CA PHE B 113 18.51 10.45 -22.73
C PHE B 113 18.33 10.03 -21.26
N TYR B 114 19.42 9.99 -20.50
CA TYR B 114 19.28 9.60 -19.09
C TYR B 114 18.51 10.64 -18.31
N ASP B 115 18.64 11.92 -18.67
CA ASP B 115 17.78 12.93 -18.04
C ASP B 115 16.30 12.62 -18.29
N ARG B 116 15.94 12.27 -19.54
CA ARG B 116 14.53 12.00 -19.85
C ARG B 116 14.05 10.76 -19.13
N LEU B 117 14.91 9.75 -19.05
CA LEU B 117 14.57 8.51 -18.36
C LEU B 117 14.32 8.79 -16.88
N ILE B 118 15.27 9.48 -16.24
CA ILE B 118 15.17 9.78 -14.81
C ILE B 118 13.94 10.62 -14.53
N ASP B 119 13.76 11.70 -15.31
CA ASP B 119 12.65 12.59 -15.04
C ASP B 119 11.32 11.87 -15.29
N GLY B 120 11.28 10.96 -16.26
CA GLY B 120 10.06 10.21 -16.51
C GLY B 120 9.76 9.25 -15.38
N ALA B 121 10.80 8.62 -14.82
CA ALA B 121 10.59 7.73 -13.68
C ALA B 121 10.03 8.51 -12.50
N LEU B 122 10.64 9.66 -12.19
CA LEU B 122 10.20 10.47 -11.06
C LEU B 122 8.77 10.97 -11.23
N GLU B 123 8.37 11.33 -12.45
CA GLU B 123 7.00 11.77 -12.69
C GLU B 123 6.00 10.68 -12.36
N ARG B 124 6.40 9.43 -12.51
CA ARG B 124 5.58 8.26 -12.23
C ARG B 124 5.72 7.77 -10.79
N GLY B 125 6.50 8.44 -9.96
CA GLY B 125 6.67 8.01 -8.58
C GLY B 125 7.68 6.92 -8.36
N ILE B 126 8.54 6.68 -9.34
CA ILE B 126 9.52 5.59 -9.31
C ILE B 126 10.89 6.16 -9.01
N THR B 127 11.60 5.56 -8.05
CA THR B 127 12.96 5.98 -7.72
C THR B 127 13.97 5.25 -8.59
N PRO B 128 14.72 5.95 -9.47
CA PRO B 128 15.76 5.25 -10.24
C PRO B 128 16.97 5.00 -9.39
N TRP B 129 17.50 3.78 -9.50
CA TRP B 129 18.72 3.34 -8.84
C TRP B 129 19.79 3.10 -9.89
N PRO B 130 20.68 4.05 -10.15
CA PRO B 130 21.68 3.87 -11.21
C PRO B 130 22.84 2.95 -10.81
N THR B 131 23.18 2.02 -11.71
CA THR B 131 24.43 1.28 -11.71
C THR B 131 25.35 1.93 -12.73
N LEU B 132 26.57 2.27 -12.31
CA LEU B 132 27.50 2.97 -13.19
C LEU B 132 28.20 2.04 -14.17
N TYR B 133 28.50 0.81 -13.76
CA TYR B 133 29.19 -0.13 -14.64
C TYR B 133 28.48 -1.47 -14.64
N HIS B 134 27.85 -1.77 -15.76
CA HIS B 134 27.25 -3.07 -15.98
C HIS B 134 27.77 -3.68 -17.28
N TRP B 135 29.11 -3.68 -17.41
CA TRP B 135 29.92 -4.53 -18.28
C TRP B 135 30.22 -3.93 -19.65
N ASP B 136 29.63 -2.80 -20.00
CA ASP B 136 29.78 -2.22 -21.33
C ASP B 136 30.89 -1.19 -21.35
N LEU B 137 32.10 -1.65 -21.06
CA LEU B 137 33.27 -0.78 -21.11
C LEU B 137 33.42 -0.17 -22.50
N PRO B 138 33.70 1.14 -22.62
CA PRO B 138 33.98 1.69 -23.95
C PRO B 138 35.13 0.96 -24.62
N GLN B 139 34.94 0.63 -25.92
CA GLN B 139 36.02 -0.03 -26.66
C GLN B 139 37.25 0.87 -26.73
N SER B 140 37.04 2.19 -26.72
CA SER B 140 38.16 3.14 -26.71
C SER B 140 39.10 2.89 -25.54
N LEU B 141 38.57 2.42 -24.41
CA LEU B 141 39.39 2.12 -23.25
C LEU B 141 39.95 0.71 -23.27
N GLN B 142 39.21 -0.25 -23.82
CA GLN B 142 39.74 -1.58 -24.02
C GLN B 142 40.96 -1.54 -24.92
N ASP B 143 40.95 -0.65 -25.93
CA ASP B 143 42.11 -0.50 -26.82
C ASP B 143 43.36 -0.03 -26.08
N LYS B 144 43.20 0.54 -24.88
CA LYS B 144 44.30 0.95 -24.03
C LYS B 144 44.56 -0.06 -22.92
N GLY B 145 43.93 -1.23 -22.98
CA GLY B 145 44.14 -2.29 -22.00
C GLY B 145 42.93 -2.62 -21.17
N GLY B 146 41.90 -1.80 -21.21
CA GLY B 146 40.72 -2.04 -20.40
C GLY B 146 41.06 -2.21 -18.93
N TRP B 147 40.37 -3.15 -18.28
CA TRP B 147 40.54 -3.35 -16.85
C TRP B 147 41.88 -3.94 -16.49
N ASN B 148 42.66 -4.42 -17.47
CA ASN B 148 44.02 -4.83 -17.16
C ASN B 148 44.88 -3.65 -16.78
N ASN B 149 44.53 -2.46 -17.29
CA ASN B 149 45.29 -1.22 -17.10
C ASN B 149 44.81 -0.54 -15.84
N ARG B 150 45.72 -0.33 -14.89
CA ARG B 150 45.35 0.34 -13.63
C ARG B 150 44.63 1.68 -13.87
N ASP B 151 45.01 2.40 -14.94
CA ASP B 151 44.38 3.69 -15.20
C ASP B 151 42.87 3.56 -15.36
N CYS B 152 42.37 2.39 -15.75
CA CYS B 152 40.94 2.23 -15.97
C CYS B 152 40.15 2.44 -14.68
N ALA B 153 40.75 2.11 -13.52
CA ALA B 153 40.05 2.41 -12.26
C ALA B 153 39.82 3.90 -12.11
N TYR B 154 40.81 4.71 -12.51
CA TYR B 154 40.71 6.16 -12.40
C TYR B 154 39.82 6.74 -13.49
N TRP B 155 39.85 6.18 -14.71
CA TRP B 155 38.92 6.60 -15.74
C TRP B 155 37.48 6.36 -15.29
N PHE B 156 37.23 5.22 -14.65
CA PHE B 156 35.90 4.89 -14.17
C PHE B 156 35.47 5.86 -13.07
N ALA B 157 36.39 6.23 -12.17
CA ALA B 157 36.05 7.16 -11.10
C ALA B 157 35.73 8.55 -11.65
N GLU B 158 36.43 9.00 -12.70
CA GLU B 158 36.15 10.30 -13.30
C GLU B 158 34.78 10.29 -13.97
N TYR B 159 34.47 9.20 -14.69
CA TYR B 159 33.15 9.02 -15.28
C TYR B 159 32.07 9.04 -14.21
N SER B 160 32.29 8.32 -13.11
CA SER B 160 31.32 8.26 -12.03
C SER B 160 31.07 9.64 -11.42
N GLN B 161 32.14 10.40 -11.19
CA GLN B 161 31.98 11.75 -10.67
C GLN B 161 31.13 12.60 -11.59
N LYS B 162 31.38 12.51 -12.90
CA LYS B 162 30.60 13.30 -13.84
C LYS B 162 29.12 12.90 -13.80
N MET B 163 28.85 11.60 -13.65
CA MET B 163 27.44 11.21 -13.59
C MET B 163 26.79 11.71 -12.33
N ALA B 164 27.49 11.63 -11.19
CA ALA B 164 26.90 12.13 -9.96
C ALA B 164 26.68 13.64 -10.03
N GLU B 165 27.62 14.37 -10.64
CA GLU B 165 27.43 15.81 -10.80
C GLU B 165 26.19 16.13 -11.62
N ALA B 166 25.91 15.32 -12.65
CA ALA B 166 24.79 15.58 -13.54
C ALA B 166 23.44 15.16 -12.92
N PHE B 167 23.42 14.05 -12.19
CA PHE B 167 22.17 13.38 -11.84
C PHE B 167 21.86 13.28 -10.36
N SER B 168 22.83 13.58 -9.48
CA SER B 168 22.59 13.30 -8.05
C SER B 168 21.69 14.35 -7.38
N ASP B 169 21.33 15.41 -8.07
CA ASP B 169 20.28 16.29 -7.57
C ASP B 169 18.98 15.50 -7.41
N ARG B 170 18.80 14.48 -8.24
CA ARG B 170 17.62 13.62 -8.22
C ARG B 170 17.89 12.23 -7.69
N LEU B 171 19.03 11.65 -8.04
CA LEU B 171 19.35 10.26 -7.73
C LEU B 171 20.24 10.20 -6.49
N LYS B 172 19.73 9.59 -5.41
CA LYS B 172 20.43 9.61 -4.13
C LYS B 172 21.10 8.29 -3.79
N ASN B 173 20.71 7.19 -4.45
CA ASN B 173 21.21 5.84 -4.16
C ASN B 173 21.94 5.30 -5.37
N TRP B 174 23.26 5.17 -5.26
CA TRP B 174 24.13 4.78 -6.35
C TRP B 174 24.70 3.38 -6.14
N ILE B 175 24.94 2.69 -7.25
CA ILE B 175 25.74 1.45 -7.27
C ILE B 175 26.88 1.67 -8.25
N THR B 176 28.09 1.31 -7.83
CA THR B 176 29.25 1.52 -8.68
C THR B 176 29.34 0.46 -9.77
N ILE B 177 29.75 -0.76 -9.41
CA ILE B 177 29.91 -1.83 -10.37
C ILE B 177 28.97 -3.00 -10.05
N ASN B 178 28.69 -3.78 -11.10
CA ASN B 178 27.85 -4.96 -11.02
C ASN B 178 28.66 -6.23 -11.31
N GLU B 179 28.69 -7.18 -10.38
CA GLU B 179 29.20 -8.53 -10.64
C GLU B 179 30.61 -8.54 -11.21
N PRO B 180 31.60 -8.04 -10.46
CA PRO B 180 32.98 -8.14 -10.95
C PRO B 180 33.44 -9.57 -11.21
N PHE B 181 32.83 -10.59 -10.58
CA PHE B 181 33.12 -11.99 -10.92
C PHE B 181 33.02 -12.18 -12.43
N CYS B 182 31.95 -11.66 -13.02
CA CYS B 182 31.71 -11.86 -14.43
C CYS B 182 32.71 -11.07 -15.27
N SER B 183 32.89 -9.79 -14.96
CA SER B 183 33.82 -8.97 -15.74
C SER B 183 35.25 -9.48 -15.63
N ALA B 184 35.70 -9.85 -14.43
CA ALA B 184 37.08 -10.28 -14.26
C ALA B 184 37.30 -11.70 -14.74
N TRP B 185 36.65 -12.69 -14.12
CA TRP B 185 36.95 -14.07 -14.48
C TRP B 185 36.31 -14.48 -15.80
N LEU B 186 35.02 -14.21 -16.01
CA LEU B 186 34.41 -14.67 -17.27
C LEU B 186 34.90 -13.86 -18.45
N GLY B 187 35.26 -12.59 -18.24
CA GLY B 187 35.75 -11.75 -19.31
C GLY B 187 37.22 -11.85 -19.63
N HIS B 188 38.06 -12.21 -18.64
CA HIS B 188 39.51 -12.21 -18.84
C HIS B 188 40.21 -13.53 -18.53
N LEU B 189 39.59 -14.48 -17.84
CA LEU B 189 40.19 -15.80 -17.63
C LEU B 189 39.56 -16.87 -18.50
N TYR B 190 38.22 -16.96 -18.50
CA TYR B 190 37.56 -17.95 -19.32
C TYR B 190 37.21 -17.44 -20.71
N GLY B 191 37.19 -16.13 -20.89
CA GLY B 191 36.97 -15.57 -22.22
C GLY B 191 35.59 -15.81 -22.79
N VAL B 192 34.61 -16.12 -21.93
CA VAL B 192 33.25 -16.36 -22.42
C VAL B 192 32.39 -15.11 -22.37
N MET B 193 32.86 -14.04 -21.76
CA MET B 193 32.25 -12.72 -21.78
CA MET B 193 32.25 -12.73 -21.80
C MET B 193 33.27 -11.73 -22.31
N ALA B 194 32.78 -10.59 -22.78
CA ALA B 194 33.68 -9.57 -23.29
C ALA B 194 34.66 -9.14 -22.20
N PRO B 195 35.92 -8.85 -22.56
CA PRO B 195 36.49 -8.77 -23.92
C PRO B 195 37.00 -10.09 -24.53
N GLY B 196 36.76 -11.20 -23.86
CA GLY B 196 37.13 -12.50 -24.42
C GLY B 196 38.55 -12.95 -24.20
N ILE B 197 39.22 -12.45 -23.17
CA ILE B 197 40.61 -12.81 -22.90
C ILE B 197 40.65 -14.03 -21.99
N LYS B 198 41.73 -14.81 -22.11
CA LYS B 198 41.87 -16.08 -21.40
C LYS B 198 43.24 -16.13 -20.77
N ASP B 199 43.40 -15.47 -19.63
CA ASP B 199 44.72 -15.40 -18.97
C ASP B 199 44.54 -15.09 -17.50
N LEU B 200 45.07 -15.95 -16.63
CA LEU B 200 44.82 -15.79 -15.19
C LEU B 200 45.36 -14.46 -14.66
N LYS B 201 46.61 -14.10 -15.01
CA LYS B 201 47.16 -12.85 -14.49
C LYS B 201 46.30 -11.66 -14.93
N THR B 202 45.84 -11.65 -16.19
CA THR B 202 44.97 -10.56 -16.65
C THR B 202 43.68 -10.52 -15.84
N GLY B 203 43.08 -11.68 -15.57
CA GLY B 203 41.90 -11.73 -14.72
C GLY B 203 42.14 -11.22 -13.31
N ILE B 204 43.29 -11.54 -12.73
CA ILE B 204 43.63 -11.01 -11.42
C ILE B 204 43.77 -9.48 -11.47
N ASN B 205 44.52 -8.98 -12.45
CA ASN B 205 44.65 -7.53 -12.61
C ASN B 205 43.30 -6.87 -12.78
N ALA B 206 42.46 -7.43 -13.64
CA ALA B 206 41.15 -6.85 -13.87
C ALA B 206 40.31 -6.84 -12.61
N SER B 207 40.36 -7.93 -11.83
CA SER B 207 39.58 -7.98 -10.59
C SER B 207 40.00 -6.83 -9.66
N HIS B 208 41.29 -6.60 -9.55
CA HIS B 208 41.78 -5.56 -8.66
C HIS B 208 41.39 -4.18 -9.17
N HIS B 209 41.46 -3.97 -10.47
CA HIS B 209 41.15 -2.64 -10.98
C HIS B 209 39.65 -2.36 -10.99
N LEU B 210 38.82 -3.39 -11.13
CA LEU B 210 37.38 -3.20 -10.95
C LEU B 210 37.08 -2.79 -9.53
N LEU B 211 37.69 -3.49 -8.56
CA LEU B 211 37.43 -3.19 -7.16
C LEU B 211 38.00 -1.84 -6.76
N LEU B 212 39.18 -1.50 -7.27
CA LEU B 212 39.74 -0.17 -7.03
C LEU B 212 38.86 0.89 -7.66
N GLY B 213 38.37 0.63 -8.86
CA GLY B 213 37.45 1.55 -9.50
C GLY B 213 36.21 1.78 -8.64
N HIS B 214 35.63 0.70 -8.11
CA HIS B 214 34.53 0.84 -7.16
C HIS B 214 34.88 1.79 -6.02
N GLY B 215 36.04 1.59 -5.38
CA GLY B 215 36.38 2.39 -4.22
C GLY B 215 36.63 3.85 -4.58
N LEU B 216 37.35 4.08 -5.68
CA LEU B 216 37.62 5.44 -6.12
C LEU B 216 36.32 6.15 -6.50
N ALA B 217 35.43 5.44 -7.18
CA ALA B 217 34.14 6.01 -7.56
C ALA B 217 33.30 6.31 -6.34
N THR B 218 33.32 5.43 -5.33
CA THR B 218 32.57 5.70 -4.11
C THR B 218 33.03 7.00 -3.48
N LYS B 219 34.35 7.17 -3.34
CA LYS B 219 34.89 8.39 -2.76
C LYS B 219 34.53 9.61 -3.60
N ALA B 220 34.58 9.49 -4.93
CA ALA B 220 34.25 10.63 -5.79
C ALA B 220 32.78 11.02 -5.67
N ILE B 221 31.88 10.03 -5.58
CA ILE B 221 30.46 10.32 -5.47
C ILE B 221 30.18 11.02 -4.15
N ARG B 222 30.78 10.56 -3.06
CA ARG B 222 30.54 11.17 -1.76
CA ARG B 222 30.54 11.17 -1.76
C ARG B 222 31.08 12.60 -1.71
N GLU B 223 32.12 12.91 -2.49
CA GLU B 223 32.59 14.29 -2.55
C GLU B 223 31.58 15.21 -3.24
N VAL B 224 30.70 14.67 -4.09
CA VAL B 224 29.72 15.51 -4.75
C VAL B 224 28.69 16.00 -3.75
N SER B 225 28.21 15.11 -2.88
CA SER B 225 27.25 15.50 -1.87
C SER B 225 27.22 14.45 -0.77
N SER B 226 27.17 14.93 0.47
CA SER B 226 27.26 14.07 1.64
C SER B 226 25.98 13.30 1.93
N GLU B 227 24.85 13.64 1.29
CA GLU B 227 23.63 12.86 1.49
CA GLU B 227 23.63 12.86 1.49
C GLU B 227 23.57 11.64 0.57
N LEU B 228 24.47 11.53 -0.41
CA LEU B 228 24.37 10.45 -1.37
C LEU B 228 24.78 9.12 -0.73
N LYS B 229 24.10 8.06 -1.11
CA LYS B 229 24.40 6.71 -0.67
C LYS B 229 25.04 5.91 -1.80
N VAL B 230 25.95 5.00 -1.44
CA VAL B 230 26.70 4.23 -2.42
C VAL B 230 26.83 2.79 -1.94
N GLY B 231 26.69 1.86 -2.90
CA GLY B 231 26.97 0.46 -2.66
C GLY B 231 27.62 -0.17 -3.87
N ILE B 232 27.87 -1.48 -3.78
CA ILE B 232 28.38 -2.32 -4.85
C ILE B 232 27.40 -3.46 -5.00
N THR B 233 27.28 -4.01 -6.22
CA THR B 233 26.51 -5.23 -6.45
C THR B 233 27.46 -6.40 -6.69
N LEU B 234 27.36 -7.41 -5.82
CA LEU B 234 28.09 -8.67 -5.95
C LEU B 234 27.10 -9.82 -6.16
N ASN B 235 27.41 -10.72 -7.10
CA ASN B 235 26.70 -11.98 -7.17
C ASN B 235 27.45 -13.01 -6.34
N PHE B 236 26.69 -13.79 -5.55
CA PHE B 236 27.26 -14.87 -4.78
CA PHE B 236 27.25 -14.87 -4.77
C PHE B 236 26.63 -16.17 -5.24
N THR B 237 27.48 -17.18 -5.39
CA THR B 237 27.11 -18.52 -5.83
C THR B 237 27.55 -19.47 -4.71
N PRO B 238 26.66 -19.79 -3.77
CA PRO B 238 27.02 -20.72 -2.71
C PRO B 238 27.45 -22.05 -3.31
N ALA B 239 28.45 -22.68 -2.66
CA ALA B 239 29.01 -23.96 -3.12
C ALA B 239 28.69 -25.08 -2.14
N ILE B 240 28.34 -26.23 -2.70
CA ILE B 240 28.19 -27.48 -1.95
C ILE B 240 28.90 -28.59 -2.71
N THR B 241 29.05 -29.72 -2.04
CA THR B 241 29.53 -30.93 -2.69
C THR B 241 28.64 -32.09 -2.25
N LEU B 242 28.50 -33.09 -3.13
CA LEU B 242 27.83 -34.34 -2.84
C LEU B 242 28.78 -35.36 -2.18
N GLY B 243 30.08 -35.12 -2.21
CA GLY B 243 31.03 -36.05 -1.63
C GLY B 243 31.26 -35.78 -0.15
N GLU B 244 31.93 -36.74 0.49
CA GLU B 244 32.27 -36.61 1.91
C GLU B 244 33.77 -36.52 2.15
N SER B 245 34.59 -36.70 1.12
CA SER B 245 36.03 -36.69 1.31
C SER B 245 36.54 -35.32 1.72
N SER B 246 37.70 -35.33 2.38
CA SER B 246 38.32 -34.07 2.73
C SER B 246 38.63 -33.25 1.47
N GLU B 247 38.99 -33.91 0.37
CA GLU B 247 39.31 -33.14 -0.84
C GLU B 247 38.06 -32.52 -1.45
N ASP B 248 36.90 -33.17 -1.36
CA ASP B 248 35.70 -32.53 -1.86
C ASP B 248 35.29 -31.36 -0.98
N LYS B 249 35.58 -31.43 0.32
CA LYS B 249 35.33 -30.28 1.18
C LYS B 249 36.27 -29.13 0.85
N LEU B 250 37.52 -29.44 0.48
CA LEU B 250 38.43 -28.43 -0.01
C LEU B 250 37.92 -27.80 -1.31
N ALA B 251 37.35 -28.60 -2.21
CA ALA B 251 36.79 -28.06 -3.44
C ALA B 251 35.73 -27.00 -3.16
N VAL B 252 34.89 -27.23 -2.15
CA VAL B 252 33.89 -26.24 -1.77
C VAL B 252 34.55 -24.95 -1.34
N GLU B 253 35.60 -25.05 -0.53
CA GLU B 253 36.30 -23.86 -0.08
C GLU B 253 36.92 -23.11 -1.26
N LEU B 254 37.50 -23.84 -2.20
CA LEU B 254 38.12 -23.20 -3.36
C LEU B 254 37.09 -22.50 -4.23
N ALA B 255 35.96 -23.15 -4.49
CA ALA B 255 34.91 -22.54 -5.30
C ALA B 255 34.32 -21.31 -4.62
N ASP B 256 34.09 -21.42 -3.31
CA ASP B 256 33.59 -20.27 -2.56
C ASP B 256 34.58 -19.13 -2.59
N GLY B 257 35.87 -19.44 -2.51
CA GLY B 257 36.88 -18.41 -2.54
C GLY B 257 36.98 -17.74 -3.90
N PHE B 258 36.91 -18.53 -4.97
CA PHE B 258 37.01 -18.00 -6.33
C PHE B 258 35.82 -17.14 -6.70
N ASP B 259 34.61 -17.59 -6.37
CA ASP B 259 33.40 -16.92 -6.81
C ASP B 259 33.04 -15.76 -5.90
N ASN B 260 33.20 -15.95 -4.59
CA ASN B 260 32.57 -15.10 -3.60
C ASN B 260 33.59 -14.32 -2.79
N ARG B 261 34.50 -14.99 -2.09
CA ARG B 261 35.40 -14.27 -1.18
C ARG B 261 36.42 -13.42 -1.92
N TRP B 262 36.76 -13.80 -3.17
CA TRP B 262 37.72 -13.00 -3.93
C TRP B 262 37.25 -11.56 -4.06
N PHE B 263 35.94 -11.33 -4.15
CA PHE B 263 35.37 -10.00 -4.31
C PHE B 263 34.79 -9.43 -3.02
N GLY B 264 34.19 -10.27 -2.17
CA GLY B 264 33.65 -9.78 -0.91
C GLY B 264 34.72 -9.43 0.11
N ASP B 265 35.77 -10.24 0.20
CA ASP B 265 36.79 -9.96 1.21
C ASP B 265 37.49 -8.61 0.97
N PRO B 266 37.84 -8.21 -0.25
CA PRO B 266 38.46 -6.88 -0.37
C PRO B 266 37.53 -5.76 0.09
N VAL B 267 36.25 -5.87 -0.25
CA VAL B 267 35.30 -4.80 0.02
C VAL B 267 35.02 -4.68 1.51
N PHE B 268 34.88 -5.83 2.20
CA PHE B 268 34.46 -5.82 3.60
C PHE B 268 35.56 -6.16 4.59
N LYS B 269 36.68 -6.72 4.13
CA LYS B 269 37.76 -7.14 5.01
C LYS B 269 39.13 -6.57 4.60
N ALA B 270 39.21 -5.83 3.49
CA ALA B 270 40.40 -5.11 3.05
C ALA B 270 41.55 -6.06 2.70
N LYS B 271 41.22 -7.27 2.25
CA LYS B 271 42.22 -8.23 1.82
C LYS B 271 41.61 -9.22 0.84
N TYR B 272 42.47 -9.84 0.05
CA TYR B 272 42.10 -10.96 -0.81
C TYR B 272 42.23 -12.26 -0.01
N PRO B 273 41.38 -13.26 -0.28
CA PRO B 273 41.43 -14.51 0.50
C PRO B 273 42.74 -15.23 0.27
N GLU B 274 43.51 -15.42 1.36
CA GLU B 274 44.88 -15.88 1.24
C GLU B 274 44.98 -17.29 0.67
N ASP B 275 44.00 -18.15 0.92
CA ASP B 275 44.06 -19.49 0.38
C ASP B 275 43.99 -19.48 -1.15
N ILE B 276 43.22 -18.55 -1.72
CA ILE B 276 43.12 -18.45 -3.18
C ILE B 276 44.35 -17.77 -3.77
N VAL B 277 44.86 -16.70 -3.11
CA VAL B 277 46.12 -16.09 -3.55
C VAL B 277 47.21 -17.14 -3.63
N LYS B 278 47.35 -17.97 -2.58
CA LYS B 278 48.38 -18.99 -2.57
C LYS B 278 48.16 -20.01 -3.68
N ALA B 279 46.91 -20.42 -3.90
CA ALA B 279 46.63 -21.42 -4.91
C ALA B 279 46.89 -20.89 -6.32
N PHE B 280 46.60 -19.60 -6.57
CA PHE B 280 46.93 -19.00 -7.87
C PHE B 280 48.44 -18.91 -8.09
N GLY B 281 49.20 -18.64 -7.04
CA GLY B 281 50.65 -18.48 -7.17
C GLY B 281 51.07 -17.19 -7.85
N LYS B 282 50.19 -16.20 -7.89
CA LYS B 282 50.44 -14.93 -8.57
C LYS B 282 50.24 -13.78 -7.60
N GLU B 283 50.78 -12.62 -7.94
CA GLU B 283 50.63 -11.42 -7.12
C GLU B 283 49.46 -10.59 -7.63
N VAL B 284 48.62 -10.12 -6.73
CA VAL B 284 47.61 -9.11 -7.03
C VAL B 284 48.37 -7.79 -7.09
N PRO B 285 48.13 -6.91 -8.09
CA PRO B 285 48.95 -5.68 -8.23
C PRO B 285 48.49 -4.57 -7.30
N ILE B 286 48.66 -4.82 -6.00
CA ILE B 286 48.22 -3.91 -4.94
C ILE B 286 49.28 -2.82 -4.72
N HIS B 287 48.85 -1.54 -4.84
CA HIS B 287 49.68 -0.38 -4.55
C HIS B 287 49.28 0.26 -3.23
N PRO B 288 50.15 1.09 -2.65
CA PRO B 288 49.75 1.82 -1.44
C PRO B 288 48.42 2.58 -1.58
N GLY B 289 47.57 2.47 -0.55
CA GLY B 289 46.28 3.10 -0.54
C GLY B 289 45.15 2.27 -1.14
N ASP B 290 45.48 1.27 -1.95
CA ASP B 290 44.43 0.55 -2.68
C ASP B 290 43.46 -0.16 -1.74
N MET B 291 43.98 -0.91 -0.76
CA MET B 291 43.05 -1.71 0.02
C MET B 291 42.17 -0.85 0.94
N GLU B 292 42.69 0.29 1.41
CA GLU B 292 41.86 1.24 2.15
C GLU B 292 40.75 1.79 1.27
N ILE B 293 41.08 2.09 0.01
CA ILE B 293 40.08 2.61 -0.91
C ILE B 293 39.02 1.55 -1.24
N ILE B 294 39.45 0.33 -1.51
CA ILE B 294 38.52 -0.73 -1.91
C ILE B 294 37.55 -1.03 -0.79
N SER B 295 38.02 -0.94 0.45
CA SER B 295 37.23 -1.31 1.62
C SER B 295 36.49 -0.12 2.23
N THR B 296 36.33 0.97 1.49
CA THR B 296 35.67 2.15 2.04
C THR B 296 34.24 1.78 2.46
N PRO B 297 33.74 2.32 3.57
CA PRO B 297 32.42 1.91 4.05
C PRO B 297 31.32 2.19 3.04
N LEU B 298 30.37 1.26 2.95
CA LEU B 298 29.26 1.35 2.02
C LEU B 298 27.93 1.46 2.76
N ASP B 299 26.95 2.14 2.13
CA ASP B 299 25.65 2.25 2.72
C ASP B 299 24.86 0.95 2.60
N TYR B 300 25.16 0.13 1.60
CA TYR B 300 24.46 -1.13 1.44
C TYR B 300 25.26 -2.04 0.52
N LEU B 301 24.93 -3.32 0.58
CA LEU B 301 25.35 -4.30 -0.41
C LEU B 301 24.19 -4.59 -1.32
N GLY B 302 24.42 -4.50 -2.62
CA GLY B 302 23.50 -5.05 -3.62
C GLY B 302 23.85 -6.50 -3.84
N LEU B 303 22.95 -7.42 -3.51
CA LEU B 303 23.24 -8.83 -3.61
C LEU B 303 22.47 -9.41 -4.79
N ASN B 304 23.18 -10.13 -5.66
CA ASN B 304 22.54 -10.90 -6.73
C ASN B 304 22.64 -12.37 -6.41
N TYR B 305 21.52 -13.09 -6.52
CA TYR B 305 21.52 -14.52 -6.29
C TYR B 305 20.58 -15.16 -7.28
N TYR B 306 21.05 -16.28 -7.87
CA TYR B 306 20.23 -17.11 -8.73
C TYR B 306 20.27 -18.59 -8.37
N PHE B 307 21.44 -19.12 -8.02
CA PHE B 307 21.59 -20.57 -7.85
C PHE B 307 22.81 -20.88 -7.01
N ARG B 308 22.85 -22.11 -6.52
CA ARG B 308 24.05 -22.67 -5.91
C ARG B 308 24.76 -23.58 -6.91
N GLN B 309 26.07 -23.73 -6.68
CA GLN B 309 26.91 -24.60 -7.48
C GLN B 309 27.29 -25.84 -6.68
N THR B 310 27.38 -26.97 -7.37
CA THR B 310 27.83 -28.22 -6.78
C THR B 310 29.18 -28.55 -7.41
N VAL B 311 30.15 -28.88 -6.57
CA VAL B 311 31.53 -29.05 -7.03
C VAL B 311 32.12 -30.33 -6.46
N GLU B 312 33.24 -30.74 -7.06
CA GLU B 312 34.06 -31.82 -6.53
C GLU B 312 35.53 -31.55 -6.87
N TYR B 313 36.42 -32.18 -6.11
CA TYR B 313 37.85 -31.98 -6.33
C TYR B 313 38.26 -32.56 -7.68
N ASP B 314 39.21 -31.90 -8.33
CA ASP B 314 39.73 -32.37 -9.61
C ASP B 314 41.17 -31.87 -9.71
N ALA B 315 42.12 -32.75 -9.43
CA ALA B 315 43.53 -32.36 -9.39
C ALA B 315 44.02 -31.80 -10.73
N THR B 316 43.35 -32.10 -11.84
CA THR B 316 43.77 -31.66 -13.16
C THR B 316 43.22 -30.29 -13.53
N ALA B 317 42.27 -29.76 -12.78
CA ALA B 317 41.58 -28.54 -13.17
C ALA B 317 42.44 -27.31 -12.92
N LYS B 318 42.25 -26.30 -13.73
CA LYS B 318 42.96 -25.03 -13.64
C LYS B 318 41.96 -23.89 -13.77
N PRO B 319 42.21 -22.75 -13.09
CA PRO B 319 43.37 -22.46 -12.25
C PRO B 319 43.35 -23.10 -10.86
N LEU B 320 42.19 -23.61 -10.44
CA LEU B 320 42.06 -24.23 -9.13
C LEU B 320 41.57 -25.66 -9.29
N PRO B 321 41.97 -26.58 -8.40
CA PRO B 321 41.70 -28.02 -8.61
C PRO B 321 40.31 -28.46 -8.19
N TYR B 322 39.28 -27.91 -8.84
CA TYR B 322 37.92 -28.37 -8.64
C TYR B 322 37.16 -28.22 -9.95
N LYS B 323 36.05 -28.96 -10.05
CA LYS B 323 35.18 -28.86 -11.22
C LYS B 323 33.73 -28.76 -10.79
N GLN B 324 32.93 -28.18 -11.68
CA GLN B 324 31.47 -28.18 -11.52
C GLN B 324 30.91 -29.58 -11.69
N VAL B 325 29.88 -29.86 -10.92
CA VAL B 325 29.10 -31.09 -10.98
C VAL B 325 27.65 -30.69 -11.27
N THR B 326 26.98 -31.46 -12.11
CA THR B 326 25.54 -31.28 -12.34
C THR B 326 24.84 -32.31 -11.44
N ALA B 327 24.39 -31.86 -10.28
CA ALA B 327 23.81 -32.80 -9.32
C ALA B 327 22.58 -33.46 -9.92
N PRO B 328 22.33 -34.73 -9.65
CA PRO B 328 21.18 -35.41 -10.24
C PRO B 328 19.88 -35.09 -9.53
N ASN B 329 18.80 -35.16 -10.28
CA ASN B 329 17.44 -35.16 -9.75
C ASN B 329 17.09 -33.91 -8.95
N VAL B 330 17.50 -32.74 -9.43
CA VAL B 330 17.04 -31.48 -8.85
C VAL B 330 16.32 -30.65 -9.90
N GLU B 331 15.38 -29.83 -9.42
CA GLU B 331 14.67 -28.90 -10.28
C GLU B 331 15.65 -27.92 -10.90
N ARG B 332 15.51 -27.68 -12.20
CA ARG B 332 16.39 -26.76 -12.90
C ARG B 332 15.60 -25.82 -13.82
N THR B 333 16.12 -24.61 -14.01
CA THR B 333 15.50 -23.66 -14.91
C THR B 333 15.88 -23.96 -16.36
N GLY B 334 15.39 -23.10 -17.27
CA GLY B 334 15.76 -23.23 -18.68
C GLY B 334 17.22 -22.98 -18.96
N MET B 335 17.95 -22.39 -18.00
CA MET B 335 19.40 -22.24 -18.09
C MET B 335 20.13 -23.49 -17.64
N GLY B 336 19.43 -24.46 -17.07
CA GLY B 336 20.10 -25.58 -16.43
C GLY B 336 20.54 -25.31 -15.01
N TRP B 337 20.08 -24.22 -14.41
CA TRP B 337 20.49 -23.82 -13.08
C TRP B 337 19.58 -24.45 -12.04
N GLU B 338 20.18 -24.98 -10.99
CA GLU B 338 19.39 -25.57 -9.91
C GLU B 338 18.49 -24.52 -9.26
N VAL B 339 17.25 -24.91 -8.96
CA VAL B 339 16.32 -24.12 -8.17
C VAL B 339 16.38 -24.64 -6.74
N HIS B 340 16.87 -23.81 -5.82
CA HIS B 340 16.95 -24.22 -4.42
C HIS B 340 16.84 -22.96 -3.55
N ALA B 341 15.59 -22.59 -3.23
CA ALA B 341 15.35 -21.33 -2.55
C ALA B 341 15.90 -21.31 -1.12
N GLN B 342 15.95 -22.45 -0.44
CA GLN B 342 16.50 -22.45 0.92
C GLN B 342 17.93 -21.93 0.93
N SER B 343 18.69 -22.17 -0.14
CA SER B 343 20.05 -21.63 -0.21
C SER B 343 20.07 -20.12 -0.17
N PHE B 344 19.03 -19.48 -0.68
CA PHE B 344 18.93 -18.01 -0.67
C PHE B 344 18.81 -17.51 0.76
N THR B 345 17.94 -18.13 1.56
CA THR B 345 17.84 -17.78 2.98
C THR B 345 19.17 -17.92 3.68
N GLU B 346 19.83 -19.08 3.46
CA GLU B 346 21.08 -19.37 4.15
C GLU B 346 22.19 -18.44 3.69
N LEU B 347 22.21 -18.09 2.40
CA LEU B 347 23.19 -17.12 1.91
C LEU B 347 23.01 -15.76 2.57
N LEU B 348 21.76 -15.29 2.67
CA LEU B 348 21.50 -13.99 3.26
C LEU B 348 21.96 -13.97 4.73
N GLU B 349 21.68 -15.05 5.46
CA GLU B 349 22.13 -15.13 6.84
C GLU B 349 23.65 -15.14 6.90
N ARG B 350 24.31 -15.91 6.02
CA ARG B 350 25.77 -15.99 6.05
C ARG B 350 26.40 -14.64 5.74
N VAL B 351 25.91 -13.96 4.71
CA VAL B 351 26.46 -12.65 4.35
C VAL B 351 26.33 -11.68 5.50
N SER B 352 25.19 -11.70 6.18
CA SER B 352 24.98 -10.77 7.28
C SER B 352 25.97 -11.04 8.41
N LYS B 353 26.31 -12.30 8.65
CA LYS B 353 27.29 -12.64 9.68
C LYS B 353 28.74 -12.38 9.24
N GLU B 354 29.08 -12.76 8.01
CA GLU B 354 30.46 -12.77 7.54
C GLU B 354 30.94 -11.37 7.15
N TYR B 355 30.08 -10.59 6.51
CA TYR B 355 30.42 -9.27 5.99
C TYR B 355 29.68 -8.12 6.67
N LYS B 356 28.57 -8.39 7.33
CA LYS B 356 27.83 -7.39 8.09
C LYS B 356 27.58 -6.07 7.35
N PRO B 357 27.04 -6.10 6.14
CA PRO B 357 26.68 -4.85 5.47
C PRO B 357 25.56 -4.16 6.25
N LYS B 358 25.59 -2.83 6.21
CA LYS B 358 24.62 -2.06 6.96
C LYS B 358 23.20 -2.45 6.58
N GLU B 359 22.95 -2.60 5.29
CA GLU B 359 21.70 -3.18 4.80
C GLU B 359 22.00 -3.83 3.46
N ILE B 360 21.05 -4.66 3.03
CA ILE B 360 21.15 -5.45 1.83
C ILE B 360 19.95 -5.15 0.97
N PHE B 361 20.18 -4.90 -0.32
CA PHE B 361 19.13 -4.86 -1.32
C PHE B 361 19.38 -6.03 -2.25
N ILE B 362 18.33 -6.80 -2.53
CA ILE B 362 18.47 -7.84 -3.55
C ILE B 362 18.41 -7.13 -4.89
N THR B 363 19.56 -6.89 -5.53
CA THR B 363 19.54 -6.12 -6.77
C THR B 363 19.23 -6.99 -7.99
N GLU B 364 19.36 -8.32 -7.88
CA GLU B 364 18.89 -9.25 -8.90
C GLU B 364 18.53 -10.60 -8.31
N ASN B 365 17.40 -11.13 -8.76
CA ASN B 365 17.00 -12.52 -8.56
C ASN B 365 15.92 -12.75 -9.60
N GLY B 366 15.87 -13.94 -10.18
CA GLY B 366 14.88 -14.24 -11.19
C GLY B 366 15.23 -15.54 -11.88
N SER B 367 14.48 -15.85 -12.95
CA SER B 367 14.68 -17.15 -13.60
C SER B 367 14.21 -17.10 -15.05
N ALA B 368 14.80 -17.96 -15.86
CA ALA B 368 14.53 -18.07 -17.27
C ALA B 368 13.98 -19.43 -17.63
N TRP B 369 12.95 -19.43 -18.48
CA TRP B 369 12.21 -20.60 -18.90
C TRP B 369 11.80 -20.36 -20.35
N ASP B 370 11.53 -21.44 -21.08
CA ASP B 370 11.02 -21.29 -22.43
C ASP B 370 9.56 -20.85 -22.30
N ASP B 371 9.27 -19.67 -22.83
CA ASP B 371 7.94 -19.10 -22.83
C ASP B 371 7.26 -19.34 -24.17
N GLU B 372 5.94 -19.47 -24.13
CA GLU B 372 5.16 -19.61 -25.35
C GLU B 372 4.05 -18.58 -25.31
N VAL B 373 3.86 -17.89 -26.43
CA VAL B 373 2.74 -16.98 -26.60
C VAL B 373 1.58 -17.79 -27.15
N VAL B 374 0.47 -17.78 -26.41
CA VAL B 374 -0.75 -18.47 -26.80
C VAL B 374 -1.89 -17.47 -26.68
N ASP B 375 -2.63 -17.26 -27.77
CA ASP B 375 -3.74 -16.31 -27.77
C ASP B 375 -3.30 -14.94 -27.26
N GLY B 376 -2.08 -14.53 -27.62
CA GLY B 376 -1.54 -13.23 -27.25
C GLY B 376 -1.14 -13.05 -25.80
N LYS B 377 -0.99 -14.13 -25.06
CA LYS B 377 -0.71 -14.10 -23.64
C LYS B 377 0.43 -15.06 -23.36
N VAL B 378 1.07 -14.91 -22.21
CA VAL B 378 2.19 -15.77 -21.80
C VAL B 378 1.92 -16.24 -20.39
N ASP B 379 1.66 -17.54 -20.23
CA ASP B 379 1.45 -18.16 -18.93
C ASP B 379 2.73 -18.93 -18.56
N ASP B 380 3.41 -18.48 -17.50
CA ASP B 380 4.74 -18.96 -17.12
C ASP B 380 4.75 -19.44 -15.68
N PRO B 381 4.03 -20.53 -15.39
CA PRO B 381 3.92 -21.00 -14.00
C PRO B 381 5.26 -21.34 -13.34
N ASN B 382 6.24 -21.81 -14.11
CA ASN B 382 7.52 -22.14 -13.49
C ASN B 382 8.25 -20.89 -13.00
N ARG B 383 8.12 -19.78 -13.73
CA ARG B 383 8.71 -18.52 -13.30
C ARG B 383 7.97 -17.94 -12.11
N VAL B 384 6.63 -18.06 -12.10
CA VAL B 384 5.85 -17.68 -10.91
C VAL B 384 6.31 -18.47 -9.69
N SER B 385 6.47 -19.79 -9.85
CA SER B 385 6.85 -20.62 -8.71
C SER B 385 8.22 -20.27 -8.18
N TYR B 386 9.20 -20.06 -9.06
CA TYR B 386 10.52 -19.64 -8.61
C TYR B 386 10.44 -18.33 -7.83
N LEU B 387 9.66 -17.36 -8.36
CA LEU B 387 9.55 -16.06 -7.73
C LEU B 387 8.90 -16.17 -6.36
N GLU B 388 7.79 -16.89 -6.27
CA GLU B 388 7.11 -17.06 -4.98
C GLU B 388 8.05 -17.65 -3.95
N ARG B 389 8.77 -18.70 -4.33
CA ARG B 389 9.60 -19.41 -3.37
C ARG B 389 10.82 -18.59 -2.97
N HIS B 390 11.38 -17.82 -3.89
CA HIS B 390 12.53 -17.01 -3.50
C HIS B 390 12.13 -15.77 -2.70
N LEU B 391 10.95 -15.20 -2.95
CA LEU B 391 10.47 -14.14 -2.07
C LEU B 391 10.20 -14.68 -0.68
N ASP B 392 9.58 -15.86 -0.57
CA ASP B 392 9.38 -16.49 0.72
C ASP B 392 10.71 -16.70 1.45
N ALA B 393 11.72 -17.18 0.72
CA ALA B 393 13.02 -17.45 1.31
C ALA B 393 13.71 -16.16 1.77
N MET B 394 13.55 -15.09 1.01
CA MET B 394 14.13 -13.81 1.41
CA MET B 394 14.12 -13.81 1.42
C MET B 394 13.46 -13.29 2.67
N PHE B 395 12.12 -13.35 2.74
CA PHE B 395 11.45 -12.86 3.94
C PHE B 395 11.74 -13.75 5.14
N ALA B 396 12.03 -15.04 4.93
CA ALA B 396 12.45 -15.90 6.05
C ALA B 396 13.73 -15.37 6.67
N ALA B 397 14.68 -14.92 5.84
CA ALA B 397 15.89 -14.30 6.37
C ALA B 397 15.59 -12.98 7.06
N LYS B 398 14.72 -12.16 6.46
CA LYS B 398 14.39 -10.87 7.09
C LYS B 398 13.75 -11.10 8.47
N ASN B 399 12.90 -12.13 8.59
CA ASN B 399 12.26 -12.40 9.87
C ASN B 399 13.24 -12.96 10.90
N LYS B 400 14.42 -13.41 10.48
CA LYS B 400 15.51 -13.78 11.38
C LYS B 400 16.44 -12.62 11.71
N GLY B 401 16.17 -11.41 11.20
CA GLY B 401 16.95 -10.23 11.52
C GLY B 401 17.90 -9.76 10.44
N VAL B 402 17.94 -10.41 9.29
CA VAL B 402 18.84 -9.92 8.24
C VAL B 402 18.26 -8.63 7.67
N PRO B 403 19.04 -7.54 7.54
CA PRO B 403 18.50 -6.24 7.12
C PRO B 403 18.32 -6.10 5.61
N ILE B 404 17.37 -6.86 5.07
CA ILE B 404 17.04 -6.81 3.66
C ILE B 404 16.00 -5.69 3.47
N SER B 405 16.39 -4.64 2.77
CA SER B 405 15.55 -3.44 2.63
C SER B 405 14.78 -3.37 1.32
N GLY B 406 15.03 -4.29 0.39
CA GLY B 406 14.25 -4.29 -0.82
C GLY B 406 14.66 -5.42 -1.74
N TYR B 407 13.85 -5.58 -2.78
CA TYR B 407 14.01 -6.66 -3.74
C TYR B 407 13.75 -6.13 -5.13
N PHE B 408 14.69 -6.38 -6.05
CA PHE B 408 14.59 -5.98 -7.45
C PHE B 408 14.56 -7.23 -8.31
N ALA B 409 13.46 -7.43 -9.03
CA ALA B 409 13.35 -8.58 -9.90
C ALA B 409 14.17 -8.39 -11.17
N TRP B 410 15.03 -9.36 -11.48
CA TRP B 410 15.67 -9.45 -12.81
C TRP B 410 14.78 -10.37 -13.65
N SER B 411 14.08 -9.86 -14.67
CA SER B 411 14.11 -8.49 -15.17
C SER B 411 12.69 -8.02 -15.47
N LEU B 412 12.52 -6.71 -15.61
CA LEU B 412 11.23 -6.21 -16.09
C LEU B 412 10.84 -6.88 -17.39
N ILE B 413 11.76 -6.91 -18.37
CA ILE B 413 11.50 -7.38 -19.73
C ILE B 413 12.57 -8.39 -20.13
N ASP B 414 12.16 -9.33 -20.99
CA ASP B 414 13.12 -10.18 -21.69
C ASP B 414 14.16 -9.29 -22.36
N ASN B 415 15.40 -9.78 -22.42
CA ASN B 415 16.45 -8.94 -22.97
C ASN B 415 17.62 -9.79 -23.46
N PHE B 416 18.70 -9.12 -23.86
CA PHE B 416 19.90 -9.77 -24.38
C PHE B 416 20.65 -10.44 -23.24
N GLU B 417 20.58 -11.77 -23.13
CA GLU B 417 21.22 -12.48 -22.03
C GLU B 417 22.65 -12.88 -22.41
N TRP B 418 23.45 -11.84 -22.68
CA TRP B 418 24.91 -11.96 -22.87
C TRP B 418 25.21 -13.09 -23.85
N ALA B 419 26.09 -14.03 -23.51
CA ALA B 419 26.49 -15.02 -24.52
C ALA B 419 25.37 -15.95 -24.90
N TYR B 420 24.29 -15.99 -24.14
CA TYR B 420 23.12 -16.78 -24.51
C TYR B 420 22.22 -16.07 -25.52
N GLY B 421 22.43 -14.77 -25.74
CA GLY B 421 21.61 -14.00 -26.65
C GLY B 421 20.17 -13.90 -26.17
N TYR B 422 19.25 -13.73 -27.13
CA TYR B 422 17.85 -13.48 -26.81
C TYR B 422 17.07 -14.74 -26.49
N ALA B 423 17.66 -15.92 -26.68
CA ALA B 423 16.92 -17.16 -26.46
C ALA B 423 16.57 -17.38 -25.01
N LYS B 424 17.30 -16.75 -24.08
CA LYS B 424 17.07 -16.94 -22.65
C LYS B 424 16.33 -15.72 -22.11
N ARG B 425 15.07 -15.95 -21.69
CA ARG B 425 14.12 -14.90 -21.30
C ARG B 425 13.95 -14.85 -19.79
N PHE B 426 14.39 -13.74 -19.19
CA PHE B 426 14.25 -13.49 -17.75
C PHE B 426 13.11 -12.53 -17.40
N GLY B 427 12.41 -11.98 -18.37
CA GLY B 427 11.41 -10.98 -18.06
C GLY B 427 10.22 -11.55 -17.29
N ILE B 428 9.61 -10.70 -16.46
CA ILE B 428 8.20 -10.90 -16.10
C ILE B 428 7.27 -10.30 -17.15
N ILE B 429 7.82 -9.56 -18.11
CA ILE B 429 7.12 -9.07 -19.29
C ILE B 429 7.85 -9.62 -20.53
N TYR B 430 7.09 -10.30 -21.40
CA TYR B 430 7.62 -10.89 -22.62
C TYR B 430 7.86 -9.80 -23.66
N VAL B 431 8.94 -9.93 -24.42
CA VAL B 431 9.17 -9.06 -25.57
C VAL B 431 9.16 -9.88 -26.85
N ASP B 432 8.25 -9.56 -27.76
CA ASP B 432 8.27 -10.12 -29.12
C ASP B 432 9.25 -9.29 -29.92
N TYR B 433 10.44 -9.84 -30.22
CA TYR B 433 11.48 -9.02 -30.84
C TYR B 433 11.14 -8.66 -32.29
N GLN B 434 10.24 -9.40 -32.93
CA GLN B 434 9.85 -9.02 -34.27
C GLN B 434 9.08 -7.71 -34.29
N THR B 435 8.28 -7.45 -33.27
CA THR B 435 7.41 -6.29 -33.25
C THR B 435 7.75 -5.33 -32.12
N GLN B 436 8.60 -5.73 -31.18
CA GLN B 436 8.89 -5.04 -29.92
C GLN B 436 7.70 -4.94 -28.99
N LYS B 437 6.63 -5.71 -29.24
CA LYS B 437 5.49 -5.72 -28.34
C LYS B 437 5.88 -6.28 -26.98
N ARG B 438 5.42 -5.61 -25.92
CA ARG B 438 5.52 -6.09 -24.54
C ARG B 438 4.22 -6.78 -24.14
N ILE B 439 4.33 -7.98 -23.58
CA ILE B 439 3.18 -8.77 -23.13
C ILE B 439 3.42 -9.19 -21.68
N PRO B 440 2.70 -8.68 -20.70
CA PRO B 440 2.92 -9.14 -19.32
C PRO B 440 2.65 -10.64 -19.18
N LYS B 441 3.56 -11.35 -18.49
CA LYS B 441 3.41 -12.77 -18.24
C LYS B 441 2.62 -12.97 -16.95
N SER B 442 2.20 -14.21 -16.70
CA SER B 442 1.57 -14.52 -15.41
C SER B 442 2.44 -14.05 -14.24
N SER B 443 3.76 -14.16 -14.37
CA SER B 443 4.67 -13.70 -13.30
C SER B 443 4.56 -12.21 -13.04
N ALA B 444 4.24 -11.40 -14.05
CA ALA B 444 4.01 -9.97 -13.83
C ALA B 444 2.79 -9.75 -12.95
N TYR B 445 1.71 -10.49 -13.20
CA TYR B 445 0.50 -10.30 -12.40
C TYR B 445 0.75 -10.77 -10.97
N TYR B 446 1.52 -11.85 -10.82
CA TYR B 446 1.87 -12.33 -9.49
C TYR B 446 2.70 -11.29 -8.73
N TYR B 447 3.71 -10.71 -9.38
CA TYR B 447 4.56 -9.73 -8.73
C TYR B 447 3.77 -8.48 -8.38
N GLN B 448 2.91 -8.03 -9.29
CA GLN B 448 2.00 -6.91 -9.00
C GLN B 448 1.18 -7.17 -7.74
N LYS B 449 0.64 -8.38 -7.62
CA LYS B 449 -0.15 -8.72 -6.43
C LYS B 449 0.72 -8.72 -5.17
N ARG B 450 1.93 -9.30 -5.24
CA ARG B 450 2.80 -9.33 -4.06
C ARG B 450 3.18 -7.91 -3.61
N ILE B 451 3.43 -7.03 -4.56
CA ILE B 451 3.81 -5.65 -4.19
C ILE B 451 2.67 -4.97 -3.46
N LYS B 452 1.44 -5.20 -3.91
CA LYS B 452 0.29 -4.52 -3.31
C LYS B 452 -0.07 -5.10 -1.95
N GLU B 453 -0.02 -6.43 -1.81
CA GLU B 453 -0.71 -7.11 -0.72
C GLU B 453 0.19 -7.54 0.41
N SER B 454 1.47 -7.21 0.34
CA SER B 454 2.41 -7.56 1.40
C SER B 454 2.47 -6.48 2.48
N HIS C 15 5.98 -2.34 20.19
CA HIS C 15 4.72 -2.70 20.89
C HIS C 15 3.85 -3.59 20.02
N MET C 16 4.45 -4.13 18.95
CA MET C 16 3.80 -5.13 18.10
C MET C 16 2.72 -4.60 17.16
N LYS C 17 3.14 -4.28 15.94
CA LYS C 17 2.21 -4.06 14.85
C LYS C 17 1.35 -5.30 14.66
N LYS C 18 0.02 -5.13 14.61
CA LYS C 18 -0.85 -6.28 14.45
C LYS C 18 -1.83 -6.08 13.31
N TRP C 19 -2.44 -7.21 12.91
CA TRP C 19 -3.38 -7.18 11.81
C TRP C 19 -4.53 -6.25 12.13
N GLY C 20 -4.90 -5.44 11.15
CA GLY C 20 -6.01 -4.52 11.27
C GLY C 20 -5.60 -3.10 11.66
N ASP C 21 -4.40 -2.94 12.22
CA ASP C 21 -3.93 -1.60 12.57
C ASP C 21 -3.80 -0.73 11.34
N MET C 22 -4.13 0.55 11.47
CA MET C 22 -4.10 1.45 10.34
C MET C 22 -3.21 2.65 10.64
N PHE C 23 -2.78 3.31 9.57
CA PHE C 23 -2.00 4.54 9.69
C PHE C 23 -2.32 5.44 8.51
N THR C 24 -2.57 6.72 8.81
CA THR C 24 -3.00 7.72 7.82
C THR C 24 -1.86 8.67 7.50
N TRP C 25 -1.57 8.83 6.20
CA TRP C 25 -0.58 9.78 5.73
C TRP C 25 -1.29 10.96 5.07
N GLY C 26 -0.88 12.17 5.47
CA GLY C 26 -1.52 13.35 4.95
C GLY C 26 -0.56 14.49 4.69
N VAL C 27 -1.14 15.59 4.19
CA VAL C 27 -0.48 16.88 4.11
C VAL C 27 -1.45 17.91 4.67
N SER C 28 -0.89 19.04 5.13
CA SER C 28 -1.65 20.10 5.80
C SER C 28 -1.43 21.46 5.17
N THR C 29 -2.51 22.24 5.13
CA THR C 29 -2.49 23.64 4.74
C THR C 29 -3.46 24.39 5.65
N SER C 30 -3.58 25.69 5.42
CA SER C 30 -4.65 26.47 6.02
C SER C 30 -5.14 27.50 5.01
N SER C 31 -6.37 27.98 5.25
CA SER C 31 -7.11 28.78 4.27
C SER C 31 -6.40 30.10 3.95
N TYR C 32 -6.13 30.93 4.96
CA TYR C 32 -5.51 32.22 4.64
C TYR C 32 -4.11 32.04 4.08
N GLN C 33 -3.44 30.97 4.44
CA GLN C 33 -2.08 30.82 4.00
C GLN C 33 -1.97 30.44 2.52
N ILE C 34 -2.99 29.82 1.92
CA ILE C 34 -2.88 29.36 0.53
C ILE C 34 -3.95 29.92 -0.41
N GLU C 35 -5.13 30.32 0.07
CA GLU C 35 -6.26 30.46 -0.85
C GLU C 35 -6.11 31.65 -1.79
N GLY C 36 -5.69 32.81 -1.29
CA GLY C 36 -5.85 34.00 -2.09
C GLY C 36 -7.32 34.32 -2.28
N ALA C 37 -7.61 34.97 -3.41
CA ALA C 37 -8.96 35.40 -3.70
C ALA C 37 -9.57 36.08 -2.49
N ALA C 38 -8.79 36.97 -1.86
CA ALA C 38 -9.19 37.46 -0.54
C ALA C 38 -10.41 38.38 -0.63
N ASN C 39 -10.56 39.09 -1.75
CA ASN C 39 -11.68 39.98 -1.97
CA ASN C 39 -11.69 39.98 -1.96
C ASN C 39 -12.51 39.52 -3.17
N GLN C 40 -12.57 38.21 -3.37
CA GLN C 40 -13.35 37.61 -4.43
C GLN C 40 -14.29 36.57 -3.85
N GLY C 41 -15.28 36.21 -4.65
CA GLY C 41 -16.18 35.14 -4.27
C GLY C 41 -17.02 35.44 -3.05
N GLY C 42 -17.27 36.73 -2.75
CA GLY C 42 -18.07 37.13 -1.61
C GLY C 42 -17.36 37.11 -0.26
N ARG C 43 -16.07 36.77 -0.22
CA ARG C 43 -15.34 36.68 1.03
C ARG C 43 -15.28 38.03 1.73
N GLY C 44 -15.49 38.02 3.06
CA GLY C 44 -15.29 39.19 3.88
C GLY C 44 -13.90 39.18 4.48
N PRO C 45 -13.44 40.34 4.97
CA PRO C 45 -12.09 40.41 5.52
C PRO C 45 -11.95 39.66 6.83
N SER C 46 -10.74 39.13 7.04
CA SER C 46 -10.34 38.51 8.29
C SER C 46 -9.40 39.47 9.03
N ILE C 47 -9.15 39.14 10.30
CA ILE C 47 -8.19 39.92 11.06
C ILE C 47 -6.80 39.89 10.45
N TRP C 48 -6.47 38.88 9.63
CA TRP C 48 -5.16 38.86 8.98
C TRP C 48 -5.13 39.75 7.74
N ASP C 49 -6.26 39.95 7.06
CA ASP C 49 -6.30 40.98 6.02
C ASP C 49 -5.98 42.36 6.60
N THR C 50 -6.55 42.67 7.76
CA THR C 50 -6.34 43.94 8.42
C THR C 50 -4.91 44.06 8.94
N PHE C 51 -4.44 43.03 9.63
CA PHE C 51 -3.13 43.07 10.26
C PHE C 51 -2.04 43.21 9.19
N SER C 52 -2.21 42.52 8.07
CA SER C 52 -1.24 42.53 6.98
C SER C 52 -1.16 43.88 6.28
N LYS C 53 -2.12 44.76 6.48
CA LYS C 53 -2.05 46.10 5.90
C LYS C 53 -1.27 47.07 6.76
N ILE C 54 -0.83 46.66 7.95
CA ILE C 54 -0.13 47.56 8.86
C ILE C 54 1.37 47.44 8.58
N PRO C 55 2.05 48.51 8.16
CA PRO C 55 3.50 48.41 7.98
C PRO C 55 4.17 47.92 9.25
N GLY C 56 5.11 46.99 9.09
CA GLY C 56 5.84 46.42 10.19
C GLY C 56 5.26 45.14 10.77
N ALA C 57 4.02 44.81 10.42
CA ALA C 57 3.38 43.63 10.97
C ALA C 57 3.91 42.35 10.34
N VAL C 58 4.19 42.38 9.04
CA VAL C 58 4.60 41.20 8.29
C VAL C 58 5.86 41.53 7.52
N ALA C 59 6.80 40.59 7.52
CA ALA C 59 8.03 40.80 6.78
C ALA C 59 7.75 41.11 5.30
N ASN C 60 8.50 42.07 4.76
CA ASN C 60 8.44 42.47 3.36
C ASN C 60 7.09 43.07 2.96
N GLY C 61 6.21 43.38 3.93
CA GLY C 61 4.89 43.88 3.60
C GLY C 61 4.01 42.87 2.91
N ASP C 62 4.29 41.59 3.10
CA ASP C 62 3.53 40.53 2.46
C ASP C 62 2.12 40.44 3.05
N ASN C 63 1.19 39.93 2.24
CA ASN C 63 -0.18 39.71 2.69
C ASN C 63 -0.72 38.48 1.97
N GLY C 64 -1.91 38.06 2.37
CA GLY C 64 -2.56 36.90 1.77
C GLY C 64 -3.56 37.19 0.66
N ASP C 65 -3.47 38.36 0.02
CA ASP C 65 -4.44 38.69 -1.02
C ASP C 65 -4.47 37.64 -2.12
N VAL C 66 -3.30 37.14 -2.53
CA VAL C 66 -3.15 36.18 -3.61
C VAL C 66 -2.59 34.85 -3.11
N ALA C 67 -1.58 34.89 -2.26
CA ALA C 67 -0.99 33.69 -1.65
C ALA C 67 -0.63 32.71 -2.78
N CYS C 68 -1.07 31.45 -2.70
CA CYS C 68 -0.84 30.42 -3.71
C CYS C 68 -1.98 30.32 -4.71
N ASP C 69 -2.93 31.26 -4.65
CA ASP C 69 -4.09 31.29 -5.55
C ASP C 69 -4.79 29.93 -5.58
N HIS C 70 -4.79 29.24 -4.44
CA HIS C 70 -5.40 27.92 -4.38
C HIS C 70 -6.90 27.96 -4.57
N TYR C 71 -7.54 29.11 -4.27
CA TYR C 71 -8.97 29.23 -4.55
C TYR C 71 -9.26 28.94 -6.01
N HIS C 72 -8.35 29.34 -6.91
CA HIS C 72 -8.54 29.08 -8.33
C HIS C 72 -7.79 27.86 -8.82
N ARG C 73 -6.73 27.44 -8.13
CA ARG C 73 -5.85 26.38 -8.60
C ARG C 73 -6.02 25.08 -7.81
N TYR C 74 -7.13 24.92 -7.09
CA TYR C 74 -7.27 23.77 -6.20
C TYR C 74 -7.25 22.44 -6.95
N ASN C 75 -7.73 22.40 -8.19
CA ASN C 75 -7.69 21.10 -8.90
C ASN C 75 -6.26 20.65 -9.13
N GLU C 76 -5.36 21.58 -9.46
CA GLU C 76 -3.95 21.24 -9.61
C GLU C 76 -3.35 20.75 -8.31
N ASP C 77 -3.67 21.43 -7.20
CA ASP C 77 -3.15 21.01 -5.92
C ASP C 77 -3.71 19.66 -5.48
N LEU C 78 -5.00 19.41 -5.70
CA LEU C 78 -5.55 18.07 -5.45
C LEU C 78 -4.87 17.01 -6.31
N ASP C 79 -4.56 17.33 -7.57
CA ASP C 79 -3.83 16.38 -8.40
C ASP C 79 -2.45 16.08 -7.81
N LEU C 80 -1.76 17.09 -7.26
CA LEU C 80 -0.46 16.85 -6.65
C LEU C 80 -0.58 15.96 -5.42
N MET C 81 -1.67 16.12 -4.66
CA MET C 81 -1.91 15.26 -3.50
C MET C 81 -2.12 13.82 -3.92
N LYS C 82 -2.94 13.60 -4.96
CA LYS C 82 -3.10 12.24 -5.48
C LYS C 82 -1.78 11.65 -5.97
N TRP C 83 -0.96 12.46 -6.64
CA TRP C 83 0.35 12.02 -7.11
C TRP C 83 1.25 11.63 -5.94
N LEU C 84 1.21 12.42 -4.86
CA LEU C 84 1.98 12.06 -3.67
C LEU C 84 1.53 10.73 -3.09
N GLY C 85 0.25 10.45 -3.20
CA GLY C 85 -0.34 9.26 -2.60
C GLY C 85 -0.87 9.43 -1.20
N VAL C 86 -1.08 10.65 -0.73
CA VAL C 86 -1.62 10.80 0.61
C VAL C 86 -3.03 10.24 0.66
N GLY C 87 -3.39 9.72 1.83
CA GLY C 87 -4.77 9.31 2.05
C GLY C 87 -5.64 10.40 2.61
N ALA C 88 -5.04 11.49 3.09
CA ALA C 88 -5.79 12.52 3.80
C ALA C 88 -5.23 13.91 3.51
N TYR C 89 -6.10 14.91 3.62
CA TYR C 89 -5.76 16.31 3.38
C TYR C 89 -6.34 17.13 4.51
N ARG C 90 -5.45 17.70 5.35
CA ARG C 90 -5.87 18.59 6.43
C ARG C 90 -5.87 20.01 5.89
N PHE C 91 -7.04 20.65 5.93
CA PHE C 91 -7.26 21.98 5.38
C PHE C 91 -8.11 22.73 6.37
N SER C 92 -8.18 24.04 6.23
CA SER C 92 -9.11 24.80 7.07
C SER C 92 -10.13 25.51 6.20
N ILE C 93 -11.30 25.69 6.79
CA ILE C 93 -12.39 26.46 6.22
C ILE C 93 -12.21 27.90 6.67
N ALA C 94 -12.23 28.84 5.71
CA ALA C 94 -12.13 30.27 6.02
C ALA C 94 -13.49 30.75 6.50
N TRP C 95 -13.65 30.90 7.81
CA TRP C 95 -14.88 31.48 8.38
C TRP C 95 -15.37 32.71 7.61
N PRO C 96 -14.53 33.71 7.32
CA PRO C 96 -15.05 34.88 6.62
C PRO C 96 -15.34 34.64 5.14
N ARG C 97 -14.90 33.54 4.56
CA ARG C 97 -15.36 33.20 3.21
C ARG C 97 -16.77 32.61 3.23
N VAL C 98 -17.13 31.84 4.27
CA VAL C 98 -18.44 31.19 4.28
C VAL C 98 -19.49 31.97 5.06
N ILE C 99 -19.09 32.73 6.08
CA ILE C 99 -20.00 33.62 6.80
C ILE C 99 -19.28 34.95 6.96
N PRO C 100 -19.34 35.81 5.95
CA PRO C 100 -18.50 37.03 5.98
C PRO C 100 -18.74 37.94 7.15
N SER C 101 -19.97 37.99 7.66
CA SER C 101 -20.30 38.83 8.82
C SER C 101 -20.08 38.10 10.14
N GLY C 102 -19.52 36.90 10.12
CA GLY C 102 -19.21 36.17 11.34
C GLY C 102 -20.33 35.31 11.84
N TYR C 103 -21.52 35.90 11.99
CA TYR C 103 -22.75 35.17 12.24
C TYR C 103 -23.78 35.69 11.26
N GLY C 104 -24.72 34.84 10.89
CA GLY C 104 -25.74 35.30 9.96
C GLY C 104 -25.60 34.57 8.65
N ALA C 105 -25.64 35.34 7.57
CA ALA C 105 -25.87 34.76 6.25
C ALA C 105 -24.69 33.92 5.78
N LEU C 106 -25.01 32.74 5.26
CA LEU C 106 -24.03 31.96 4.52
C LEU C 106 -23.76 32.60 3.16
N ASN C 107 -22.50 32.59 2.76
CA ASN C 107 -22.09 33.03 1.43
C ASN C 107 -22.05 31.83 0.50
N LYS C 108 -23.01 31.74 -0.42
CA LYS C 108 -23.17 30.55 -1.24
C LYS C 108 -21.95 30.27 -2.09
N GLU C 109 -21.32 31.31 -2.62
CA GLU C 109 -20.12 31.11 -3.44
C GLU C 109 -18.99 30.48 -2.62
N GLY C 110 -18.86 30.89 -1.35
CA GLY C 110 -17.84 30.31 -0.50
C GLY C 110 -18.13 28.86 -0.16
N MET C 111 -19.39 28.57 0.20
CA MET C 111 -19.77 27.20 0.49
C MET C 111 -19.58 26.32 -0.73
N ASP C 112 -19.89 26.86 -1.92
CA ASP C 112 -19.73 26.08 -3.15
CA ASP C 112 -19.73 26.08 -3.15
C ASP C 112 -18.26 25.74 -3.39
N PHE C 113 -17.34 26.67 -3.06
CA PHE C 113 -15.92 26.36 -3.20
C PHE C 113 -15.53 25.16 -2.34
N TYR C 114 -15.93 25.15 -1.07
CA TYR C 114 -15.55 24.03 -0.23
C TYR C 114 -16.24 22.74 -0.66
N ASP C 115 -17.47 22.82 -1.16
CA ASP C 115 -18.11 21.65 -1.77
C ASP C 115 -17.26 21.10 -2.92
N ARG C 116 -16.77 21.98 -3.81
CA ARG C 116 -15.97 21.50 -4.95
C ARG C 116 -14.65 20.91 -4.49
N LEU C 117 -14.03 21.53 -3.50
CA LEU C 117 -12.77 21.04 -2.93
C LEU C 117 -12.96 19.65 -2.33
N ILE C 118 -13.97 19.51 -1.46
CA ILE C 118 -14.27 18.23 -0.82
C ILE C 118 -14.57 17.18 -1.87
N ASP C 119 -15.47 17.49 -2.80
CA ASP C 119 -15.87 16.48 -3.77
C ASP C 119 -14.69 16.10 -4.65
N GLY C 120 -13.83 17.08 -4.97
CA GLY C 120 -12.65 16.76 -5.76
C GLY C 120 -11.69 15.86 -5.03
N ALA C 121 -11.51 16.09 -3.72
CA ALA C 121 -10.65 15.22 -2.93
C ALA C 121 -11.22 13.80 -2.90
N LEU C 122 -12.52 13.68 -2.64
CA LEU C 122 -13.12 12.34 -2.54
C LEU C 122 -13.04 11.60 -3.87
N GLU C 123 -13.21 12.32 -4.99
CA GLU C 123 -13.09 11.66 -6.29
C GLU C 123 -11.71 11.06 -6.48
N ARG C 124 -10.70 11.67 -5.89
CA ARG C 124 -9.32 11.23 -5.98
C ARG C 124 -8.91 10.26 -4.88
N GLY C 125 -9.85 9.85 -4.02
CA GLY C 125 -9.56 8.92 -2.96
C GLY C 125 -8.97 9.51 -1.70
N ILE C 126 -9.04 10.83 -1.55
CA ILE C 126 -8.42 11.55 -0.44
C ILE C 126 -9.49 11.95 0.56
N THR C 127 -9.20 11.71 1.86
CA THR C 127 -10.12 12.08 2.92
C THR C 127 -9.82 13.49 3.40
N PRO C 128 -10.72 14.45 3.22
CA PRO C 128 -10.48 15.79 3.76
C PRO C 128 -10.73 15.80 5.26
N TRP C 129 -9.82 16.46 5.96
CA TRP C 129 -9.86 16.68 7.40
C TRP C 129 -10.03 18.17 7.66
N PRO C 130 -11.24 18.66 7.91
CA PRO C 130 -11.46 20.10 8.07
C PRO C 130 -11.07 20.59 9.47
N THR C 131 -10.33 21.70 9.50
CA THR C 131 -10.11 22.50 10.69
C THR C 131 -11.02 23.71 10.59
N LEU C 132 -11.82 23.96 11.62
CA LEU C 132 -12.79 25.06 11.54
C LEU C 132 -12.17 26.42 11.80
N TYR C 133 -11.16 26.51 12.68
CA TYR C 133 -10.55 27.80 12.99
C TYR C 133 -9.04 27.71 12.92
N HIS C 134 -8.48 28.29 11.87
CA HIS C 134 -7.04 28.41 11.72
C HIS C 134 -6.69 29.90 11.55
N TRP C 135 -7.21 30.70 12.47
CA TRP C 135 -6.71 32.03 12.85
C TRP C 135 -7.33 33.19 12.05
N ASP C 136 -8.11 32.91 11.02
CA ASP C 136 -8.67 33.97 10.17
C ASP C 136 -10.05 34.39 10.66
N LEU C 137 -10.09 34.89 11.90
CA LEU C 137 -11.34 35.40 12.45
C LEU C 137 -11.92 36.49 11.55
N PRO C 138 -13.22 36.47 11.26
CA PRO C 138 -13.80 37.58 10.50
C PRO C 138 -13.58 38.91 11.21
N GLN C 139 -13.14 39.90 10.44
CA GLN C 139 -12.96 41.23 11.01
C GLN C 139 -14.26 41.77 11.60
N SER C 140 -15.41 41.41 11.02
CA SER C 140 -16.69 41.83 11.59
C SER C 140 -16.83 41.42 13.04
N LEU C 141 -16.25 40.26 13.44
CA LEU C 141 -16.33 39.83 14.83
C LEU C 141 -15.24 40.46 15.70
N GLN C 142 -14.05 40.70 15.14
CA GLN C 142 -13.05 41.48 15.86
C GLN C 142 -13.57 42.87 16.21
N ASP C 143 -14.36 43.46 15.31
CA ASP C 143 -14.94 44.78 15.59
C ASP C 143 -15.86 44.76 16.80
N LYS C 144 -16.34 43.58 17.19
CA LYS C 144 -17.18 43.40 18.35
C LYS C 144 -16.40 42.83 19.54
N GLY C 145 -15.08 42.81 19.46
CA GLY C 145 -14.22 42.36 20.55
C GLY C 145 -13.47 41.09 20.26
N GLY C 146 -13.81 40.38 19.19
CA GLY C 146 -13.13 39.15 18.87
C GLY C 146 -13.13 38.18 20.03
N TRP C 147 -12.00 37.48 20.18
CA TRP C 147 -11.93 36.45 21.23
C TRP C 147 -11.93 37.03 22.63
N ASN C 148 -11.76 38.34 22.80
CA ASN C 148 -11.94 38.92 24.13
C ASN C 148 -13.40 38.87 24.56
N ASN C 149 -14.33 38.80 23.61
CA ASN C 149 -15.77 38.79 23.87
C ASN C 149 -16.23 37.34 24.03
N ARG C 150 -16.80 37.02 25.20
CA ARG C 150 -17.31 35.67 25.45
C ARG C 150 -18.24 35.20 24.33
N ASP C 151 -19.02 36.11 23.73
CA ASP C 151 -19.95 35.70 22.68
C ASP C 151 -19.24 35.03 21.51
N CYS C 152 -17.95 35.34 21.31
CA CYS C 152 -17.23 34.77 20.18
C CYS C 152 -17.15 33.26 20.28
N ALA C 153 -17.15 32.71 21.50
CA ALA C 153 -17.18 31.26 21.63
C ALA C 153 -18.47 30.68 21.05
N TYR C 154 -19.58 31.39 21.28
CA TYR C 154 -20.89 30.95 20.78
C TYR C 154 -21.02 31.23 19.28
N TRP C 155 -20.49 32.36 18.79
CA TRP C 155 -20.46 32.59 17.34
C TRP C 155 -19.68 31.50 16.63
N PHE C 156 -18.55 31.07 17.20
CA PHE C 156 -17.76 30.00 16.62
C PHE C 156 -18.53 28.68 16.60
N ALA C 157 -19.24 28.37 17.69
CA ALA C 157 -19.98 27.12 17.75
C ALA C 157 -21.13 27.10 16.73
N GLU C 158 -21.77 28.25 16.51
CA GLU C 158 -22.84 28.34 15.52
C GLU C 158 -22.29 28.16 14.12
N TYR C 159 -21.15 28.79 13.82
CA TYR C 159 -20.46 28.57 12.55
C TYR C 159 -20.11 27.10 12.37
N SER C 160 -19.54 26.50 13.41
CA SER C 160 -19.18 25.09 13.35
C SER C 160 -20.39 24.20 13.06
N GLN C 161 -21.51 24.44 13.73
CA GLN C 161 -22.72 23.67 13.48
C GLN C 161 -23.12 23.77 12.01
N LYS C 162 -23.13 24.98 11.48
CA LYS C 162 -23.51 25.17 10.07
C LYS C 162 -22.57 24.42 9.14
N MET C 163 -21.28 24.39 9.44
CA MET C 163 -20.36 23.68 8.56
C MET C 163 -20.61 22.19 8.62
N ALA C 164 -20.86 21.66 9.83
CA ALA C 164 -21.15 20.24 9.94
C ALA C 164 -22.47 19.91 9.24
N GLU C 165 -23.47 20.79 9.35
CA GLU C 165 -24.73 20.54 8.65
C GLU C 165 -24.52 20.46 7.14
N ALA C 166 -23.61 21.27 6.62
CA ALA C 166 -23.39 21.32 5.18
C ALA C 166 -22.50 20.17 4.69
N PHE C 167 -21.47 19.80 5.45
CA PHE C 167 -20.40 18.97 4.92
C PHE C 167 -20.23 17.61 5.60
N SER C 168 -20.86 17.36 6.75
CA SER C 168 -20.59 16.13 7.47
C SER C 168 -21.26 14.91 6.87
N ASP C 169 -22.10 15.07 5.84
CA ASP C 169 -22.51 13.91 5.07
C ASP C 169 -21.30 13.22 4.45
N ARG C 170 -20.26 13.99 4.14
CA ARG C 170 -19.01 13.50 3.59
C ARG C 170 -17.85 13.50 4.58
N LEU C 171 -17.73 14.54 5.40
CA LEU C 171 -16.58 14.73 6.27
C LEU C 171 -16.91 14.22 7.68
N LYS C 172 -16.20 13.18 8.11
CA LYS C 172 -16.51 12.53 9.37
C LYS C 172 -15.54 12.89 10.49
N ASN C 173 -14.35 13.42 10.19
CA ASN C 173 -13.31 13.71 11.19
C ASN C 173 -13.06 15.21 11.21
N TRP C 174 -13.46 15.85 12.29
CA TRP C 174 -13.41 17.31 12.45
C TRP C 174 -12.35 17.71 13.46
N ILE C 175 -11.77 18.90 13.23
CA ILE C 175 -10.94 19.60 14.21
C ILE C 175 -11.54 20.98 14.41
N THR C 176 -11.68 21.39 15.69
CA THR C 176 -12.28 22.68 15.98
C THR C 176 -11.29 23.81 15.76
N ILE C 177 -10.35 24.01 16.68
CA ILE C 177 -9.40 25.11 16.59
C ILE C 177 -7.99 24.56 16.47
N ASN C 178 -7.12 25.41 15.91
CA ASN C 178 -5.72 25.13 15.68
C ASN C 178 -4.87 26.09 16.51
N GLU C 179 -4.02 25.53 17.38
CA GLU C 179 -2.96 26.27 18.07
C GLU C 179 -3.47 27.51 18.81
N PRO C 180 -4.34 27.33 19.82
CA PRO C 180 -4.74 28.49 20.62
C PRO C 180 -3.58 29.21 21.31
N PHE C 181 -2.43 28.55 21.54
CA PHE C 181 -1.27 29.29 22.00
C PHE C 181 -1.00 30.49 21.11
N CYS C 182 -1.06 30.30 19.78
CA CYS C 182 -0.76 31.39 18.87
C CYS C 182 -1.86 32.44 18.86
N SER C 183 -3.12 32.00 18.74
CA SER C 183 -4.22 32.97 18.71
C SER C 183 -4.30 33.78 20.00
N ALA C 184 -4.17 33.13 21.15
CA ALA C 184 -4.28 33.82 22.43
C ALA C 184 -3.02 34.61 22.75
N TRP C 185 -1.89 33.93 22.94
CA TRP C 185 -0.71 34.64 23.43
C TRP C 185 -0.04 35.47 22.33
N LEU C 186 0.22 34.89 21.16
CA LEU C 186 0.91 35.68 20.14
C LEU C 186 0.00 36.75 19.57
N GLY C 187 -1.32 36.53 19.54
CA GLY C 187 -2.25 37.48 18.97
C GLY C 187 -2.74 38.56 19.94
N HIS C 188 -2.75 38.28 21.26
CA HIS C 188 -3.31 39.21 22.22
C HIS C 188 -2.38 39.59 23.38
N LEU C 189 -1.26 38.90 23.60
CA LEU C 189 -0.28 39.30 24.61
C LEU C 189 0.97 39.91 24.00
N TYR C 190 1.57 39.22 23.03
CA TYR C 190 2.78 39.72 22.38
C TYR C 190 2.49 40.55 21.14
N GLY C 191 1.29 40.42 20.58
CA GLY C 191 0.85 41.25 19.47
C GLY C 191 1.59 41.02 18.19
N VAL C 192 2.26 39.87 18.05
CA VAL C 192 3.02 39.59 16.83
C VAL C 192 2.21 38.83 15.81
N MET C 193 1.01 38.38 16.18
CA MET C 193 0.04 37.84 15.24
CA MET C 193 0.03 37.83 15.24
C MET C 193 -1.24 38.64 15.35
N ALA C 194 -2.10 38.51 14.34
CA ALA C 194 -3.37 39.23 14.38
C ALA C 194 -4.17 38.78 15.59
N PRO C 195 -4.90 39.69 16.27
CA PRO C 195 -5.16 41.09 15.90
C PRO C 195 -4.13 42.11 16.39
N GLY C 196 -3.00 41.66 16.93
CA GLY C 196 -1.93 42.58 17.29
C GLY C 196 -2.09 43.25 18.63
N ILE C 197 -2.82 42.63 19.54
CA ILE C 197 -3.08 43.21 20.86
C ILE C 197 -1.98 42.78 21.82
N LYS C 198 -1.69 43.64 22.83
CA LYS C 198 -0.58 43.41 23.75
C LYS C 198 -1.07 43.64 25.18
N ASP C 199 -1.75 42.63 25.74
CA ASP C 199 -2.33 42.80 27.08
C ASP C 199 -2.59 41.43 27.69
N LEU C 200 -2.02 41.18 28.87
CA LEU C 200 -2.11 39.85 29.48
C LEU C 200 -3.55 39.45 29.77
N LYS C 201 -4.33 40.36 30.36
CA LYS C 201 -5.71 40.03 30.67
C LYS C 201 -6.51 39.67 29.40
N THR C 202 -6.32 40.42 28.32
CA THR C 202 -6.97 40.08 27.05
C THR C 202 -6.51 38.73 26.54
N GLY C 203 -5.22 38.44 26.66
CA GLY C 203 -4.73 37.11 26.28
C GLY C 203 -5.39 36.01 27.08
N ILE C 204 -5.55 36.22 28.39
CA ILE C 204 -6.23 35.23 29.24
C ILE C 204 -7.68 35.04 28.80
N ASN C 205 -8.41 36.13 28.61
CA ASN C 205 -9.80 36.03 28.15
C ASN C 205 -9.88 35.30 26.82
N ALA C 206 -8.99 35.67 25.89
CA ALA C 206 -8.99 35.04 24.58
C ALA C 206 -8.73 33.55 24.69
N SER C 207 -7.77 33.16 25.53
CA SER C 207 -7.48 31.73 25.69
C SER C 207 -8.73 31.00 26.18
N HIS C 208 -9.46 31.58 27.12
CA HIS C 208 -10.64 30.90 27.65
C HIS C 208 -11.75 30.79 26.61
N HIS C 209 -11.95 31.85 25.82
CA HIS C 209 -13.04 31.82 24.86
C HIS C 209 -12.71 30.96 23.66
N LEU C 210 -11.42 30.83 23.32
CA LEU C 210 -11.00 29.86 22.31
C LEU C 210 -11.31 28.44 22.77
N LEU C 211 -10.94 28.13 24.02
CA LEU C 211 -11.16 26.80 24.55
C LEU C 211 -12.65 26.53 24.76
N LEU C 212 -13.40 27.54 25.24
CA LEU C 212 -14.85 27.39 25.37
C LEU C 212 -15.50 27.20 23.99
N GLY C 213 -15.03 27.95 23.00
CA GLY C 213 -15.51 27.77 21.63
C GLY C 213 -15.29 26.37 21.13
N HIS C 214 -14.09 25.84 21.36
CA HIS C 214 -13.79 24.46 21.05
C HIS C 214 -14.82 23.51 21.66
N GLY C 215 -15.10 23.68 22.95
CA GLY C 215 -16.01 22.77 23.61
C GLY C 215 -17.43 22.89 23.13
N LEU C 216 -17.91 24.12 22.96
CA LEU C 216 -19.26 24.35 22.45
C LEU C 216 -19.39 23.83 21.03
N ALA C 217 -18.36 24.00 20.20
CA ALA C 217 -18.42 23.51 18.81
C ALA C 217 -18.43 22.00 18.78
N THR C 218 -17.64 21.38 19.65
CA THR C 218 -17.62 19.92 19.71
C THR C 218 -19.01 19.40 20.01
N LYS C 219 -19.68 19.97 21.02
CA LYS C 219 -21.03 19.53 21.36
C LYS C 219 -21.99 19.77 20.21
N ALA C 220 -21.85 20.91 19.52
CA ALA C 220 -22.72 21.22 18.38
C ALA C 220 -22.51 20.25 17.22
N ILE C 221 -21.26 19.89 16.92
CA ILE C 221 -21.01 18.94 15.84
C ILE C 221 -21.59 17.57 16.18
N ARG C 222 -21.41 17.11 17.42
CA ARG C 222 -21.94 15.80 17.80
CA ARG C 222 -21.94 15.81 17.81
C ARG C 222 -23.46 15.79 17.72
N GLU C 223 -24.12 16.92 17.95
CA GLU C 223 -25.57 16.99 17.82
C GLU C 223 -26.02 16.83 16.37
N VAL C 224 -25.16 17.19 15.40
CA VAL C 224 -25.53 17.02 14.00
C VAL C 224 -25.62 15.54 13.66
N SER C 225 -24.63 14.75 14.09
CA SER C 225 -24.67 13.31 13.88
C SER C 225 -23.72 12.61 14.86
N SER C 226 -24.18 11.50 15.43
CA SER C 226 -23.42 10.82 16.46
C SER C 226 -22.23 10.03 15.93
N GLU C 227 -22.08 9.85 14.61
CA GLU C 227 -20.92 9.14 14.08
CA GLU C 227 -20.92 9.14 14.08
C GLU C 227 -19.72 10.06 13.88
N LEU C 228 -19.91 11.37 14.00
CA LEU C 228 -18.84 12.29 13.69
C LEU C 228 -17.81 12.26 14.80
N LYS C 229 -16.55 12.38 14.42
CA LYS C 229 -15.44 12.43 15.35
C LYS C 229 -14.92 13.87 15.43
N VAL C 230 -14.44 14.26 16.60
CA VAL C 230 -13.99 15.63 16.83
C VAL C 230 -12.73 15.61 17.69
N GLY C 231 -11.78 16.48 17.35
CA GLY C 231 -10.61 16.75 18.16
C GLY C 231 -10.27 18.23 18.12
N ILE C 232 -9.17 18.54 18.81
CA ILE C 232 -8.57 19.87 18.85
C ILE C 232 -7.12 19.70 18.41
N THR C 233 -6.54 20.73 17.79
CA THR C 233 -5.11 20.74 17.48
C THR C 233 -4.37 21.69 18.42
N LEU C 234 -3.42 21.13 19.17
CA LEU C 234 -2.53 21.89 20.05
C LEU C 234 -1.09 21.73 19.58
N ASN C 235 -0.37 22.85 19.53
CA ASN C 235 1.08 22.81 19.39
C ASN C 235 1.71 22.74 20.77
N PHE C 236 2.73 21.90 20.91
CA PHE C 236 3.48 21.78 22.16
CA PHE C 236 3.48 21.76 22.15
C PHE C 236 4.94 22.10 21.88
N THR C 237 5.53 22.90 22.76
CA THR C 237 6.92 23.32 22.67
C THR C 237 7.59 22.84 23.95
N PRO C 238 8.21 21.67 23.94
CA PRO C 238 8.89 21.19 25.15
C PRO C 238 9.96 22.18 25.57
N ALA C 239 10.12 22.34 26.87
CA ALA C 239 11.09 23.26 27.44
C ALA C 239 12.23 22.52 28.13
N ILE C 240 13.46 23.02 27.92
CA ILE C 240 14.66 22.59 28.64
C ILE C 240 15.42 23.82 29.12
N THR C 241 16.39 23.60 30.00
CA THR C 241 17.33 24.62 30.41
C THR C 241 18.74 24.03 30.37
N LEU C 242 19.71 24.89 30.10
CA LEU C 242 21.12 24.55 30.16
C LEU C 242 21.70 24.73 31.54
N GLY C 243 20.99 25.42 32.41
CA GLY C 243 21.51 25.69 33.74
C GLY C 243 21.18 24.58 34.71
N GLU C 244 21.80 24.66 35.88
CA GLU C 244 21.58 23.68 36.92
C GLU C 244 20.89 24.26 38.15
N SER C 245 20.74 25.58 38.21
CA SER C 245 20.18 26.21 39.39
C SER C 245 18.71 25.83 39.57
N SER C 246 18.25 25.93 40.81
CA SER C 246 16.85 25.72 41.11
C SER C 246 15.96 26.70 40.36
N GLU C 247 16.44 27.93 40.14
CA GLU C 247 15.63 28.91 39.43
C GLU C 247 15.51 28.55 37.96
N ASP C 248 16.55 27.96 37.37
CA ASP C 248 16.42 27.57 35.97
C ASP C 248 15.47 26.38 35.80
N LYS C 249 15.40 25.50 36.79
CA LYS C 249 14.42 24.42 36.72
C LYS C 249 13.00 24.95 36.86
N LEU C 250 12.82 25.96 37.70
CA LEU C 250 11.55 26.66 37.77
C LEU C 250 11.20 27.29 36.43
N ALA C 251 12.19 27.85 35.73
CA ALA C 251 11.93 28.45 34.43
C ALA C 251 11.34 27.45 33.45
N VAL C 252 11.84 26.20 33.47
CA VAL C 252 11.31 25.16 32.59
C VAL C 252 9.86 24.89 32.91
N GLU C 253 9.53 24.82 34.19
CA GLU C 253 8.16 24.59 34.62
C GLU C 253 7.24 25.72 34.17
N LEU C 254 7.69 26.96 34.30
CA LEU C 254 6.88 28.10 33.88
C LEU C 254 6.66 28.11 32.36
N ALA C 255 7.72 27.87 31.59
CA ALA C 255 7.59 27.87 30.14
C ALA C 255 6.68 26.73 29.68
N ASP C 256 6.83 25.55 30.28
CA ASP C 256 5.95 24.45 29.97
C ASP C 256 4.51 24.78 30.33
N GLY C 257 4.31 25.47 31.45
CA GLY C 257 2.97 25.85 31.83
C GLY C 257 2.37 26.87 30.88
N PHE C 258 3.16 27.87 30.49
CA PHE C 258 2.66 28.92 29.59
C PHE C 258 2.34 28.38 28.21
N ASP C 259 3.24 27.58 27.64
CA ASP C 259 3.05 27.14 26.26
C ASP C 259 2.09 25.97 26.14
N ASN C 260 2.17 25.02 27.07
CA ASN C 260 1.59 23.70 26.90
C ASN C 260 0.45 23.43 27.87
N ARG C 261 0.71 23.48 29.17
CA ARG C 261 -0.31 23.07 30.14
C ARG C 261 -1.48 24.06 30.20
N TRP C 262 -1.25 25.33 29.84
CA TRP C 262 -2.33 26.31 29.87
C TRP C 262 -3.48 25.89 28.97
N PHE C 263 -3.19 25.20 27.87
CA PHE C 263 -4.22 24.76 26.91
C PHE C 263 -4.55 23.28 27.05
N GLY C 264 -3.56 22.45 27.34
CA GLY C 264 -3.83 21.03 27.52
C GLY C 264 -4.57 20.68 28.80
N ASP C 265 -4.23 21.34 29.91
CA ASP C 265 -4.90 21.01 31.18
C ASP C 265 -6.39 21.33 31.13
N PRO C 266 -6.84 22.46 30.61
CA PRO C 266 -8.31 22.64 30.54
C PRO C 266 -8.99 21.56 29.70
N VAL C 267 -8.41 21.18 28.56
CA VAL C 267 -9.07 20.23 27.67
C VAL C 267 -9.09 18.83 28.28
N PHE C 268 -7.99 18.38 28.87
CA PHE C 268 -7.90 17.00 29.32
C PHE C 268 -8.02 16.81 30.82
N LYS C 269 -7.89 17.88 31.62
CA LYS C 269 -7.99 17.79 33.06
C LYS C 269 -9.05 18.72 33.64
N ALA C 270 -9.71 19.52 32.80
CA ALA C 270 -10.82 20.39 33.22
C ALA C 270 -10.37 21.44 34.24
N LYS C 271 -9.10 21.85 34.19
CA LYS C 271 -8.64 22.92 35.06
C LYS C 271 -7.48 23.65 34.40
N TYR C 272 -7.33 24.94 34.74
CA TYR C 272 -6.15 25.66 34.31
C TYR C 272 -5.00 25.35 35.28
N PRO C 273 -3.75 25.33 34.80
CA PRO C 273 -2.63 24.97 35.69
C PRO C 273 -2.44 26.00 36.79
N GLU C 274 -2.59 25.54 38.04
CA GLU C 274 -2.69 26.45 39.17
C GLU C 274 -1.42 27.28 39.35
N ASP C 275 -0.26 26.70 39.05
CA ASP C 275 0.97 27.46 39.24
C ASP C 275 1.04 28.66 38.29
N ILE C 276 0.51 28.52 37.07
CA ILE C 276 0.52 29.65 36.14
C ILE C 276 -0.57 30.64 36.48
N VAL C 277 -1.77 30.17 36.86
CA VAL C 277 -2.80 31.09 37.34
C VAL C 277 -2.25 31.97 38.45
N LYS C 278 -1.58 31.36 39.44
CA LYS C 278 -1.02 32.14 40.54
C LYS C 278 0.04 33.12 40.05
N ALA C 279 0.93 32.69 39.15
CA ALA C 279 2.01 33.57 38.70
C ALA C 279 1.46 34.76 37.92
N PHE C 280 0.40 34.54 37.12
CA PHE C 280 -0.24 35.65 36.41
C PHE C 280 -0.89 36.63 37.39
N GLY C 281 -1.53 36.11 38.42
CA GLY C 281 -2.23 36.97 39.36
C GLY C 281 -3.51 37.57 38.83
N LYS C 282 -4.09 37.00 37.78
CA LYS C 282 -5.29 37.51 37.16
C LYS C 282 -6.36 36.42 37.19
N GLU C 283 -7.62 36.80 37.05
CA GLU C 283 -8.67 35.79 37.06
C GLU C 283 -9.10 35.41 35.64
N VAL C 284 -9.26 34.12 35.42
CA VAL C 284 -9.82 33.60 34.17
C VAL C 284 -11.34 33.79 34.24
N PRO C 285 -12.01 34.27 33.16
CA PRO C 285 -13.45 34.60 33.23
C PRO C 285 -14.31 33.35 33.07
N ILE C 286 -14.19 32.45 34.04
CA ILE C 286 -14.85 31.15 33.98
C ILE C 286 -16.26 31.33 34.52
N HIS C 287 -17.24 30.98 33.71
CA HIS C 287 -18.61 30.93 34.19
C HIS C 287 -18.91 29.50 34.65
N PRO C 288 -19.84 29.30 35.58
CA PRO C 288 -20.22 27.94 35.96
C PRO C 288 -20.61 27.13 34.73
N GLY C 289 -20.11 25.90 34.68
CA GLY C 289 -20.31 25.02 33.55
C GLY C 289 -19.21 25.06 32.50
N ASP C 290 -18.38 26.10 32.48
CA ASP C 290 -17.43 26.26 31.38
C ASP C 290 -16.42 25.11 31.34
N MET C 291 -15.89 24.70 32.51
CA MET C 291 -14.81 23.72 32.45
C MET C 291 -15.30 22.36 32.01
N GLU C 292 -16.56 22.01 32.31
CA GLU C 292 -17.18 20.79 31.78
C GLU C 292 -17.30 20.85 30.27
N ILE C 293 -17.62 22.02 29.73
CA ILE C 293 -17.72 22.18 28.28
C ILE C 293 -16.35 22.05 27.62
N ILE C 294 -15.35 22.73 28.18
CA ILE C 294 -14.02 22.74 27.58
C ILE C 294 -13.42 21.36 27.56
N SER C 295 -13.71 20.55 28.58
CA SER C 295 -13.12 19.24 28.74
C SER C 295 -14.00 18.12 28.16
N THR C 296 -14.95 18.45 27.29
CA THR C 296 -15.82 17.44 26.73
C THR C 296 -14.97 16.38 26.01
N PRO C 297 -15.32 15.09 26.11
CA PRO C 297 -14.43 14.05 25.58
C PRO C 297 -14.19 14.18 24.08
N LEU C 298 -12.97 13.90 23.67
CA LEU C 298 -12.57 14.02 22.27
C LEU C 298 -12.18 12.66 21.70
N ASP C 299 -12.34 12.54 20.38
CA ASP C 299 -11.94 11.30 19.71
C ASP C 299 -10.44 11.22 19.49
N TYR C 300 -9.76 12.36 19.38
CA TYR C 300 -8.33 12.36 19.18
C TYR C 300 -7.78 13.73 19.53
N LEU C 301 -6.49 13.76 19.76
CA LEU C 301 -5.71 14.99 19.83
C LEU C 301 -4.95 15.17 18.53
N GLY C 302 -5.09 16.33 17.92
CA GLY C 302 -4.19 16.74 16.86
C GLY C 302 -2.98 17.43 17.47
N LEU C 303 -1.81 16.87 17.28
CA LEU C 303 -0.59 17.39 17.89
C LEU C 303 0.28 18.02 16.81
N ASN C 304 0.72 19.24 17.05
CA ASN C 304 1.68 19.95 16.22
C ASN C 304 2.99 20.05 16.97
N TYR C 305 4.09 19.67 16.31
CA TYR C 305 5.41 19.79 16.92
C TYR C 305 6.40 20.24 15.86
N TYR C 306 7.25 21.21 16.23
CA TYR C 306 8.35 21.67 15.39
C TYR C 306 9.68 21.75 16.12
N PHE C 307 9.71 22.20 17.37
CA PHE C 307 10.98 22.44 18.05
C PHE C 307 10.78 22.49 19.56
N ARG C 308 11.89 22.35 20.27
CA ARG C 308 11.95 22.61 21.71
C ARG C 308 12.52 23.99 21.98
N GLN C 309 12.16 24.55 23.13
CA GLN C 309 12.67 25.84 23.58
C GLN C 309 13.64 25.63 24.73
N THR C 310 14.65 26.48 24.76
CA THR C 310 15.63 26.53 25.83
C THR C 310 15.43 27.83 26.58
N VAL C 311 15.33 27.75 27.90
CA VAL C 311 14.96 28.88 28.73
C VAL C 311 15.90 28.98 29.94
N GLU C 312 15.85 30.15 30.57
CA GLU C 312 16.53 30.40 31.82
C GLU C 312 15.72 31.39 32.64
N TYR C 313 15.93 31.37 33.94
CA TYR C 313 15.21 32.27 34.82
C TYR C 313 15.62 33.71 34.56
N ASP C 314 14.65 34.61 34.65
CA ASP C 314 14.90 36.05 34.46
C ASP C 314 13.89 36.82 35.30
N ALA C 315 14.34 37.32 36.45
CA ALA C 315 13.44 38.03 37.34
C ALA C 315 12.80 39.25 36.70
N THR C 316 13.39 39.83 35.65
CA THR C 316 12.85 41.05 35.05
C THR C 316 11.77 40.77 34.00
N ALA C 317 11.64 39.53 33.55
CA ALA C 317 10.79 39.22 32.42
C ALA C 317 9.32 39.17 32.81
N LYS C 318 8.46 39.47 31.83
CA LYS C 318 7.02 39.53 31.98
C LYS C 318 6.37 38.78 30.82
N PRO C 319 5.21 38.15 31.05
CA PRO C 319 4.43 38.09 32.28
C PRO C 319 4.95 37.08 33.32
N LEU C 320 5.87 36.22 32.90
CA LEU C 320 6.47 35.21 33.78
C LEU C 320 7.98 35.36 33.79
N PRO C 321 8.65 35.05 34.92
CA PRO C 321 10.08 35.39 35.08
C PRO C 321 11.01 34.36 34.45
N TYR C 322 10.93 34.23 33.14
CA TYR C 322 11.89 33.44 32.36
C TYR C 322 12.05 34.08 31.00
N LYS C 323 13.18 33.75 30.35
CA LYS C 323 13.48 34.23 29.01
C LYS C 323 13.95 33.07 28.14
N GLN C 324 13.75 33.24 26.83
CA GLN C 324 14.32 32.33 25.85
C GLN C 324 15.83 32.50 25.79
N VAL C 325 16.51 31.39 25.56
CA VAL C 325 17.95 31.32 25.33
C VAL C 325 18.15 30.71 23.95
N THR C 326 19.15 31.20 23.22
CA THR C 326 19.56 30.57 21.96
C THR C 326 20.72 29.64 22.30
N ALA C 327 20.42 28.36 22.48
CA ALA C 327 21.46 27.42 22.91
C ALA C 327 22.59 27.40 21.89
N PRO C 328 23.85 27.30 22.31
CA PRO C 328 24.95 27.31 21.34
C PRO C 328 25.16 25.95 20.69
N ASN C 329 25.69 25.99 19.48
CA ASN C 329 26.21 24.81 18.79
C ASN C 329 25.13 23.73 18.58
N VAL C 330 23.93 24.12 18.17
CA VAL C 330 22.91 23.14 17.78
C VAL C 330 22.47 23.39 16.35
N GLU C 331 22.02 22.31 15.69
CA GLU C 331 21.47 22.39 14.36
C GLU C 331 20.20 23.21 14.37
N ARG C 332 20.06 24.11 13.41
CA ARG C 332 18.90 24.97 13.31
C ARG C 332 18.38 25.06 11.87
N THR C 333 17.08 25.26 11.75
CA THR C 333 16.45 25.43 10.44
C THR C 333 16.64 26.87 9.94
N GLY C 334 16.07 27.14 8.77
CA GLY C 334 16.05 28.52 8.27
C GLY C 334 15.24 29.48 9.13
N MET C 335 14.41 28.96 10.03
CA MET C 335 13.71 29.80 10.99
C MET C 335 14.57 30.11 12.20
N GLY C 336 15.74 29.49 12.33
CA GLY C 336 16.49 29.58 13.56
C GLY C 336 16.03 28.61 14.64
N TRP C 337 15.16 27.68 14.30
CA TRP C 337 14.59 26.76 15.27
C TRP C 337 15.49 25.55 15.41
N GLU C 338 15.72 25.13 16.66
CA GLU C 338 16.56 23.96 16.91
C GLU C 338 15.93 22.73 16.29
N VAL C 339 16.77 21.87 15.71
CA VAL C 339 16.37 20.56 15.20
C VAL C 339 16.74 19.52 16.27
N HIS C 340 15.74 18.86 16.86
CA HIS C 340 16.03 17.86 17.90
C HIS C 340 14.89 16.83 17.90
N ALA C 341 15.02 15.81 17.05
CA ALA C 341 13.91 14.88 16.84
C ALA C 341 13.63 14.03 18.07
N GLN C 342 14.65 13.76 18.90
CA GLN C 342 14.42 12.96 20.09
C GLN C 342 13.37 13.59 20.99
N SER C 343 13.29 14.92 21.01
CA SER C 343 12.27 15.59 21.82
C SER C 343 10.87 15.25 21.36
N PHE C 344 10.69 14.97 20.07
CA PHE C 344 9.38 14.60 19.53
C PHE C 344 8.93 13.26 20.12
N THR C 345 9.83 12.28 20.14
CA THR C 345 9.51 10.99 20.77
C THR C 345 9.10 11.20 22.22
N GLU C 346 9.91 11.94 22.97
CA GLU C 346 9.65 12.12 24.39
C GLU C 346 8.36 12.90 24.63
N LEU C 347 8.08 13.90 23.79
CA LEU C 347 6.83 14.64 23.91
C LEU C 347 5.63 13.73 23.71
N LEU C 348 5.69 12.87 22.70
CA LEU C 348 4.57 11.99 22.41
C LEU C 348 4.31 11.05 23.58
N GLU C 349 5.37 10.49 24.14
CA GLU C 349 5.22 9.64 25.32
C GLU C 349 4.63 10.42 26.48
N ARG C 350 5.11 11.65 26.68
CA ARG C 350 4.63 12.46 27.80
C ARG C 350 3.15 12.80 27.66
N VAL C 351 2.74 13.24 26.47
CA VAL C 351 1.34 13.60 26.24
C VAL C 351 0.44 12.38 26.45
N SER C 352 0.85 11.23 25.94
CA SER C 352 0.03 10.04 26.11
C SER C 352 -0.10 9.67 27.58
N LYS C 353 0.97 9.84 28.36
CA LYS C 353 0.88 9.46 29.76
C LYS C 353 0.05 10.47 30.56
N GLU C 354 0.27 11.76 30.33
CA GLU C 354 -0.35 12.75 31.19
C GLU C 354 -1.77 13.07 30.77
N TYR C 355 -2.07 13.08 29.46
CA TYR C 355 -3.39 13.48 28.99
C TYR C 355 -4.22 12.33 28.45
N LYS C 356 -3.61 11.21 28.12
CA LYS C 356 -4.31 10.00 27.69
C LYS C 356 -5.36 10.23 26.60
N PRO C 357 -5.02 10.95 25.52
CA PRO C 357 -5.95 11.02 24.38
C PRO C 357 -6.15 9.63 23.78
N LYS C 358 -7.36 9.40 23.30
CA LYS C 358 -7.71 8.09 22.75
C LYS C 358 -6.78 7.72 21.61
N GLU C 359 -6.49 8.68 20.73
CA GLU C 359 -5.47 8.52 19.73
C GLU C 359 -4.92 9.90 19.40
N ILE C 360 -3.77 9.91 18.74
CA ILE C 360 -3.06 11.12 18.38
C ILE C 360 -2.85 11.11 16.88
N PHE C 361 -3.15 12.23 16.23
CA PHE C 361 -2.74 12.47 14.86
C PHE C 361 -1.72 13.61 14.88
N ILE C 362 -0.59 13.44 14.19
CA ILE C 362 0.35 14.55 14.03
C ILE C 362 -0.25 15.45 12.97
N THR C 363 -0.91 16.54 13.37
CA THR C 363 -1.56 17.37 12.38
C THR C 363 -0.62 18.37 11.71
N GLU C 364 0.56 18.64 12.31
CA GLU C 364 1.62 19.43 11.69
C GLU C 364 2.98 19.02 12.22
N ASN C 365 3.93 18.90 11.28
CA ASN C 365 5.36 18.81 11.55
C ASN C 365 6.04 19.10 10.21
N GLY C 366 7.19 19.77 10.25
CA GLY C 366 7.86 20.14 9.02
C GLY C 366 8.94 21.16 9.32
N SER C 367 9.55 21.69 8.26
CA SER C 367 10.69 22.57 8.44
C SER C 367 10.87 23.48 7.22
N ALA C 368 11.48 24.64 7.47
CA ALA C 368 11.73 25.66 6.47
C ALA C 368 13.22 25.90 6.30
N TRP C 369 13.65 25.97 5.05
CA TRP C 369 15.04 26.16 4.64
C TRP C 369 15.04 27.05 3.42
N ASP C 370 16.18 27.66 3.15
CA ASP C 370 16.29 28.45 1.93
C ASP C 370 16.39 27.49 0.74
N ASP C 371 15.40 27.56 -0.13
CA ASP C 371 15.34 26.73 -1.32
C ASP C 371 15.84 27.52 -2.52
N GLU C 372 16.46 26.80 -3.46
CA GLU C 372 16.89 27.39 -4.72
C GLU C 372 16.36 26.55 -5.87
N VAL C 373 15.82 27.22 -6.89
CA VAL C 373 15.42 26.55 -8.12
C VAL C 373 16.63 26.49 -9.04
N VAL C 374 17.04 25.29 -9.42
CA VAL C 374 18.16 25.09 -10.33
C VAL C 374 17.66 24.15 -11.42
N ASP C 375 17.75 24.60 -12.67
CA ASP C 375 17.28 23.80 -13.81
C ASP C 375 15.82 23.35 -13.62
N GLY C 376 15.01 24.24 -13.08
CA GLY C 376 13.59 23.95 -12.91
C GLY C 376 13.26 22.96 -11.82
N LYS C 377 14.19 22.68 -10.92
CA LYS C 377 14.03 21.66 -9.88
C LYS C 377 14.46 22.26 -8.55
N VAL C 378 14.03 21.64 -7.46
CA VAL C 378 14.40 22.10 -6.12
C VAL C 378 14.89 20.90 -5.33
N ASP C 379 16.19 20.90 -5.02
CA ASP C 379 16.83 19.84 -4.24
C ASP C 379 17.02 20.38 -2.82
N ASP C 380 16.31 19.79 -1.86
CA ASP C 380 16.23 20.32 -0.49
C ASP C 380 16.63 19.27 0.53
N PRO C 381 17.89 18.84 0.51
CA PRO C 381 18.30 17.75 1.42
C PRO C 381 18.11 18.04 2.89
N ASN C 382 18.21 19.32 3.33
CA ASN C 382 18.02 19.58 4.75
C ASN C 382 16.57 19.35 5.19
N ARG C 383 15.60 19.64 4.31
CA ARG C 383 14.20 19.35 4.61
C ARG C 383 13.95 17.84 4.60
N VAL C 384 14.55 17.13 3.64
CA VAL C 384 14.47 15.67 3.64
C VAL C 384 14.98 15.10 4.95
N SER C 385 16.15 15.57 5.40
CA SER C 385 16.76 15.05 6.62
C SER C 385 15.89 15.29 7.85
N TYR C 386 15.35 16.51 7.98
CA TYR C 386 14.45 16.79 9.09
C TYR C 386 13.24 15.86 9.05
N LEU C 387 12.67 15.66 7.88
CA LEU C 387 11.48 14.83 7.74
C LEU C 387 11.79 13.38 8.12
N GLU C 388 12.88 12.82 7.59
CA GLU C 388 13.26 11.45 7.89
C GLU C 388 13.42 11.25 9.40
N ARG C 389 14.14 12.17 10.05
CA ARG C 389 14.44 11.99 11.46
C ARG C 389 13.20 12.15 12.33
N HIS C 390 12.27 13.03 11.94
CA HIS C 390 11.07 13.21 12.75
C HIS C 390 10.08 12.10 12.53
N LEU C 391 10.00 11.52 11.32
CA LEU C 391 9.19 10.32 11.15
C LEU C 391 9.77 9.16 11.96
N ASP C 392 11.10 8.97 11.93
CA ASP C 392 11.71 7.94 12.76
C ASP C 392 11.35 8.16 14.23
N ALA C 393 11.41 9.40 14.71
CA ALA C 393 11.13 9.67 16.11
C ALA C 393 9.67 9.42 16.45
N MET C 394 8.76 9.76 15.54
CA MET C 394 7.34 9.47 15.74
CA MET C 394 7.34 9.45 15.74
C MET C 394 7.12 7.96 15.83
N PHE C 395 7.71 7.20 14.92
CA PHE C 395 7.50 5.76 14.98
C PHE C 395 8.15 5.13 16.19
N ALA C 396 9.25 5.69 16.70
CA ALA C 396 9.81 5.18 17.94
C ALA C 396 8.79 5.26 19.07
N ALA C 397 8.02 6.35 19.13
CA ALA C 397 6.98 6.49 20.15
C ALA C 397 5.85 5.48 19.89
N LYS C 398 5.46 5.31 18.62
CA LYS C 398 4.41 4.35 18.31
C LYS C 398 4.81 2.94 18.71
N ASN C 399 6.08 2.58 18.51
CA ASN C 399 6.56 1.26 18.88
C ASN C 399 6.68 1.07 20.37
N LYS C 400 6.62 2.15 21.15
CA LYS C 400 6.52 2.09 22.60
C LYS C 400 5.08 2.07 23.08
N GLY C 401 4.11 2.10 22.16
CA GLY C 401 2.72 2.00 22.52
C GLY C 401 1.92 3.29 22.44
N VAL C 402 2.52 4.40 22.02
CA VAL C 402 1.73 5.64 21.90
C VAL C 402 0.78 5.49 20.72
N PRO C 403 -0.52 5.77 20.89
CA PRO C 403 -1.48 5.54 19.78
C PRO C 403 -1.48 6.64 18.73
N ILE C 404 -0.38 6.74 17.98
CA ILE C 404 -0.29 7.68 16.88
C ILE C 404 -0.89 7.04 15.64
N SER C 405 -1.98 7.61 15.15
CA SER C 405 -2.75 7.05 14.06
C SER C 405 -2.50 7.70 12.70
N GLY C 406 -1.75 8.78 12.64
CA GLY C 406 -1.41 9.34 11.33
C GLY C 406 -0.49 10.52 11.49
N TYR C 407 0.03 10.95 10.35
CA TYR C 407 1.00 12.04 10.24
C TYR C 407 0.66 12.89 9.03
N PHE C 408 0.55 14.21 9.25
CA PHE C 408 0.26 15.19 8.22
C PHE C 408 1.45 16.15 8.11
N ALA C 409 2.09 16.17 6.95
CA ALA C 409 3.22 17.05 6.74
C ALA C 409 2.75 18.50 6.57
N TRP C 410 3.36 19.41 7.32
CA TRP C 410 3.23 20.85 7.06
C TRP C 410 4.43 21.23 6.20
N SER C 411 4.24 21.60 4.92
CA SER C 411 2.98 21.77 4.22
C SER C 411 3.07 21.16 2.81
N LEU C 412 1.90 20.93 2.20
CA LEU C 412 1.88 20.51 0.81
C LEU C 412 2.69 21.46 -0.05
N ILE C 413 2.43 22.77 0.08
CA ILE C 413 3.02 23.80 -0.76
C ILE C 413 3.56 24.91 0.12
N ASP C 414 4.62 25.56 -0.36
CA ASP C 414 5.05 26.82 0.22
C ASP C 414 3.88 27.77 0.30
N ASN C 415 3.87 28.63 1.33
CA ASN C 415 2.69 29.48 1.52
C ASN C 415 3.04 30.68 2.40
N PHE C 416 2.01 31.47 2.76
CA PHE C 416 2.18 32.67 3.58
C PHE C 416 2.46 32.28 5.03
N GLU C 417 3.71 32.40 5.47
CA GLU C 417 4.08 32.00 6.84
C GLU C 417 3.92 33.17 7.81
N TRP C 418 2.65 33.61 7.90
CA TRP C 418 2.20 34.58 8.89
C TRP C 418 3.13 35.78 8.92
N ALA C 419 3.67 36.19 10.08
CA ALA C 419 4.44 37.41 10.14
C ALA C 419 5.77 37.30 9.40
N TYR C 420 6.20 36.09 9.04
CA TYR C 420 7.39 35.93 8.20
C TYR C 420 7.10 36.12 6.73
N GLY C 421 5.84 36.13 6.33
CA GLY C 421 5.50 36.28 4.91
C GLY C 421 5.94 35.06 4.11
N TYR C 422 6.14 35.30 2.81
CA TYR C 422 6.44 34.22 1.87
C TYR C 422 7.91 33.80 1.89
N ALA C 423 8.77 34.54 2.58
CA ALA C 423 10.20 34.20 2.57
C ALA C 423 10.52 32.86 3.23
N LYS C 424 9.65 32.37 4.12
CA LYS C 424 9.86 31.11 4.82
C LYS C 424 9.00 30.04 4.18
N ARG C 425 9.66 29.07 3.56
CA ARG C 425 9.04 28.04 2.73
C ARG C 425 9.01 26.71 3.48
N PHE C 426 7.80 26.22 3.79
CA PHE C 426 7.62 24.93 4.46
C PHE C 426 7.17 23.83 3.52
N GLY C 427 6.96 24.13 2.23
CA GLY C 427 6.39 23.14 1.34
C GLY C 427 7.32 21.98 1.06
N ILE C 428 6.71 20.82 0.80
CA ILE C 428 7.41 19.77 0.06
C ILE C 428 7.27 20.01 -1.44
N ILE C 429 6.43 20.96 -1.84
CA ILE C 429 6.26 21.40 -3.22
C ILE C 429 6.51 22.91 -3.22
N TYR C 430 7.43 23.34 -4.09
CA TYR C 430 7.81 24.74 -4.20
C TYR C 430 6.76 25.51 -4.98
N VAL C 431 6.51 26.76 -4.57
CA VAL C 431 5.64 27.64 -5.35
C VAL C 431 6.44 28.83 -5.83
N ASP C 432 6.51 29.01 -7.14
CA ASP C 432 7.05 30.22 -7.73
C ASP C 432 5.92 31.25 -7.75
N TYR C 433 5.99 32.26 -6.87
CA TYR C 433 4.86 33.19 -6.74
C TYR C 433 4.71 34.12 -7.95
N GLN C 434 5.73 34.28 -8.78
CA GLN C 434 5.57 35.11 -9.98
C GLN C 434 4.63 34.45 -10.99
N THR C 435 4.68 33.12 -11.09
CA THR C 435 3.94 32.36 -12.10
C THR C 435 2.90 31.42 -11.51
N GLN C 436 2.92 31.24 -10.20
CA GLN C 436 2.16 30.23 -9.45
C GLN C 436 2.52 28.79 -9.83
N LYS C 437 3.65 28.58 -10.51
CA LYS C 437 4.08 27.22 -10.84
C LYS C 437 4.39 26.44 -9.55
N ARG C 438 3.95 25.17 -9.52
CA ARG C 438 4.29 24.20 -8.48
C ARG C 438 5.43 23.31 -8.97
N ILE C 439 6.46 23.16 -8.15
CA ILE C 439 7.60 22.31 -8.46
C ILE C 439 7.85 21.35 -7.30
N PRO C 440 7.58 20.05 -7.42
CA PRO C 440 7.89 19.17 -6.29
C PRO C 440 9.38 19.18 -5.96
N LYS C 441 9.68 19.27 -4.66
CA LYS C 441 11.03 19.25 -4.17
C LYS C 441 11.48 17.80 -3.93
N SER C 442 12.77 17.63 -3.68
CA SER C 442 13.28 16.32 -3.27
C SER C 442 12.47 15.75 -2.12
N SER C 443 12.06 16.61 -1.17
CA SER C 443 11.29 16.12 -0.03
C SER C 443 9.93 15.54 -0.44
N ALA C 444 9.34 16.03 -1.55
CA ALA C 444 8.09 15.45 -2.05
C ALA C 444 8.31 14.01 -2.51
N TYR C 445 9.41 13.77 -3.24
CA TYR C 445 9.69 12.42 -3.70
C TYR C 445 10.01 11.52 -2.54
N TYR C 446 10.71 12.03 -1.53
CA TYR C 446 10.97 11.22 -0.34
C TYR C 446 9.67 10.88 0.37
N TYR C 447 8.80 11.87 0.56
CA TYR C 447 7.55 11.60 1.29
C TYR C 447 6.67 10.61 0.52
N GLN C 448 6.59 10.78 -0.80
CA GLN C 448 5.88 9.83 -1.68
C GLN C 448 6.40 8.42 -1.44
N LYS C 449 7.71 8.25 -1.38
CA LYS C 449 8.27 6.92 -1.13
C LYS C 449 7.88 6.39 0.25
N ARG C 450 7.97 7.23 1.28
CA ARG C 450 7.65 6.80 2.62
C ARG C 450 6.19 6.35 2.74
N ILE C 451 5.29 7.07 2.06
CA ILE C 451 3.87 6.72 2.12
C ILE C 451 3.64 5.34 1.52
N LYS C 452 4.33 5.05 0.43
CA LYS C 452 4.13 3.79 -0.26
C LYS C 452 4.80 2.62 0.46
N GLU C 453 6.01 2.84 0.97
CA GLU C 453 6.86 1.72 1.32
C GLU C 453 6.86 1.42 2.82
N SER C 454 6.09 2.14 3.61
CA SER C 454 5.99 1.86 5.03
C SER C 454 4.89 0.84 5.31
S SO4 D . -24.77 -11.73 23.70
O1 SO4 D . -23.92 -10.58 23.40
O2 SO4 D . -24.78 -11.94 25.15
O3 SO4 D . -26.13 -11.47 23.26
O4 SO4 D . -24.25 -12.93 23.05
S SO4 E . -15.16 8.03 -9.31
O1 SO4 E . -13.96 8.84 -9.52
O2 SO4 E . -15.93 8.56 -8.19
O3 SO4 E . -15.97 8.03 -10.52
O4 SO4 E . -14.77 6.66 -9.01
C1 GOL F . -15.46 -44.00 -0.07
O1 GOL F . -16.08 -42.94 -0.83
C2 GOL F . -14.96 -45.15 -1.05
O2 GOL F . -16.00 -45.66 -1.83
C3 GOL F . -14.33 -46.24 -0.10
O3 GOL F . -13.85 -47.27 -0.90
H11 GOL F . -14.71 -43.69 0.45
H12 GOL F . -16.08 -44.38 0.57
H2 GOL F . -14.31 -44.80 -1.68
HO2 GOL F . -15.68 -46.25 -2.36
H31 GOL F . -13.64 -45.82 0.45
H32 GOL F . -14.99 -46.56 0.52
C1 GOL G . -25.25 -14.92 -1.16
O1 GOL G . -24.28 -15.71 -1.79
C2 GOL G . -25.48 -13.63 -2.03
O2 GOL G . -25.96 -13.94 -3.28
C3 GOL G . -26.46 -12.76 -1.18
O3 GOL G . -27.05 -11.83 -2.01
H11 GOL G . -26.09 -15.38 -1.04
H12 GOL G . -24.96 -14.66 -0.26
HO1 GOL G . -23.77 -15.17 -2.20
H2 GOL G . -24.64 -13.16 -2.18
HO2 GOL G . -25.77 -13.30 -3.80
H31 GOL G . -27.10 -13.35 -0.74
H32 GOL G . -25.98 -12.33 -0.46
C1 GOL H . -37.53 -26.23 11.60
O1 GOL H . -37.01 -27.42 11.06
C2 GOL H . -37.66 -25.19 10.43
O2 GOL H . -38.49 -25.63 9.40
C3 GOL H . -38.21 -23.89 11.08
O3 GOL H . -37.33 -23.56 12.11
H11 GOL H . -38.39 -26.33 12.03
H12 GOL H . -36.94 -25.87 12.29
H2 GOL H . -36.80 -25.02 10.02
HO2 GOL H . -38.66 -26.46 9.55
H31 GOL H . -38.29 -23.20 10.40
H32 GOL H . -39.11 -24.04 11.41
C1 GOL I . -18.09 3.98 11.97
O1 GOL I . -19.24 4.18 12.73
C2 GOL I . -17.31 5.32 11.93
O2 GOL I . -17.17 5.87 13.19
C3 GOL I . -15.94 4.96 11.28
O3 GOL I . -15.00 4.91 12.31
H11 GOL I . -17.52 3.28 12.33
H12 GOL I . -18.30 3.69 11.07
H2 GOL I . -17.78 5.97 11.40
HO2 GOL I . -17.23 6.72 13.11
H31 GOL I . -16.02 4.14 10.78
H32 GOL I . -15.71 5.64 10.62
C1 GOL J . -9.04 -29.25 3.58
O1 GOL J . -9.77 -29.17 2.43
C2 GOL J . -7.67 -28.63 3.24
O2 GOL J . -7.73 -27.22 3.38
C3 GOL J . -6.62 -29.35 4.16
O3 GOL J . -6.27 -28.47 5.17
H11 GOL J . -9.44 -28.77 4.32
H12 GOL J . -8.92 -30.17 3.88
H2 GOL J . -7.47 -28.78 2.30
HO2 GOL J . -7.23 -26.88 2.79
H31 GOL J . -7.00 -30.18 4.48
H32 GOL J . -5.85 -29.61 3.63
HO3 GOL J . -6.42 -27.68 4.86
S SO4 K . 28.52 -33.55 -14.67
O1 SO4 K . 28.28 -32.18 -15.15
O2 SO4 K . 28.22 -33.76 -13.27
O3 SO4 K . 29.92 -33.89 -14.85
O4 SO4 K . 27.60 -34.41 -15.41
S SO4 L . -0.73 -2.52 -19.64
O1 SO4 L . 0.38 -1.63 -19.28
O2 SO4 L . -1.78 -2.42 -18.64
O3 SO4 L . -0.26 -3.91 -19.71
O4 SO4 L . -1.26 -2.11 -20.93
S SO4 M . 19.67 -30.30 0.02
O1 SO4 M . 18.30 -29.83 -0.06
O2 SO4 M . 20.54 -29.29 0.60
O3 SO4 M . 20.14 -30.61 -1.34
O4 SO4 M . 19.69 -31.51 0.83
C1 GOL N . 23.61 -10.05 -14.31
O1 GOL N . 24.05 -8.83 -13.66
C2 GOL N . 22.53 -9.67 -15.44
O2 GOL N . 23.12 -8.84 -16.42
C3 GOL N . 22.04 -11.07 -15.99
O3 GOL N . 21.45 -10.89 -17.24
H11 GOL N . 24.34 -10.53 -14.74
H12 GOL N . 23.22 -10.67 -13.69
HO1 GOL N . 23.39 -8.29 -13.70
H2 GOL N . 21.80 -9.16 -15.06
HO2 GOL N . 22.50 -8.44 -16.83
H31 GOL N . 22.80 -11.68 -16.01
H32 GOL N . 21.43 -11.47 -15.36
C1 GOL O . 15.60 -2.70 7.27
O1 GOL O . 16.12 -3.69 6.34
C2 GOL O . 14.26 -1.99 6.72
O2 GOL O . 13.13 -2.84 6.62
C3 GOL O . 13.97 -0.84 7.76
O3 GOL O . 13.24 0.18 7.09
H11 GOL O . 15.40 -3.10 8.13
H12 GOL O . 16.26 -2.02 7.46
HO1 GOL O . 16.26 -3.28 5.61
H2 GOL O . 14.41 -1.62 5.83
HO2 GOL O . 12.60 -2.50 6.04
H31 GOL O . 13.51 -1.21 8.52
H32 GOL O . 14.81 -0.51 8.11
HO3 GOL O . 13.05 0.77 7.68
C1 GOL P . 38.77 -24.56 -11.68
O1 GOL P . 39.50 -23.46 -11.33
C2 GOL P . 37.61 -24.05 -12.60
O2 GOL P . 38.06 -23.75 -13.88
C3 GOL P . 36.51 -25.18 -12.56
O3 GOL P . 37.08 -26.36 -13.00
H11 GOL P . 39.29 -25.22 -12.16
H12 GOL P . 38.40 -25.00 -10.91
HO1 GOL P . 39.17 -23.16 -10.61
H2 GOL P . 37.25 -23.22 -12.25
HO2 GOL P . 38.90 -23.64 -13.85
H31 GOL P . 36.14 -25.24 -11.66
H32 GOL P . 35.76 -24.92 -13.12
HO3 GOL P . 37.47 -26.72 -12.32
C1 GOL Q . 2.98 -20.59 -7.53
O1 GOL Q . 3.19 -21.83 -8.09
C2 GOL Q . 1.46 -20.30 -7.65
O2 GOL Q . 0.69 -21.21 -6.94
C3 GOL Q . 1.28 -18.85 -7.14
O3 GOL Q . 0.80 -18.93 -5.83
H11 GOL Q . 3.24 -20.56 -6.59
H12 GOL Q . 3.49 -19.90 -7.98
HO1 GOL Q . 2.45 -22.24 -8.05
H2 GOL Q . 1.17 -20.38 -8.58
HO2 GOL Q . 0.52 -20.86 -6.18
H31 GOL Q . 2.12 -18.37 -7.22
H32 GOL Q . 0.65 -18.37 -7.72
C1 GOL R . 30.42 -2.22 5.05
O1 GOL R . 30.61 -1.33 4.04
C2 GOL R . 29.10 -1.92 5.82
O2 GOL R . 28.07 -1.46 4.99
C3 GOL R . 29.51 -0.92 6.94
O3 GOL R . 28.76 -1.28 8.05
H11 GOL R . 31.16 -2.24 5.67
H12 GOL R . 30.38 -3.13 4.70
H2 GOL R . 28.76 -2.74 6.21
HO2 GOL R . 27.62 -0.91 5.43
H31 GOL R . 29.36 -0.02 6.63
H32 GOL R . 30.46 -0.99 7.11
C1 GOL S . 25.01 -15.50 -10.46
O1 GOL S . 26.13 -15.28 -11.27
C2 GOL S . 25.47 -16.51 -9.39
O2 GOL S . 26.09 -15.86 -8.32
C3 GOL S . 24.21 -17.37 -8.95
O3 GOL S . 23.73 -16.97 -7.67
H11 GOL S . 24.68 -14.70 -10.04
H12 GOL S . 24.27 -15.87 -10.96
HO1 GOL S . 25.84 -14.92 -11.98
H2 GOL S . 26.15 -17.09 -9.75
HO2 GOL S . 26.45 -16.45 -7.84
H31 GOL S . 24.45 -18.31 -8.98
H32 GOL S . 23.52 -17.28 -9.63
HO3 GOL S . 24.36 -17.11 -7.12
C1 GOL T . 12.70 -24.84 -19.88
O1 GOL T . 11.63 -23.94 -19.77
C2 GOL T . 12.15 -26.14 -20.59
O2 GOL T . 11.82 -25.87 -21.91
C3 GOL T . 13.27 -27.21 -20.46
O3 GOL T . 12.80 -28.42 -21.04
H11 GOL T . 13.45 -24.48 -20.39
H12 GOL T . 13.07 -25.07 -19.00
HO1 GOL T . 11.03 -24.33 -19.30
H2 GOL T . 11.32 -26.43 -20.16
HO2 GOL T . 12.54 -25.69 -22.32
H31 GOL T . 14.08 -26.88 -20.87
H32 GOL T . 13.49 -27.34 -19.52
HO3 GOL T . 12.69 -28.27 -21.87
S SO4 U . 20.61 17.16 24.42
O1 SO4 U . 19.26 17.13 24.98
O2 SO4 U . 21.57 16.91 25.48
O3 SO4 U . 20.86 18.47 23.83
O4 SO4 U . 20.73 16.13 23.39
S SO4 V . 4.11 16.23 -11.00
O1 SO4 V . 4.68 17.58 -11.00
O2 SO4 V . 3.61 15.92 -9.68
O3 SO4 V . 3.00 16.15 -11.95
O4 SO4 V . 5.16 15.28 -11.37
S SO4 W . 20.56 34.48 23.72
O1 SO4 W . 20.25 35.44 24.75
O2 SO4 W . 20.74 33.17 24.32
O3 SO4 W . 19.43 34.46 22.78
O4 SO4 W . 21.73 34.85 22.95
C1 GOL X . 2.27 27.15 10.45
O1 GOL X . 2.42 27.99 9.36
C2 GOL X . 0.92 27.54 11.15
O2 GOL X . -0.16 27.59 10.27
C3 GOL X . 0.77 26.55 12.39
O3 GOL X . -0.52 26.06 12.51
H11 GOL X . 2.24 26.22 10.22
H12 GOL X . 3.00 27.26 11.08
H2 GOL X . 0.99 28.45 11.49
H31 GOL X . 1.44 25.84 12.29
H32 GOL X . 1.05 27.02 13.19
HO3 GOL X . -0.73 25.75 11.75
C1 GOL Y . 9.67 35.59 27.79
O1 GOL Y . 10.44 36.33 28.67
C2 GOL Y . 8.18 35.74 28.21
O2 GOL Y . 7.66 36.98 27.87
C3 GOL Y . 8.16 35.48 29.75
O3 GOL Y . 6.83 35.42 30.15
H11 GOL Y . 9.91 34.64 27.77
H12 GOL Y . 9.78 35.89 26.88
H2 GOL Y . 7.64 35.09 27.76
HO2 GOL Y . 7.72 37.48 28.55
H31 GOL Y . 8.66 34.67 29.94
H32 GOL Y . 8.65 36.19 30.20
C1 GOL Z . -17.26 25.21 36.18
O1 GOL Z . -16.55 25.93 35.21
C2 GOL Z . -16.90 23.81 35.94
O2 GOL Z . -16.15 23.30 36.98
C3 GOL Z . -18.14 23.03 35.66
O3 GOL Z . -18.23 23.02 34.31
H11 GOL Z . -18.22 25.32 36.11
H12 GOL Z . -17.02 25.49 37.08
H2 GOL Z . -16.30 23.76 35.17
HO2 GOL Z . -15.70 22.63 36.69
H31 GOL Z . -18.08 22.15 36.07
H32 GOL Z . -18.90 23.46 36.08
HO3 GOL Z . -17.87 23.73 34.02
C1 GOL AA . 3.95 29.12 14.37
O1 GOL AA . 3.20 29.77 13.38
C2 GOL AA . 3.62 27.62 14.24
O2 GOL AA . 4.52 26.93 13.43
C3 GOL AA . 3.58 27.08 15.70
O3 GOL AA . 3.53 25.69 15.62
H11 GOL AA . 3.74 29.43 15.26
H12 GOL AA . 4.90 29.26 14.26
HO1 GOL AA . 3.36 29.36 12.65
H2 GOL AA . 2.75 27.50 13.83
HO2 GOL AA . 4.07 26.39 12.94
H31 GOL AA . 4.35 27.42 16.19
H32 GOL AA . 2.81 27.45 16.15
HO3 GOL AA . 3.47 25.50 14.80
C1 GOL BA . -9.39 11.64 25.48
O1 GOL BA . -9.52 11.47 24.04
C2 GOL BA . -10.65 12.39 26.04
O2 GOL BA . -10.71 13.70 25.60
C3 GOL BA . -10.58 12.26 27.61
O3 GOL BA . -10.21 13.52 28.11
H11 GOL BA . -9.29 10.80 25.95
H12 GOL BA . -8.60 12.16 25.70
H2 GOL BA . -11.46 11.96 25.71
HO2 GOL BA . -10.77 14.20 26.28
H31 GOL BA . -11.43 11.95 27.94
H32 GOL BA . -9.94 11.58 27.85
#